data_4ZMD
# 
_entry.id   4ZMD 
# 
_audit_conform.dict_name       mmcif_pdbx.dic 
_audit_conform.dict_version    5.379 
_audit_conform.dict_location   http://mmcif.pdb.org/dictionaries/ascii/mmcif_pdbx.dic 
# 
loop_
_database_2.database_id 
_database_2.database_code 
_database_2.pdbx_database_accession 
_database_2.pdbx_DOI 
PDB   4ZMD         pdb_00004zmd 10.2210/pdb4zmd/pdb 
WWPDB D_1000209532 ?            ?                   
# 
_pdbx_database_related.db_name        PDB 
_pdbx_database_related.details        '4WWI contains the wild-type complex with Fc of this protein.' 
_pdbx_database_related.db_id          4WWI 
_pdbx_database_related.content_type   unspecified 
# 
_pdbx_database_status.status_code                     REL 
_pdbx_database_status.status_code_sf                  REL 
_pdbx_database_status.status_code_mr                  ? 
_pdbx_database_status.entry_id                        4ZMD 
_pdbx_database_status.recvd_initial_deposition_date   2015-05-03 
_pdbx_database_status.SG_entry                        N 
_pdbx_database_status.deposit_site                    RCSB 
_pdbx_database_status.process_site                    RCSB 
_pdbx_database_status.status_code_cs                  ? 
_pdbx_database_status.methods_development_category    ? 
_pdbx_database_status.pdb_format_compatible           Y 
_pdbx_database_status.status_code_nmr_data            ? 
# 
loop_
_audit_author.name 
_audit_author.pdbx_ordinal 
'Deis, L.N.' 1 
'Oas, T.G.'  2 
# 
_citation.abstract                  ? 
_citation.abstract_id_CAS           ? 
_citation.book_id_ISBN              ? 
_citation.book_publisher            ? 
_citation.book_publisher_city       ? 
_citation.book_title                ? 
_citation.coordinate_linkage        ? 
_citation.country                   US 
_citation.database_id_Medline       ? 
_citation.details                   ? 
_citation.id                        primary 
_citation.journal_abbrev            Proc.Natl.Acad.Sci.USA 
_citation.journal_id_ASTM           PNASA6 
_citation.journal_id_CSD            0040 
_citation.journal_id_ISSN           1091-6490 
_citation.journal_full              ? 
_citation.journal_issue             ? 
_citation.journal_volume            112 
_citation.language                  ? 
_citation.page_first                9028 
_citation.page_last                 9033 
_citation.title                     'Suppression of conformational heterogeneity at a protein-protein interface.' 
_citation.year                      2015 
_citation.database_id_CSD           ? 
_citation.pdbx_database_id_DOI      10.1073/pnas.1424724112 
_citation.pdbx_database_id_PubMed   26157136 
_citation.unpublished_flag          ? 
# 
loop_
_citation_author.citation_id 
_citation_author.name 
_citation_author.ordinal 
_citation_author.identifier_ORCID 
primary 'Deis, L.N.'    1 ? 
primary 'Wu, Q.'        2 ? 
primary 'Wang, Y.'      3 ? 
primary 'Qi, Y.'        4 ? 
primary 'Daniels, K.G.' 5 ? 
primary 'Zhou, P.'      6 ? 
primary 'Oas, T.G.'     7 ? 
# 
_cell.angle_alpha                  90.00 
_cell.angle_alpha_esd              ? 
_cell.angle_beta                   90.00 
_cell.angle_beta_esd               ? 
_cell.angle_gamma                  120.00 
_cell.angle_gamma_esd              ? 
_cell.entry_id                     4ZMD 
_cell.details                      ? 
_cell.formula_units_Z              ? 
_cell.length_a                     44.492 
_cell.length_a_esd                 ? 
_cell.length_b                     44.492 
_cell.length_b_esd                 ? 
_cell.length_c                     116.165 
_cell.length_c_esd                 ? 
_cell.volume                       ? 
_cell.volume_esd                   ? 
_cell.Z_PDB                        12 
_cell.reciprocal_angle_alpha       ? 
_cell.reciprocal_angle_beta        ? 
_cell.reciprocal_angle_gamma       ? 
_cell.reciprocal_angle_alpha_esd   ? 
_cell.reciprocal_angle_beta_esd    ? 
_cell.reciprocal_angle_gamma_esd   ? 
_cell.reciprocal_length_a          ? 
_cell.reciprocal_length_b          ? 
_cell.reciprocal_length_c          ? 
_cell.reciprocal_length_a_esd      ? 
_cell.reciprocal_length_b_esd      ? 
_cell.reciprocal_length_c_esd      ? 
_cell.pdbx_unique_axis             ? 
# 
_symmetry.entry_id                         4ZMD 
_symmetry.cell_setting                     ? 
_symmetry.Int_Tables_number                170 
_symmetry.space_group_name_Hall            ? 
_symmetry.space_group_name_H-M             'P 65' 
_symmetry.pdbx_full_space_group_name_H-M   ? 
# 
loop_
_entity.id 
_entity.type 
_entity.src_method 
_entity.pdbx_description 
_entity.formula_weight 
_entity.pdbx_number_of_molecules 
_entity.pdbx_ec 
_entity.pdbx_mutation 
_entity.pdbx_fragment 
_entity.details 
1 polymer man 'Immunoglobulin G-binding protein A' 6695.434 2  ? Q9W 'UNP residues 270-327' ? 
2 water   nat water                                18.015   22 ? ?   ?                      ? 
# 
_entity_name_com.entity_id   1 
_entity_name_com.name        'IgG-binding protein A,Staphylococcal protein A' 
# 
_entity_poly.entity_id                      1 
_entity_poly.type                           'polypeptide(L)' 
_entity_poly.nstd_linkage                   no 
_entity_poly.nstd_monomer                   no 
_entity_poly.pdbx_seq_one_letter_code       ADNKFNKEWQNAFYEILHLPNLTEEQRNGFIQSLKDDPSVSKEILAEAKKLNDAQAPK 
_entity_poly.pdbx_seq_one_letter_code_can   ADNKFNKEWQNAFYEILHLPNLTEEQRNGFIQSLKDDPSVSKEILAEAKKLNDAQAPK 
_entity_poly.pdbx_strand_id                 A,B 
_entity_poly.pdbx_target_identifier         ? 
# 
loop_
_entity_poly_seq.entity_id 
_entity_poly_seq.num 
_entity_poly_seq.mon_id 
_entity_poly_seq.hetero 
1 1  ALA n 
1 2  ASP n 
1 3  ASN n 
1 4  LYS n 
1 5  PHE n 
1 6  ASN n 
1 7  LYS n 
1 8  GLU n 
1 9  TRP n 
1 10 GLN n 
1 11 ASN n 
1 12 ALA n 
1 13 PHE n 
1 14 TYR n 
1 15 GLU n 
1 16 ILE n 
1 17 LEU n 
1 18 HIS n 
1 19 LEU n 
1 20 PRO n 
1 21 ASN n 
1 22 LEU n 
1 23 THR n 
1 24 GLU n 
1 25 GLU n 
1 26 GLN n 
1 27 ARG n 
1 28 ASN n 
1 29 GLY n 
1 30 PHE n 
1 31 ILE n 
1 32 GLN n 
1 33 SER n 
1 34 LEU n 
1 35 LYS n 
1 36 ASP n 
1 37 ASP n 
1 38 PRO n 
1 39 SER n 
1 40 VAL n 
1 41 SER n 
1 42 LYS n 
1 43 GLU n 
1 44 ILE n 
1 45 LEU n 
1 46 ALA n 
1 47 GLU n 
1 48 ALA n 
1 49 LYS n 
1 50 LYS n 
1 51 LEU n 
1 52 ASN n 
1 53 ASP n 
1 54 ALA n 
1 55 GLN n 
1 56 ALA n 
1 57 PRO n 
1 58 LYS n 
# 
_entity_src_gen.entity_id                          1 
_entity_src_gen.pdbx_src_id                        1 
_entity_src_gen.pdbx_alt_source_flag               sample 
_entity_src_gen.pdbx_seq_type                      'Biological sequence' 
_entity_src_gen.pdbx_beg_seq_num                   1 
_entity_src_gen.pdbx_end_seq_num                   58 
_entity_src_gen.gene_src_common_name               ? 
_entity_src_gen.gene_src_genus                     ? 
_entity_src_gen.pdbx_gene_src_gene                 spa 
_entity_src_gen.gene_src_species                   ? 
_entity_src_gen.gene_src_strain                    ? 
_entity_src_gen.gene_src_tissue                    ? 
_entity_src_gen.gene_src_tissue_fraction           ? 
_entity_src_gen.gene_src_details                   ? 
_entity_src_gen.pdbx_gene_src_fragment             ? 
_entity_src_gen.pdbx_gene_src_scientific_name      'Staphylococcus aureus' 
_entity_src_gen.pdbx_gene_src_ncbi_taxonomy_id     1280 
_entity_src_gen.pdbx_gene_src_variant              ? 
_entity_src_gen.pdbx_gene_src_cell_line            ? 
_entity_src_gen.pdbx_gene_src_atcc                 ? 
_entity_src_gen.pdbx_gene_src_organ                ? 
_entity_src_gen.pdbx_gene_src_organelle            ? 
_entity_src_gen.pdbx_gene_src_cell                 ? 
_entity_src_gen.pdbx_gene_src_cellular_location    ? 
_entity_src_gen.host_org_common_name               ? 
_entity_src_gen.pdbx_host_org_scientific_name      'Escherichia coli BL21(DE3)' 
_entity_src_gen.pdbx_host_org_ncbi_taxonomy_id     469008 
_entity_src_gen.host_org_genus                     ? 
_entity_src_gen.pdbx_host_org_gene                 ? 
_entity_src_gen.pdbx_host_org_organ                ? 
_entity_src_gen.host_org_species                   ? 
_entity_src_gen.pdbx_host_org_tissue               ? 
_entity_src_gen.pdbx_host_org_tissue_fraction      ? 
_entity_src_gen.pdbx_host_org_strain               'BL21(DE3)' 
_entity_src_gen.pdbx_host_org_variant              ? 
_entity_src_gen.pdbx_host_org_cell_line            ? 
_entity_src_gen.pdbx_host_org_atcc                 ? 
_entity_src_gen.pdbx_host_org_culture_collection   ? 
_entity_src_gen.pdbx_host_org_cell                 ? 
_entity_src_gen.pdbx_host_org_organelle            ? 
_entity_src_gen.pdbx_host_org_cellular_location    ? 
_entity_src_gen.pdbx_host_org_vector_type          ? 
_entity_src_gen.pdbx_host_org_vector               ? 
_entity_src_gen.host_org_details                   ? 
_entity_src_gen.expression_system_id               ? 
_entity_src_gen.plasmid_name                       ? 
_entity_src_gen.plasmid_details                    ? 
_entity_src_gen.pdbx_description                   ? 
# 
_struct_ref.id                         1 
_struct_ref.db_name                    UNP 
_struct_ref.db_code                    SPA_STAAU 
_struct_ref.pdbx_db_accession          P38507 
_struct_ref.pdbx_db_isoform            ? 
_struct_ref.entity_id                  1 
_struct_ref.pdbx_seq_one_letter_code   ADNKFNKEQQNAFYEILHLPNLTEEQRNGFIQSLKDDPSVSKEILAEAKKLNDAQAPK 
_struct_ref.pdbx_align_begin           270 
# 
loop_
_struct_ref_seq.align_id 
_struct_ref_seq.ref_id 
_struct_ref_seq.pdbx_PDB_id_code 
_struct_ref_seq.pdbx_strand_id 
_struct_ref_seq.seq_align_beg 
_struct_ref_seq.pdbx_seq_align_beg_ins_code 
_struct_ref_seq.seq_align_end 
_struct_ref_seq.pdbx_seq_align_end_ins_code 
_struct_ref_seq.pdbx_db_accession 
_struct_ref_seq.db_align_beg 
_struct_ref_seq.pdbx_db_align_beg_ins_code 
_struct_ref_seq.db_align_end 
_struct_ref_seq.pdbx_db_align_end_ins_code 
_struct_ref_seq.pdbx_auth_seq_align_beg 
_struct_ref_seq.pdbx_auth_seq_align_end 
1 1 4ZMD A 1 ? 58 ? P38507 270 ? 327 ? 1 58 
2 1 4ZMD B 1 ? 58 ? P38507 270 ? 327 ? 1 58 
# 
loop_
_struct_ref_seq_dif.align_id 
_struct_ref_seq_dif.pdbx_pdb_id_code 
_struct_ref_seq_dif.mon_id 
_struct_ref_seq_dif.pdbx_pdb_strand_id 
_struct_ref_seq_dif.seq_num 
_struct_ref_seq_dif.pdbx_pdb_ins_code 
_struct_ref_seq_dif.pdbx_seq_db_name 
_struct_ref_seq_dif.pdbx_seq_db_accession_code 
_struct_ref_seq_dif.db_mon_id 
_struct_ref_seq_dif.pdbx_seq_db_seq_num 
_struct_ref_seq_dif.details 
_struct_ref_seq_dif.pdbx_auth_seq_num 
_struct_ref_seq_dif.pdbx_ordinal 
1 4ZMD TRP A 9 ? UNP P38507 GLN 278 'engineered mutation' 9 1 
2 4ZMD TRP B 9 ? UNP P38507 GLN 278 'engineered mutation' 9 2 
# 
loop_
_chem_comp.id 
_chem_comp.type 
_chem_comp.mon_nstd_flag 
_chem_comp.name 
_chem_comp.pdbx_synonyms 
_chem_comp.formula 
_chem_comp.formula_weight 
ALA 'L-peptide linking' y ALANINE         ? 'C3 H7 N O2'     89.093  
ARG 'L-peptide linking' y ARGININE        ? 'C6 H15 N4 O2 1' 175.209 
ASN 'L-peptide linking' y ASPARAGINE      ? 'C4 H8 N2 O3'    132.118 
ASP 'L-peptide linking' y 'ASPARTIC ACID' ? 'C4 H7 N O4'     133.103 
GLN 'L-peptide linking' y GLUTAMINE       ? 'C5 H10 N2 O3'   146.144 
GLU 'L-peptide linking' y 'GLUTAMIC ACID' ? 'C5 H9 N O4'     147.129 
GLY 'peptide linking'   y GLYCINE         ? 'C2 H5 N O2'     75.067  
HIS 'L-peptide linking' y HISTIDINE       ? 'C6 H10 N3 O2 1' 156.162 
HOH non-polymer         . WATER           ? 'H2 O'           18.015  
ILE 'L-peptide linking' y ISOLEUCINE      ? 'C6 H13 N O2'    131.173 
LEU 'L-peptide linking' y LEUCINE         ? 'C6 H13 N O2'    131.173 
LYS 'L-peptide linking' y LYSINE          ? 'C6 H15 N2 O2 1' 147.195 
PHE 'L-peptide linking' y PHENYLALANINE   ? 'C9 H11 N O2'    165.189 
PRO 'L-peptide linking' y PROLINE         ? 'C5 H9 N O2'     115.130 
SER 'L-peptide linking' y SERINE          ? 'C3 H7 N O3'     105.093 
THR 'L-peptide linking' y THREONINE       ? 'C4 H9 N O3'     119.119 
TRP 'L-peptide linking' y TRYPTOPHAN      ? 'C11 H12 N2 O2'  204.225 
TYR 'L-peptide linking' y TYROSINE        ? 'C9 H11 N O3'    181.189 
VAL 'L-peptide linking' y VALINE          ? 'C5 H11 N O2'    117.146 
# 
_exptl.absorpt_coefficient_mu     ? 
_exptl.absorpt_correction_T_max   ? 
_exptl.absorpt_correction_T_min   ? 
_exptl.absorpt_correction_type    ? 
_exptl.absorpt_process_details    ? 
_exptl.entry_id                   4ZMD 
_exptl.crystals_number            1 
_exptl.details                    ? 
_exptl.method                     'X-RAY DIFFRACTION' 
_exptl.method_details             ? 
# 
_exptl_crystal.colour                      ? 
_exptl_crystal.density_diffrn              ? 
_exptl_crystal.density_Matthews            2.48 
_exptl_crystal.density_method              ? 
_exptl_crystal.density_percent_sol         50.38 
_exptl_crystal.description                 Rodlike. 
_exptl_crystal.F_000                       ? 
_exptl_crystal.id                          1 
_exptl_crystal.preparation                 ? 
_exptl_crystal.size_max                    ? 
_exptl_crystal.size_mid                    ? 
_exptl_crystal.size_min                    ? 
_exptl_crystal.size_rad                    ? 
_exptl_crystal.colour_lustre               ? 
_exptl_crystal.colour_modifier             ? 
_exptl_crystal.colour_primary              ? 
_exptl_crystal.density_meas                ? 
_exptl_crystal.density_meas_esd            ? 
_exptl_crystal.density_meas_gt             ? 
_exptl_crystal.density_meas_lt             ? 
_exptl_crystal.density_meas_temp           ? 
_exptl_crystal.density_meas_temp_esd       ? 
_exptl_crystal.density_meas_temp_gt        ? 
_exptl_crystal.density_meas_temp_lt        ? 
_exptl_crystal.pdbx_crystal_image_url      ? 
_exptl_crystal.pdbx_crystal_image_format   ? 
_exptl_crystal.pdbx_mosaicity              ? 
_exptl_crystal.pdbx_mosaicity_esd          ? 
# 
_exptl_crystal_grow.apparatus       ? 
_exptl_crystal_grow.atmosphere      ? 
_exptl_crystal_grow.crystal_id      1 
_exptl_crystal_grow.details         ? 
_exptl_crystal_grow.method          'VAPOR DIFFUSION, SITTING DROP' 
_exptl_crystal_grow.method_ref      ? 
_exptl_crystal_grow.pH              ? 
_exptl_crystal_grow.pressure        ? 
_exptl_crystal_grow.pressure_esd    ? 
_exptl_crystal_grow.seeding         ? 
_exptl_crystal_grow.seeding_ref     ? 
_exptl_crystal_grow.temp            298 
_exptl_crystal_grow.temp_details    ? 
_exptl_crystal_grow.temp_esd        ? 
_exptl_crystal_grow.time            ? 
_exptl_crystal_grow.pdbx_details    'PEG 3350, sodium thiocyanate' 
_exptl_crystal_grow.pdbx_pH_range   ? 
# 
_diffrn.ambient_environment    ? 
_diffrn.ambient_temp           100 
_diffrn.ambient_temp_details   ? 
_diffrn.ambient_temp_esd       ? 
_diffrn.crystal_id             1 
_diffrn.crystal_support        ? 
_diffrn.crystal_treatment      ? 
_diffrn.details                ? 
_diffrn.id                     1 
_diffrn.ambient_pressure       ? 
_diffrn.ambient_pressure_esd   ? 
_diffrn.ambient_pressure_gt    ? 
_diffrn.ambient_pressure_lt    ? 
_diffrn.ambient_temp_gt        ? 
_diffrn.ambient_temp_lt        ? 
# 
_diffrn_detector.details                      ? 
_diffrn_detector.detector                     CCD 
_diffrn_detector.diffrn_id                    1 
_diffrn_detector.type                         'MAR CCD 130 mm' 
_diffrn_detector.area_resol_mean              ? 
_diffrn_detector.dtime                        ? 
_diffrn_detector.pdbx_frames_total            ? 
_diffrn_detector.pdbx_collection_time_total   ? 
_diffrn_detector.pdbx_collection_date         2015-03-30 
# 
_diffrn_radiation.collimation                      ? 
_diffrn_radiation.diffrn_id                        1 
_diffrn_radiation.filter_edge                      ? 
_diffrn_radiation.inhomogeneity                    ? 
_diffrn_radiation.monochromator                    ? 
_diffrn_radiation.polarisn_norm                    ? 
_diffrn_radiation.polarisn_ratio                   ? 
_diffrn_radiation.probe                            ? 
_diffrn_radiation.type                             ? 
_diffrn_radiation.xray_symbol                      ? 
_diffrn_radiation.wavelength_id                    1 
_diffrn_radiation.pdbx_monochromatic_or_laue_m_l   M 
_diffrn_radiation.pdbx_wavelength_list             ? 
_diffrn_radiation.pdbx_wavelength                  ? 
_diffrn_radiation.pdbx_diffrn_protocol             'SINGLE WAVELENGTH' 
_diffrn_radiation.pdbx_analyzer                    ? 
_diffrn_radiation.pdbx_scattering_type             x-ray 
# 
_diffrn_radiation_wavelength.id           1 
_diffrn_radiation_wavelength.wavelength   1.000 
_diffrn_radiation_wavelength.wt           1.0 
# 
_diffrn_source.current                     ? 
_diffrn_source.details                     ? 
_diffrn_source.diffrn_id                   1 
_diffrn_source.power                       ? 
_diffrn_source.size                        ? 
_diffrn_source.source                      SYNCHROTRON 
_diffrn_source.target                      ? 
_diffrn_source.type                        'APS BEAMLINE 22-ID' 
_diffrn_source.voltage                     ? 
_diffrn_source.take-off_angle              ? 
_diffrn_source.pdbx_wavelength_list        1.000 
_diffrn_source.pdbx_wavelength             ? 
_diffrn_source.pdbx_synchrotron_beamline   22-ID 
_diffrn_source.pdbx_synchrotron_site       APS 
# 
_reflns.B_iso_Wilson_estimate            ? 
_reflns.entry_id                         4ZMD 
_reflns.data_reduction_details           ? 
_reflns.data_reduction_method            ? 
_reflns.d_resolution_high                1.87 
_reflns.d_resolution_low                 50 
_reflns.details                          ? 
_reflns.limit_h_max                      ? 
_reflns.limit_h_min                      ? 
_reflns.limit_k_max                      ? 
_reflns.limit_k_min                      ? 
_reflns.limit_l_max                      ? 
_reflns.limit_l_min                      ? 
_reflns.number_all                       ? 
_reflns.number_obs                       9609 
_reflns.observed_criterion               ? 
_reflns.observed_criterion_F_max         ? 
_reflns.observed_criterion_F_min         ? 
_reflns.observed_criterion_I_max         ? 
_reflns.observed_criterion_I_min         ? 
_reflns.observed_criterion_sigma_F       ? 
_reflns.observed_criterion_sigma_I       ? 
_reflns.percent_possible_obs             99.9 
_reflns.R_free_details                   ? 
_reflns.Rmerge_F_all                     ? 
_reflns.Rmerge_F_obs                     ? 
_reflns.Friedel_coverage                 ? 
_reflns.number_gt                        ? 
_reflns.threshold_expression             ? 
_reflns.pdbx_redundancy                  17.0 
_reflns.pdbx_Rmerge_I_obs                0.091 
_reflns.pdbx_Rmerge_I_all                ? 
_reflns.pdbx_Rsym_value                  ? 
_reflns.pdbx_netI_over_av_sigmaI         ? 
_reflns.pdbx_netI_over_sigmaI            54.7 
_reflns.pdbx_res_netI_over_av_sigmaI_2   ? 
_reflns.pdbx_res_netI_over_sigmaI_2      ? 
_reflns.pdbx_chi_squared                 ? 
_reflns.pdbx_scaling_rejects             ? 
_reflns.pdbx_d_res_high_opt              ? 
_reflns.pdbx_d_res_low_opt               ? 
_reflns.pdbx_d_res_opt_method            ? 
_reflns.phase_calculation_details        ? 
_reflns.pdbx_Rrim_I_all                  ? 
_reflns.pdbx_Rpim_I_all                  ? 
_reflns.pdbx_d_opt                       ? 
_reflns.pdbx_number_measured_all         ? 
_reflns.pdbx_diffrn_id                   1 
_reflns.pdbx_ordinal                     1 
_reflns.pdbx_CC_half                     ? 
_reflns.pdbx_R_split                     ? 
# 
_reflns_shell.d_res_high                  1.87 
_reflns_shell.d_res_low                   1.90 
_reflns_shell.meanI_over_sigI_all         ? 
_reflns_shell.meanI_over_sigI_obs         2.6 
_reflns_shell.number_measured_all         ? 
_reflns_shell.number_measured_obs         ? 
_reflns_shell.number_possible             ? 
_reflns_shell.number_unique_all           ? 
_reflns_shell.number_unique_obs           ? 
_reflns_shell.percent_possible_all        100.0 
_reflns_shell.percent_possible_obs        ? 
_reflns_shell.Rmerge_F_all                ? 
_reflns_shell.Rmerge_F_obs                ? 
_reflns_shell.Rmerge_I_all                ? 
_reflns_shell.Rmerge_I_obs                0.715 
_reflns_shell.meanI_over_sigI_gt          ? 
_reflns_shell.meanI_over_uI_all           ? 
_reflns_shell.meanI_over_uI_gt            ? 
_reflns_shell.number_measured_gt          ? 
_reflns_shell.number_unique_gt            ? 
_reflns_shell.percent_possible_gt         ? 
_reflns_shell.Rmerge_F_gt                 ? 
_reflns_shell.Rmerge_I_gt                 ? 
_reflns_shell.pdbx_redundancy             10.5 
_reflns_shell.pdbx_Rsym_value             ? 
_reflns_shell.pdbx_chi_squared            ? 
_reflns_shell.pdbx_netI_over_sigmaI_all   ? 
_reflns_shell.pdbx_netI_over_sigmaI_obs   ? 
_reflns_shell.pdbx_Rrim_I_all             ? 
_reflns_shell.pdbx_Rpim_I_all             ? 
_reflns_shell.pdbx_rejects                ? 
_reflns_shell.pdbx_ordinal                1 
_reflns_shell.pdbx_diffrn_id              1 
_reflns_shell.pdbx_CC_half                ? 
_reflns_shell.pdbx_R_split                ? 
# 
_refine.aniso_B[1][1]                            ? 
_refine.aniso_B[1][2]                            ? 
_refine.aniso_B[1][3]                            ? 
_refine.aniso_B[2][2]                            ? 
_refine.aniso_B[2][3]                            ? 
_refine.aniso_B[3][3]                            ? 
_refine.B_iso_max                                ? 
_refine.B_iso_mean                               ? 
_refine.B_iso_min                                ? 
_refine.correlation_coeff_Fo_to_Fc               ? 
_refine.correlation_coeff_Fo_to_Fc_free          ? 
_refine.details                                  ? 
_refine.diff_density_max                         ? 
_refine.diff_density_max_esd                     ? 
_refine.diff_density_min                         ? 
_refine.diff_density_min_esd                     ? 
_refine.diff_density_rms                         ? 
_refine.diff_density_rms_esd                     ? 
_refine.entry_id                                 4ZMD 
_refine.pdbx_refine_id                           'X-RAY DIFFRACTION' 
_refine.ls_abs_structure_details                 ? 
_refine.ls_abs_structure_Flack                   ? 
_refine.ls_abs_structure_Flack_esd               ? 
_refine.ls_abs_structure_Rogers                  ? 
_refine.ls_abs_structure_Rogers_esd              ? 
_refine.ls_d_res_high                            1.87 
_refine.ls_d_res_low                             36.572 
_refine.ls_extinction_coef                       ? 
_refine.ls_extinction_coef_esd                   ? 
_refine.ls_extinction_expression                 ? 
_refine.ls_extinction_method                     ? 
_refine.ls_goodness_of_fit_all                   ? 
_refine.ls_goodness_of_fit_all_esd               ? 
_refine.ls_goodness_of_fit_obs                   ? 
_refine.ls_goodness_of_fit_obs_esd               ? 
_refine.ls_hydrogen_treatment                    ? 
_refine.ls_matrix_type                           ? 
_refine.ls_number_constraints                    ? 
_refine.ls_number_parameters                     ? 
_refine.ls_number_reflns_all                     ? 
_refine.ls_number_reflns_obs                     9603 
_refine.ls_number_reflns_R_free                  977 
_refine.ls_number_reflns_R_work                  ? 
_refine.ls_number_restraints                     ? 
_refine.ls_percent_reflns_obs                    88.13 
_refine.ls_percent_reflns_R_free                 10.17 
_refine.ls_R_factor_all                          ? 
_refine.ls_R_factor_obs                          0.2047 
_refine.ls_R_factor_R_free                       0.2561 
_refine.ls_R_factor_R_free_error                 ? 
_refine.ls_R_factor_R_free_error_details         ? 
_refine.ls_R_factor_R_work                       0.1985 
_refine.ls_R_Fsqd_factor_obs                     ? 
_refine.ls_R_I_factor_obs                        ? 
_refine.ls_redundancy_reflns_all                 ? 
_refine.ls_redundancy_reflns_obs                 ? 
_refine.ls_restrained_S_all                      ? 
_refine.ls_restrained_S_obs                      ? 
_refine.ls_shift_over_esd_max                    ? 
_refine.ls_shift_over_esd_mean                   ? 
_refine.ls_structure_factor_coef                 ? 
_refine.ls_weighting_details                     ? 
_refine.ls_weighting_scheme                      ? 
_refine.ls_wR_factor_all                         ? 
_refine.ls_wR_factor_obs                         ? 
_refine.ls_wR_factor_R_free                      ? 
_refine.ls_wR_factor_R_work                      ? 
_refine.occupancy_max                            ? 
_refine.occupancy_min                            ? 
_refine.solvent_model_details                    'FLAT BULK SOLVENT MODEL' 
_refine.solvent_model_param_bsol                 ? 
_refine.solvent_model_param_ksol                 ? 
_refine.ls_R_factor_gt                           ? 
_refine.ls_goodness_of_fit_gt                    ? 
_refine.ls_goodness_of_fit_ref                   ? 
_refine.ls_shift_over_su_max                     ? 
_refine.ls_shift_over_su_max_lt                  ? 
_refine.ls_shift_over_su_mean                    ? 
_refine.ls_shift_over_su_mean_lt                 ? 
_refine.pdbx_ls_sigma_I                          ? 
_refine.pdbx_ls_sigma_F                          0.00 
_refine.pdbx_ls_sigma_Fsqd                       ? 
_refine.pdbx_data_cutoff_high_absF               ? 
_refine.pdbx_data_cutoff_high_rms_absF           ? 
_refine.pdbx_data_cutoff_low_absF                ? 
_refine.pdbx_isotropic_thermal_model             ? 
_refine.pdbx_ls_cross_valid_method               'FREE R-VALUE' 
_refine.pdbx_method_to_determine_struct          'MOLECULAR REPLACEMENT' 
_refine.pdbx_starting_model                      4NPD 
_refine.pdbx_stereochemistry_target_values       ML 
_refine.pdbx_R_Free_selection_details            'Random selection' 
_refine.pdbx_stereochem_target_val_spec_case     ? 
_refine.pdbx_overall_ESU_R                       ? 
_refine.pdbx_overall_ESU_R_Free                  ? 
_refine.pdbx_solvent_vdw_probe_radii             1.11 
_refine.pdbx_solvent_ion_probe_radii             ? 
_refine.pdbx_solvent_shrinkage_radii             0.90 
_refine.pdbx_real_space_R                        ? 
_refine.pdbx_density_correlation                 ? 
_refine.pdbx_pd_number_of_powder_patterns        ? 
_refine.pdbx_pd_number_of_points                 ? 
_refine.pdbx_pd_meas_number_of_points            ? 
_refine.pdbx_pd_proc_ls_prof_R_factor            ? 
_refine.pdbx_pd_proc_ls_prof_wR_factor           ? 
_refine.pdbx_pd_Marquardt_correlation_coeff      ? 
_refine.pdbx_pd_Fsqrd_R_factor                   ? 
_refine.pdbx_pd_ls_matrix_band_width             ? 
_refine.pdbx_overall_phase_error                 41.19 
_refine.pdbx_overall_SU_R_free_Cruickshank_DPI   ? 
_refine.pdbx_overall_SU_R_free_Blow_DPI          ? 
_refine.pdbx_overall_SU_R_Blow_DPI               ? 
_refine.pdbx_TLS_residual_ADP_flag               ? 
_refine.pdbx_diffrn_id                           1 
_refine.overall_SU_B                             ? 
_refine.overall_SU_ML                            0.23 
_refine.overall_SU_R_Cruickshank_DPI             ? 
_refine.overall_SU_R_free                        ? 
_refine.overall_FOM_free_R_set                   ? 
_refine.overall_FOM_work_R_set                   ? 
_refine.pdbx_average_fsc_overall                 ? 
_refine.pdbx_average_fsc_work                    ? 
_refine.pdbx_average_fsc_free                    ? 
# 
_refine_hist.pdbx_refine_id                   'X-RAY DIFFRACTION' 
_refine_hist.cycle_id                         LAST 
_refine_hist.pdbx_number_atoms_protein        910 
_refine_hist.pdbx_number_atoms_nucleic_acid   0 
_refine_hist.pdbx_number_atoms_ligand         0 
_refine_hist.number_atoms_solvent             22 
_refine_hist.number_atoms_total               932 
_refine_hist.d_res_high                       1.87 
_refine_hist.d_res_low                        36.572 
# 
loop_
_refine_ls_restr.pdbx_refine_id 
_refine_ls_restr.criterion 
_refine_ls_restr.dev_ideal 
_refine_ls_restr.dev_ideal_target 
_refine_ls_restr.number 
_refine_ls_restr.rejects 
_refine_ls_restr.type 
_refine_ls_restr.weight 
_refine_ls_restr.pdbx_restraint_function 
'X-RAY DIFFRACTION' ? 0.012  ? 940  ? f_bond_d           ? ? 
'X-RAY DIFFRACTION' ? 1.189  ? 1268 ? f_angle_d          ? ? 
'X-RAY DIFFRACTION' ? 15.513 ? 365  ? f_dihedral_angle_d ? ? 
'X-RAY DIFFRACTION' ? 0.049  ? 132  ? f_chiral_restr     ? ? 
'X-RAY DIFFRACTION' ? 0.006  ? 171  ? f_plane_restr      ? ? 
# 
loop_
_refine_ls_shell.pdbx_refine_id 
_refine_ls_shell.d_res_high 
_refine_ls_shell.d_res_low 
_refine_ls_shell.number_reflns_all 
_refine_ls_shell.number_reflns_obs 
_refine_ls_shell.number_reflns_R_free 
_refine_ls_shell.number_reflns_R_work 
_refine_ls_shell.percent_reflns_obs 
_refine_ls_shell.percent_reflns_R_free 
_refine_ls_shell.R_factor_all 
_refine_ls_shell.R_factor_obs 
_refine_ls_shell.R_factor_R_free 
_refine_ls_shell.R_factor_R_free_error 
_refine_ls_shell.R_factor_R_work 
_refine_ls_shell.redundancy_reflns_all 
_refine_ls_shell.redundancy_reflns_obs 
_refine_ls_shell.wR_factor_all 
_refine_ls_shell.wR_factor_obs 
_refine_ls_shell.wR_factor_R_free 
_refine_ls_shell.wR_factor_R_work 
_refine_ls_shell.pdbx_total_number_of_bins_used 
_refine_ls_shell.pdbx_phase_error 
_refine_ls_shell.pdbx_fsc_work 
_refine_ls_shell.pdbx_fsc_free 
'X-RAY DIFFRACTION' 1.87   1.9602  . . 107 945  68.00  . . . 0.3831 . 0.3352 . . . . . . . . . . 
'X-RAY DIFFRACTION' 1.9602 2.0830  . . 126 1070 77.00  . . . 0.3013 . 0.2825 . . . . . . . . . . 
'X-RAY DIFFRACTION' 2.0830 2.2439  . . 132 1198 86.00  . . . 0.3676 . 0.2672 . . . . . . . . . . 
'X-RAY DIFFRACTION' 2.2439 2.4696  . . 140 1287 91.00  . . . 0.2955 . 0.2407 . . . . . . . . . . 
'X-RAY DIFFRACTION' 2.4696 2.8269  . . 151 1332 96.00  . . . 0.3053 . 0.2538 . . . . . . . . . . 
'X-RAY DIFFRACTION' 2.8269 3.5611  . . 156 1389 99.00  . . . 0.3069 . 0.2129 . . . . . . . . . . 
'X-RAY DIFFRACTION' 3.5611 36.5789 . . 165 1405 100.00 . . . 0.2025 . 0.1567 . . . . . . . . . . 
# 
_struct.entry_id                     4ZMD 
_struct.title                        'C domain of staphylococcal protein A mutant - Q9W' 
_struct.pdbx_model_details           ? 
_struct.pdbx_formula_weight          ? 
_struct.pdbx_formula_weight_method   ? 
_struct.pdbx_model_type_details      ? 
_struct.pdbx_CASP_flag               ? 
# 
_struct_keywords.entry_id        4ZMD 
_struct_keywords.text            
'Staphylococcal protein A, SpA, three-helix-bundle, antibody, IgG, protein-binding domain, PROTEIN BINDING' 
_struct_keywords.pdbx_keywords   'PROTEIN BINDING' 
# 
loop_
_struct_asym.id 
_struct_asym.pdbx_blank_PDB_chainid_flag 
_struct_asym.pdbx_modified 
_struct_asym.entity_id 
_struct_asym.details 
A N N 1 ? 
B N N 1 ? 
C N N 2 ? 
D N N 2 ? 
# 
loop_
_struct_conf.conf_type_id 
_struct_conf.id 
_struct_conf.pdbx_PDB_helix_id 
_struct_conf.beg_label_comp_id 
_struct_conf.beg_label_asym_id 
_struct_conf.beg_label_seq_id 
_struct_conf.pdbx_beg_PDB_ins_code 
_struct_conf.end_label_comp_id 
_struct_conf.end_label_asym_id 
_struct_conf.end_label_seq_id 
_struct_conf.pdbx_end_PDB_ins_code 
_struct_conf.beg_auth_comp_id 
_struct_conf.beg_auth_asym_id 
_struct_conf.beg_auth_seq_id 
_struct_conf.end_auth_comp_id 
_struct_conf.end_auth_asym_id 
_struct_conf.end_auth_seq_id 
_struct_conf.pdbx_PDB_helix_class 
_struct_conf.details 
_struct_conf.pdbx_PDB_helix_length 
HELX_P HELX_P1 AA1 ASN A 6  ? HIS A 18 ? ASN A 6  HIS A 18 1 ? 13 
HELX_P HELX_P2 AA2 THR A 23 ? ASP A 37 ? THR A 23 ASP A 37 1 ? 15 
HELX_P HELX_P3 AA3 VAL A 40 ? ALA A 54 ? VAL A 40 ALA A 54 1 ? 15 
HELX_P HELX_P4 AA4 LYS B 4  ? LEU B 19 ? LYS B 4  LEU B 19 1 ? 16 
HELX_P HELX_P5 AA5 THR B 23 ? ASP B 37 ? THR B 23 ASP B 37 1 ? 15 
HELX_P HELX_P6 AA6 VAL B 40 ? GLN B 55 ? VAL B 40 GLN B 55 1 ? 16 
# 
_struct_conf_type.id          HELX_P 
_struct_conf_type.criteria    ? 
_struct_conf_type.reference   ? 
# 
_atom_sites.entry_id                    4ZMD 
_atom_sites.fract_transf_matrix[1][1]   0.01962787 
_atom_sites.fract_transf_matrix[1][2]   0.00363084 
_atom_sites.fract_transf_matrix[1][3]   -0.01658646 
_atom_sites.fract_transf_matrix[2][1]   0.00478550 
_atom_sites.fract_transf_matrix[2][2]   -0.01757440 
_atom_sites.fract_transf_matrix[2][3]   -0.01848778 
_atom_sites.fract_transf_matrix[3][1]   -0.00529217 
_atom_sites.fract_transf_matrix[3][2]   0.00418361 
_atom_sites.fract_transf_matrix[3][3]   -0.00534678 
_atom_sites.fract_transf_vector[1]      -0.264992 
_atom_sites.fract_transf_vector[2]      0.248446 
_atom_sites.fract_transf_vector[3]      0.016341 
# 
loop_
_atom_type.symbol 
C 
H 
N 
O 
# 
loop_
_atom_site.group_PDB 
_atom_site.id 
_atom_site.type_symbol 
_atom_site.label_atom_id 
_atom_site.label_alt_id 
_atom_site.label_comp_id 
_atom_site.label_asym_id 
_atom_site.label_entity_id 
_atom_site.label_seq_id 
_atom_site.pdbx_PDB_ins_code 
_atom_site.Cartn_x 
_atom_site.Cartn_y 
_atom_site.Cartn_z 
_atom_site.occupancy 
_atom_site.B_iso_or_equiv 
_atom_site.pdbx_formal_charge 
_atom_site.auth_seq_id 
_atom_site.auth_comp_id 
_atom_site.auth_asym_id 
_atom_site.auth_atom_id 
_atom_site.pdbx_PDB_model_num 
ATOM   1    N N    . ASN A 1 3  ? -14.109 -12.093 5.138   1.00 75.08  ? 3   ASN A N    1 
ATOM   2    C CA   . ASN A 1 3  ? -14.595 -12.043 3.759   1.00 96.78  ? 3   ASN A CA   1 
ATOM   3    C C    . ASN A 1 3  ? -13.831 -11.042 2.885   1.00 92.51  ? 3   ASN A C    1 
ATOM   4    O O    . ASN A 1 3  ? -13.524 -9.929  3.317   1.00 92.19  ? 3   ASN A O    1 
ATOM   5    C CB   . ASN A 1 3  ? -16.086 -11.690 3.721   1.00 98.07  ? 3   ASN A CB   1 
ATOM   6    C CG   . ASN A 1 3  ? -16.680 -11.881 2.338   1.00 104.55 ? 3   ASN A CG   1 
ATOM   7    O OD1  . ASN A 1 3  ? -16.109 -12.594 1.514   1.00 91.03  ? 3   ASN A OD1  1 
ATOM   8    N ND2  . ASN A 1 3  ? -17.822 -11.247 2.072   1.00 91.05  ? 3   ASN A ND2  1 
ATOM   9    H HA   . ASN A 1 3  ? -14.489 -12.921 3.362   1.00 116.13 ? 3   ASN A HA   1 
ATOM   10   H HB2  . ASN A 1 3  ? -16.565 -12.265 4.338   1.00 117.69 ? 3   ASN A HB2  1 
ATOM   11   H HB3  . ASN A 1 3  ? -16.199 -10.761 3.974   1.00 117.69 ? 3   ASN A HB3  1 
ATOM   12   H HD21 . ASN A 1 3  ? -18.189 -11.331 1.298   1.00 109.26 ? 3   ASN A HD21 1 
ATOM   13   H HD22 . ASN A 1 3  ? -18.192 -10.756 2.673   1.00 109.26 ? 3   ASN A HD22 1 
ATOM   14   N N    . LYS A 1 4  ? -13.559 -11.430 1.641   1.00 89.44  ? 4   LYS A N    1 
ATOM   15   C CA   . LYS A 1 4  ? -12.747 -10.614 0.730   1.00 88.44  ? 4   LYS A CA   1 
ATOM   16   C C    . LYS A 1 4  ? -13.222 -9.158  0.547   1.00 79.83  ? 4   LYS A C    1 
ATOM   17   O O    . LYS A 1 4  ? -12.436 -8.237  0.759   1.00 75.60  ? 4   LYS A O    1 
ATOM   18   C CB   . LYS A 1 4  ? -12.666 -11.282 -0.642  1.00 83.00  ? 4   LYS A CB   1 
ATOM   19   C CG   . LYS A 1 4  ? -11.254 -11.645 -1.057  1.00 79.25  ? 4   LYS A CG   1 
ATOM   20   C CD   . LYS A 1 4  ? -11.106 -11.781 -2.567  1.00 77.45  ? 4   LYS A CD   1 
ATOM   21   C CE   . LYS A 1 4  ? -9.687  -12.231 -2.934  1.00 92.80  ? 4   LYS A CE   1 
ATOM   22   N NZ   . LYS A 1 4  ? -9.450  -12.354 -4.402  1.00 73.70  ? 4   LYS A NZ   1 
ATOM   23   H H    . LYS A 1 4  ? -13.835 -12.167 1.294   1.00 107.32 ? 4   LYS A H    1 
ATOM   24   H HA   . LYS A 1 4  ? -11.844 -10.576 1.085   1.00 106.13 ? 4   LYS A HA   1 
ATOM   25   H HB2  . LYS A 1 4  ? -13.190 -12.099 -0.624  1.00 99.60  ? 4   LYS A HB2  1 
ATOM   26   H HB3  . LYS A 1 4  ? -13.025 -10.675 -1.308  1.00 99.60  ? 4   LYS A HB3  1 
ATOM   27   H HG2  . LYS A 1 4  ? -10.648 -10.951 -0.756  1.00 95.10  ? 4   LYS A HG2  1 
ATOM   28   H HG3  . LYS A 1 4  ? -11.014 -12.494 -0.653  1.00 95.10  ? 4   LYS A HG3  1 
ATOM   29   H HD2  . LYS A 1 4  ? -11.734 -12.444 -2.894  1.00 92.94  ? 4   LYS A HD2  1 
ATOM   30   H HD3  . LYS A 1 4  ? -11.273 -10.921 -2.985  1.00 92.94  ? 4   LYS A HD3  1 
ATOM   31   H HE2  . LYS A 1 4  ? -9.054  -11.584 -2.586  1.00 111.36 ? 4   LYS A HE2  1 
ATOM   32   H HE3  . LYS A 1 4  ? -9.523  -13.099 -2.535  1.00 111.36 ? 4   LYS A HE3  1 
ATOM   33   H HZ1  . LYS A 1 4  ? -10.010 -12.952 -4.751  1.00 88.44  ? 4   LYS A HZ1  1 
ATOM   34   H HZ2  . LYS A 1 4  ? -9.583  -11.568 -4.798  1.00 88.44  ? 4   LYS A HZ2  1 
ATOM   35   H HZ3  . LYS A 1 4  ? -8.614  -12.618 -4.553  1.00 88.44  ? 4   LYS A HZ3  1 
ATOM   36   N N    . PHE A 1 5  ? -14.478 -8.945  0.141   1.00 86.71  ? 5   PHE A N    1 
ATOM   37   C CA   . PHE A 1 5  ? -14.993 -7.579  -0.061  1.00 76.96  ? 5   PHE A CA   1 
ATOM   38   C C    . PHE A 1 5  ? -15.945 -7.158  1.057   1.00 80.79  ? 5   PHE A C    1 
ATOM   39   O O    . PHE A 1 5  ? -17.116 -6.832  0.824   1.00 63.38  ? 5   PHE A O    1 
ATOM   40   C CB   . PHE A 1 5  ? -15.670 -7.451  -1.437  1.00 64.27  ? 5   PHE A CB   1 
ATOM   41   C CG   . PHE A 1 5  ? -14.736 -7.755  -2.576  1.00 57.53  ? 5   PHE A CG   1 
ATOM   42   C CD1  . PHE A 1 5  ? -14.763 -8.981  -3.209  1.00 61.95  ? 5   PHE A CD1  1 
ATOM   43   C CD2  . PHE A 1 5  ? -13.786 -6.834  -2.968  1.00 50.97  ? 5   PHE A CD2  1 
ATOM   44   C CE1  . PHE A 1 5  ? -13.877 -9.269  -4.233  1.00 56.32  ? 5   PHE A CE1  1 
ATOM   45   C CE2  . PHE A 1 5  ? -12.905 -7.123  -3.992  1.00 49.56  ? 5   PHE A CE2  1 
ATOM   46   C CZ   . PHE A 1 5  ? -12.956 -8.338  -4.625  1.00 58.84  ? 5   PHE A CZ   1 
ATOM   47   H H    . PHE A 1 5  ? -15.050 -9.567  -0.024  1.00 104.06 ? 5   PHE A H    1 
ATOM   48   H HA   . PHE A 1 5  ? -14.242 -6.964  -0.048  1.00 92.35  ? 5   PHE A HA   1 
ATOM   49   H HB2  . PHE A 1 5  ? -16.412 -8.074  -1.484  1.00 77.12  ? 5   PHE A HB2  1 
ATOM   50   H HB3  . PHE A 1 5  ? -15.992 -6.543  -1.548  1.00 77.12  ? 5   PHE A HB3  1 
ATOM   51   H HD1  . PHE A 1 5  ? -15.388 -9.619  -2.949  1.00 74.35  ? 5   PHE A HD1  1 
ATOM   52   H HD2  . PHE A 1 5  ? -13.745 -6.006  -2.546  1.00 61.16  ? 5   PHE A HD2  1 
ATOM   53   H HE1  . PHE A 1 5  ? -13.914 -10.093 -4.661  1.00 67.59  ? 5   PHE A HE1  1 
ATOM   54   H HE2  . PHE A 1 5  ? -12.279 -6.489  -4.257  1.00 59.47  ? 5   PHE A HE2  1 
ATOM   55   H HZ   . PHE A 1 5  ? -12.363 -8.529  -5.316  1.00 70.60  ? 5   PHE A HZ   1 
ATOM   56   N N    . ASN A 1 6  ? -15.394 -7.132  2.270   1.00 91.21  ? 6   ASN A N    1 
ATOM   57   C CA   . ASN A 1 6  ? -16.123 -6.755  3.482   1.00 88.35  ? 6   ASN A CA   1 
ATOM   58   C C    . ASN A 1 6  ? -16.460 -5.270  3.527   1.00 77.91  ? 6   ASN A C    1 
ATOM   59   O O    . ASN A 1 6  ? -16.305 -4.568  2.529   1.00 76.85  ? 6   ASN A O    1 
ATOM   60   C CB   . ASN A 1 6  ? -15.313 -7.159  4.736   1.00 91.18  ? 6   ASN A CB   1 
ATOM   61   C CG   . ASN A 1 6  ? -13.857 -6.704  4.688   1.00 85.73  ? 6   ASN A CG   1 
ATOM   62   O OD1  . ASN A 1 6  ? -13.354 -6.259  3.658   1.00 81.49  ? 6   ASN A OD1  1 
ATOM   63   N ND2  . ASN A 1 6  ? -13.166 -6.843  5.814   1.00 86.97  ? 6   ASN A ND2  1 
ATOM   64   H H    . ASN A 1 6  ? -14.571 -7.336  2.421   1.00 109.45 ? 6   ASN A H    1 
ATOM   65   H HA   . ASN A 1 6  ? -16.960 -7.246  3.503   1.00 106.02 ? 6   ASN A HA   1 
ATOM   66   H HB2  . ASN A 1 6  ? -15.725 -6.761  5.518   1.00 109.41 ? 6   ASN A HB2  1 
ATOM   67   H HB3  . ASN A 1 6  ? -15.321 -8.126  4.816   1.00 109.41 ? 6   ASN A HB3  1 
ATOM   68   H HD21 . ASN A 1 6  ? -12.341 -6.601  5.845   1.00 104.36 ? 6   ASN A HD21 1 
ATOM   69   H HD22 . ASN A 1 6  ? -13.544 -7.172  6.513   1.00 104.36 ? 6   ASN A HD22 1 
ATOM   70   N N    . LYS A 1 7  ? -16.949 -4.803  4.674   1.00 77.58  ? 7   LYS A N    1 
ATOM   71   C CA   . LYS A 1 7  ? -17.318 -3.398  4.838   1.00 85.98  ? 7   LYS A CA   1 
ATOM   72   C C    . LYS A 1 7  ? -16.076 -2.521  4.840   1.00 84.73  ? 7   LYS A C    1 
ATOM   73   O O    . LYS A 1 7  ? -16.137 -1.332  4.490   1.00 75.07  ? 7   LYS A O    1 
ATOM   74   C CB   . LYS A 1 7  ? -18.111 -3.197  6.135   1.00 84.46  ? 7   LYS A CB   1 
ATOM   75   C CG   . LYS A 1 7  ? -19.496 -3.861  6.141   1.00 91.52  ? 7   LYS A CG   1 
ATOM   76   C CD   . LYS A 1 7  ? -20.235 -3.656  7.456   1.00 103.17 ? 7   LYS A CD   1 
ATOM   77   C CE   . LYS A 1 7  ? -21.609 -4.303  7.424   1.00 102.67 ? 7   LYS A CE   1 
ATOM   78   N NZ   . LYS A 1 7  ? -22.331 -4.124  8.719   1.00 119.32 ? 7   LYS A NZ   1 
ATOM   79   H H    . LYS A 1 7  ? -17.076 -5.283  5.376   1.00 93.10  ? 7   LYS A H    1 
ATOM   80   H HA   . LYS A 1 7  ? -17.880 -3.127  4.096   1.00 103.18 ? 7   LYS A HA   1 
ATOM   81   H HB2  . LYS A 1 7  ? -17.602 -3.569  6.870   1.00 101.35 ? 7   LYS A HB2  1 
ATOM   82   H HB3  . LYS A 1 7  ? -18.241 -2.246  6.274   1.00 101.35 ? 7   LYS A HB3  1 
ATOM   83   H HG2  . LYS A 1 7  ? -20.034 -3.480  5.430   1.00 109.83 ? 7   LYS A HG2  1 
ATOM   84   H HG3  . LYS A 1 7  ? -19.390 -4.816  6.002   1.00 109.83 ? 7   LYS A HG3  1 
ATOM   85   H HD2  . LYS A 1 7  ? -19.726 -4.057  8.177   1.00 123.80 ? 7   LYS A HD2  1 
ATOM   86   H HD3  . LYS A 1 7  ? -20.350 -2.704  7.614   1.00 123.80 ? 7   LYS A HD3  1 
ATOM   87   H HE2  . LYS A 1 7  ? -22.140 -3.894  6.722   1.00 123.21 ? 7   LYS A HE2  1 
ATOM   88   H HE3  . LYS A 1 7  ? -21.510 -5.254  7.260   1.00 123.21 ? 7   LYS A HE3  1 
ATOM   89   H HZ1  . LYS A 1 7  ? -22.438 -3.258  8.891   1.00 143.18 ? 7   LYS A HZ1  1 
ATOM   90   H HZ2  . LYS A 1 7  ? -23.132 -4.511  8.676   1.00 143.18 ? 7   LYS A HZ2  1 
ATOM   91   H HZ3  . LYS A 1 7  ? -21.865 -4.496  9.380   1.00 143.18 ? 7   LYS A HZ3  1 
ATOM   92   N N    . GLU A 1 8  ? -14.955 -3.127  5.243   1.00 83.10  ? 8   GLU A N    1 
ATOM   93   C CA   . GLU A 1 8  ? -13.640 -2.494  5.185   1.00 80.27  ? 8   GLU A CA   1 
ATOM   94   C C    . GLU A 1 8  ? -13.341 -2.000  3.782   1.00 79.48  ? 8   GLU A C    1 
ATOM   95   O O    . GLU A 1 8  ? -13.147 -0.805  3.548   1.00 79.33  ? 8   GLU A O    1 
ATOM   96   C CB   . GLU A 1 8  ? -12.552 -3.480  5.598   1.00 79.45  ? 8   GLU A CB   1 
ATOM   97   C CG   . GLU A 1 8  ? -12.254 -3.528  7.066   1.00 92.20  ? 8   GLU A CG   1 
ATOM   98   C CD   . GLU A 1 8  ? -10.787 -3.771  7.312   1.00 97.12  ? 8   GLU A CD   1 
ATOM   99   O OE1  . GLU A 1 8  ? -10.248 -4.764  6.762   1.00 92.11  ? 8   GLU A OE1  1 
ATOM   100  O OE2  . GLU A 1 8  ? -10.177 -2.944  8.024   1.00 90.49  ? 8   GLU A OE2  1 
ATOM   101  H H    . GLU A 1 8  ? -14.933 -3.926  5.560   1.00 99.72  ? 8   GLU A H    1 
ATOM   102  H HA   . GLU A 1 8  ? -13.618 -1.736  5.790   1.00 96.32  ? 8   GLU A HA   1 
ATOM   103  H HB2  . GLU A 1 8  ? -12.824 -4.370  5.327   1.00 95.34  ? 8   GLU A HB2  1 
ATOM   104  H HB3  . GLU A 1 8  ? -11.730 -3.239  5.142   1.00 95.34  ? 8   GLU A HB3  1 
ATOM   105  H HG2  . GLU A 1 8  ? -12.495 -2.680  7.471   1.00 110.64 ? 8   GLU A HG2  1 
ATOM   106  H HG3  . GLU A 1 8  ? -12.756 -4.252  7.472   1.00 110.64 ? 8   GLU A HG3  1 
ATOM   107  N N    . TRP A 1 9  ? -13.304 -2.957  2.858   1.00 90.82  ? 9   TRP A N    1 
ATOM   108  C CA   . TRP A 1 9  ? -13.056 -2.689  1.450   1.00 77.66  ? 9   TRP A CA   1 
ATOM   109  C C    . TRP A 1 9  ? -13.995 -1.620  0.917   1.00 66.27  ? 9   TRP A C    1 
ATOM   110  O O    . TRP A 1 9  ? -13.578 -0.739  0.164   1.00 59.91  ? 9   TRP A O    1 
ATOM   111  C CB   . TRP A 1 9  ? -13.207 -3.976  0.626   1.00 78.53  ? 9   TRP A CB   1 
ATOM   112  C CG   . TRP A 1 9  ? -12.643 -3.849  -0.759  1.00 68.80  ? 9   TRP A CG   1 
ATOM   113  C CD1  . TRP A 1 9  ? -11.403 -4.241  -1.195  1.00 65.14  ? 9   TRP A CD1  1 
ATOM   114  C CD2  . TRP A 1 9  ? -13.304 -3.273  -1.887  1.00 65.32  ? 9   TRP A CD2  1 
ATOM   115  N NE1  . TRP A 1 9  ? -11.260 -3.935  -2.532  1.00 54.65  ? 9   TRP A NE1  1 
ATOM   116  C CE2  . TRP A 1 9  ? -12.418 -3.346  -2.977  1.00 58.20  ? 9   TRP A CE2  1 
ATOM   117  C CE3  . TRP A 1 9  ? -14.566 -2.706  -2.078  1.00 54.77  ? 9   TRP A CE3  1 
ATOM   118  C CZ2  . TRP A 1 9  ? -12.759 -2.860  -4.249  1.00 53.65  ? 9   TRP A CZ2  1 
ATOM   119  C CZ3  . TRP A 1 9  ? -14.907 -2.222  -3.344  1.00 63.26  ? 9   TRP A CZ3  1 
ATOM   120  C CH2  . TRP A 1 9  ? -14.013 -2.309  -4.411  1.00 51.11  ? 9   TRP A CH2  1 
ATOM   121  H H    . TRP A 1 9  ? -13.423 -3.791  3.032   0.98 108.99 ? 9   TRP A H    1 
ATOM   122  H HA   . TRP A 1 9  ? -12.147 -2.370  1.344   1.00 93.20  ? 9   TRP A HA   1 
ATOM   123  H HB2  . TRP A 1 9  ? -12.738 -4.695  1.076   1.00 94.24  ? 9   TRP A HB2  1 
ATOM   124  H HB3  . TRP A 1 9  ? -14.149 -4.192  0.549   1.00 94.24  ? 9   TRP A HB3  1 
ATOM   125  H HD1  . TRP A 1 9  ? -10.753 -4.644  -0.666  1.00 78.16  ? 9   TRP A HD1  1 
ATOM   126  H HE1  . TRP A 1 9  ? -10.564 -4.095  -3.011  1.00 65.57  ? 9   TRP A HE1  1 
ATOM   127  H HE3  . TRP A 1 9  ? -15.168 -2.645  -1.373  1.00 65.72  ? 9   TRP A HE3  1 
ATOM   128  H HZ2  . TRP A 1 9  ? -12.164 -2.918  -4.963  1.00 64.38  ? 9   TRP A HZ2  1 
ATOM   129  H HZ3  . TRP A 1 9  ? -15.746 -1.844  -3.480  1.00 75.92  ? 9   TRP A HZ3  1 
ATOM   130  H HH2  . TRP A 1 9  ? -14.264 -1.981  -5.244  1.00 61.34  ? 9   TRP A HH2  1 
ATOM   131  N N    . GLN A 1 10 ? -15.261 -1.688  1.317   1.00 76.83  ? 10  GLN A N    1 
ATOM   132  C CA   . GLN A 1 10 ? -16.250 -0.731  0.839   1.00 64.36  ? 10  GLN A CA   1 
ATOM   133  C C    . GLN A 1 10 ? -15.969 0.676   1.337   1.00 66.14  ? 10  GLN A C    1 
ATOM   134  O O    . GLN A 1 10 ? -16.126 1.640   0.592   1.00 59.13  ? 10  GLN A O    1 
ATOM   135  C CB   . GLN A 1 10 ? -17.660 -1.143  1.263   1.00 71.42  ? 10  GLN A CB   1 
ATOM   136  C CG   . GLN A 1 10 ? -18.749 -0.200  0.706   1.00 78.65  ? 10  GLN A CG   1 
ATOM   137  C CD   . GLN A 1 10 ? -20.068 -0.251  1.483   1.00 87.28  ? 10  GLN A CD   1 
ATOM   138  O OE1  . GLN A 1 10 ? -20.169 -0.895  2.538   1.00 89.30  ? 10  GLN A OE1  1 
ATOM   139  N NE2  . GLN A 1 10 ? -21.087 0.436   0.959   1.00 79.64  ? 10  GLN A NE2  1 
ATOM   140  H H    . GLN A 1 10 ? -15.571 -2.277  1.862   1.00 92.20  ? 10  GLN A H    1 
ATOM   141  H HA   . GLN A 1 10 ? -16.224 -0.714  -0.131  1.00 77.23  ? 10  GLN A HA   1 
ATOM   142  H HB2  . GLN A 1 10 ? -17.840 -2.038  0.934   1.00 85.70  ? 10  GLN A HB2  1 
ATOM   143  H HB3  . GLN A 1 10 ? -17.716 -1.128  2.232   1.00 85.70  ? 10  GLN A HB3  1 
ATOM   144  H HG2  . GLN A 1 10 ? -18.420 0.713   0.741   1.00 94.37  ? 10  GLN A HG2  1 
ATOM   145  H HG3  . GLN A 1 10 ? -18.936 -0.447  -0.212  1.00 94.37  ? 10  GLN A HG3  1 
ATOM   146  H HE21 . GLN A 1 10 ? -21.850 0.441   1.355   1.00 95.57  ? 10  GLN A HE21 1 
ATOM   147  H HE22 . GLN A 1 10 ? -20.979 0.873   0.227   1.00 95.57  ? 10  GLN A HE22 1 
ATOM   148  N N    . ASN A 1 11 ? -15.591 0.813   2.605   1.00 68.78  ? 11  ASN A N    1 
ATOM   149  C CA   . ASN A 1 11 ? -15.379 2.141   3.176   1.00 76.08  ? 11  ASN A CA   1 
ATOM   150  C C    . ASN A 1 11 ? -14.169 2.828   2.547   1.00 67.44  ? 11  ASN A C    1 
ATOM   151  O O    . ASN A 1 11 ? -14.188 4.041   2.287   1.00 68.31  ? 11  ASN A O    1 
ATOM   152  C CB   . ASN A 1 11 ? -15.211 2.060   4.696   1.00 80.57  ? 11  ASN A CB   1 
ATOM   153  C CG   . ASN A 1 11 ? -15.764 3.281   5.405   1.00 104.81 ? 11  ASN A CG   1 
ATOM   154  O OD1  . ASN A 1 11 ? -16.941 3.313   5.766   1.00 91.59  ? 11  ASN A OD1  1 
ATOM   155  N ND2  . ASN A 1 11 ? -14.922 4.299   5.600   1.00 85.66  ? 11  ASN A ND2  1 
ATOM   156  H H    . ASN A 1 11 ? -15.451 0.162   3.149   1.00 82.53  ? 11  ASN A H    1 
ATOM   157  H HA   . ASN A 1 11 ? -16.160 2.688   2.992   1.00 91.29  ? 11  ASN A HA   1 
ATOM   158  H HB2  . ASN A 1 11 ? -15.685 1.281   5.026   1.00 96.68  ? 11  ASN A HB2  1 
ATOM   159  H HB3  . ASN A 1 11 ? -14.267 1.992   4.907   1.00 96.68  ? 11  ASN A HB3  1 
ATOM   160  H HD21 . ASN A 1 11 ? -15.193 5.010   5.999   1.00 102.80 ? 11  ASN A HD21 1 
ATOM   161  H HD22 . ASN A 1 11 ? -14.108 4.241   5.328   1.00 102.80 ? 11  ASN A HD22 1 
ATOM   162  N N    . ALA A 1 12 ? -13.132 2.040   2.280   1.00 52.44  ? 12  ALA A N    1 
ATOM   163  C CA   . ALA A 1 12 ? -11.939 2.553   1.638   1.00 50.67  ? 12  ALA A CA   1 
ATOM   164  C C    . ALA A 1 12 ? -12.288 3.110   0.241   1.00 54.04  ? 12  ALA A C    1 
ATOM   165  O O    . ALA A 1 12 ? -11.981 4.261   -0.057  1.00 52.78  ? 12  ALA A O    1 
ATOM   166  C CB   . ALA A 1 12 ? -10.880 1.465   1.547   1.00 50.21  ? 12  ALA A CB   1 
ATOM   167  H H    . ALA A 1 12 ? -13.098 1.201   2.463   1.00 62.92  ? 12  ALA A H    1 
ATOM   168  H HA   . ALA A 1 12 ? -11.580 3.279   2.171   1.00 60.81  ? 12  ALA A HA   1 
ATOM   169  H HB1  . ALA A 1 12 ? -11.231 0.725   1.026   1.00 60.25  ? 12  ALA A HB1  1 
ATOM   170  H HB2  . ALA A 1 12 ? -10.091 1.829   1.115   1.00 60.25  ? 12  ALA A HB2  1 
ATOM   171  H HB3  . ALA A 1 12 ? -10.658 1.164   2.442   1.00 60.25  ? 12  ALA A HB3  1 
ATOM   172  N N    . PHE A 1 13 ? -12.953 2.310   -0.593  1.00 57.36  ? 13  PHE A N    1 
ATOM   173  C CA   . PHE A 1 13 ? -13.418 2.774   -1.930  1.00 50.36  ? 13  PHE A CA   1 
ATOM   174  C C    . PHE A 1 13 ? -14.091 4.152   -1.865  1.00 53.24  ? 13  PHE A C    1 
ATOM   175  O O    . PHE A 1 13 ? -13.684 5.099   -2.541  1.00 45.55  ? 13  PHE A O    1 
ATOM   176  C CB   . PHE A 1 13 ? -14.396 1.751   -2.539  1.00 56.46  ? 13  PHE A CB   1 
ATOM   177  C CG   . PHE A 1 13 ? -14.819 2.046   -3.991  1.00 49.90  ? 13  PHE A CG   1 
ATOM   178  C CD1  . PHE A 1 13 ? -15.741 3.035   -4.282  1.00 65.17  ? 13  PHE A CD1  1 
ATOM   179  C CD2  . PHE A 1 13 ? -14.327 1.274   -5.032  1.00 54.23  ? 13  PHE A CD2  1 
ATOM   180  C CE1  . PHE A 1 13 ? -16.147 3.283   -5.599  1.00 55.93  ? 13  PHE A CE1  1 
ATOM   181  C CE2  . PHE A 1 13 ? -14.714 1.500   -6.348  1.00 50.22  ? 13  PHE A CE2  1 
ATOM   182  C CZ   . PHE A 1 13 ? -15.634 2.519   -6.631  1.00 56.41  ? 13  PHE A CZ   1 
ATOM   183  H H    . PHE A 1 13 ? -13.151 1.492   -0.420  1.00 68.83  ? 13  PHE A H    1 
ATOM   184  H HA   . PHE A 1 13 ? -12.653 2.845   -2.522  1.00 60.43  ? 13  PHE A HA   1 
ATOM   185  H HB2  . PHE A 1 13 ? -13.974 0.877   -2.528  1.00 67.76  ? 13  PHE A HB2  1 
ATOM   186  H HB3  . PHE A 1 13 ? -15.200 1.731   -1.997  1.00 67.76  ? 13  PHE A HB3  1 
ATOM   187  H HD1  . PHE A 1 13 ? -16.088 3.553   -3.593  1.00 78.20  ? 13  PHE A HD1  1 
ATOM   188  H HD2  . PHE A 1 13 ? -13.715 0.598   -4.849  1.00 65.08  ? 13  PHE A HD2  1 
ATOM   189  H HE1  . PHE A 1 13 ? -16.758 3.961   -5.779  1.00 67.12  ? 13  PHE A HE1  1 
ATOM   190  H HE2  . PHE A 1 13 ? -14.363 0.981   -7.036  1.00 60.27  ? 13  PHE A HE2  1 
ATOM   191  H HZ   . PHE A 1 13 ? -15.898 2.680   -7.508  1.00 67.69  ? 13  PHE A HZ   1 
ATOM   192  N N    . TYR A 1 14 ? -15.105 4.305   -1.032  1.00 60.56  ? 14  TYR A N    1 
ATOM   193  C CA   . TYR A 1 14 ? -15.834 5.559   -1.082  1.00 69.77  ? 14  TYR A CA   1 
ATOM   194  C C    . TYR A 1 14 ? -15.097 6.689   -0.362  1.00 65.65  ? 14  TYR A C    1 
ATOM   195  O O    . TYR A 1 14 ? -15.303 7.845   -0.702  1.00 60.66  ? 14  TYR A O    1 
ATOM   196  C CB   . TYR A 1 14 ? -17.259 5.366   -0.549  1.00 82.09  ? 14  TYR A CB   1 
ATOM   197  C CG   . TYR A 1 14 ? -18.106 4.513   -1.500  1.00 105.59 ? 14  TYR A CG   1 
ATOM   198  C CD1  . TYR A 1 14 ? -18.822 5.093   -2.561  1.00 99.83  ? 14  TYR A CD1  1 
ATOM   199  C CD2  . TYR A 1 14 ? -18.157 3.123   -1.359  1.00 84.53  ? 14  TYR A CD2  1 
ATOM   200  C CE1  . TYR A 1 14 ? -19.584 4.301   -3.440  1.00 83.16  ? 14  TYR A CE1  1 
ATOM   201  C CE2  . TYR A 1 14 ? -18.906 2.331   -2.227  1.00 84.37  ? 14  TYR A CE2  1 
ATOM   202  C CZ   . TYR A 1 14 ? -19.615 2.922   -3.264  1.00 79.12  ? 14  TYR A CZ   1 
ATOM   203  O OH   . TYR A 1 14 ? -20.347 2.111   -4.095  1.00 63.77  ? 14  TYR A OH   1 
ATOM   204  H H    . TYR A 1 14 ? -15.381 3.729   -0.456  1.00 72.67  ? 14  TYR A H    1 
ATOM   205  H HA   . TYR A 1 14 ? -15.914 5.823   -2.011  1.00 83.72  ? 14  TYR A HA   1 
ATOM   206  H HB2  . TYR A 1 14 ? -17.222 4.916   0.310   1.00 98.51  ? 14  TYR A HB2  1 
ATOM   207  H HB3  . TYR A 1 14 ? -17.686 6.231   -0.455  1.00 98.51  ? 14  TYR A HB3  1 
ATOM   208  H HD1  . TYR A 1 14 ? -18.799 6.015   -2.679  1.00 119.80 ? 14  TYR A HD1  1 
ATOM   209  H HD2  . TYR A 1 14 ? -17.684 2.718   -0.668  1.00 101.43 ? 14  TYR A HD2  1 
ATOM   210  H HE1  . TYR A 1 14 ? -20.059 4.696   -4.136  1.00 99.79  ? 14  TYR A HE1  1 
ATOM   211  H HE2  . TYR A 1 14 ? -18.933 1.408   -2.112  1.00 101.24 ? 14  TYR A HE2  1 
ATOM   212  H HH   . TYR A 1 14 ? -20.263 1.309   -3.860  1.00 76.52  ? 14  TYR A HH   1 
ATOM   213  N N    . GLU A 1 15 ? -14.223 6.387   0.597   1.00 63.64  ? 15  GLU A N    1 
ATOM   214  C CA   . GLU A 1 15 ? -13.392 7.451   1.167   1.00 60.51  ? 15  GLU A CA   1 
ATOM   215  C C    . GLU A 1 15 ? -12.399 7.961   0.133   1.00 57.60  ? 15  GLU A C    1 
ATOM   216  O O    . GLU A 1 15 ? -12.258 9.154   -0.049  1.00 52.75  ? 15  GLU A O    1 
ATOM   217  C CB   . GLU A 1 15 ? -12.659 6.977   2.425   1.00 66.70  ? 15  GLU A CB   1 
ATOM   218  C CG   . GLU A 1 15 ? -13.302 7.507   3.665   1.00 68.90  ? 15  GLU A CG   1 
ATOM   219  C CD   . GLU A 1 15 ? -12.596 7.071   4.923   1.00 74.13  ? 15  GLU A CD   1 
ATOM   220  O OE1  . GLU A 1 15 ? -11.766 7.865   5.416   1.00 67.67  ? 15  GLU A OE1  1 
ATOM   221  O OE2  . GLU A 1 15 ? -12.874 5.946   5.410   1.00 74.65  ? 15  GLU A OE2  1 
ATOM   222  H H    . GLU A 1 15 ? -14.093 5.603   0.928   1.00 76.37  ? 15  GLU A H    1 
ATOM   223  H HA   . GLU A 1 15 ? -13.965 8.193   1.420   1.00 72.62  ? 15  GLU A HA   1 
ATOM   224  H HB2  . GLU A 1 15 ? -12.682 6.007   2.462   1.00 80.03  ? 15  GLU A HB2  1 
ATOM   225  H HB3  . GLU A 1 15 ? -11.743 7.291   2.400   1.00 80.03  ? 15  GLU A HB3  1 
ATOM   226  H HG2  . GLU A 1 15 ? -13.292 8.477   3.636   1.00 82.68  ? 15  GLU A HG2  1 
ATOM   227  H HG3  . GLU A 1 15 ? -14.218 7.187   3.708   1.00 82.68  ? 15  GLU A HG3  1 
ATOM   228  N N    . ILE A 1 16 ? -11.722 7.049   -0.554  1.00 46.55  ? 16  ILE A N    1 
ATOM   229  C CA   . ILE A 1 16 ? -10.783 7.430   -1.584  1.00 48.10  ? 16  ILE A CA   1 
ATOM   230  C C    . ILE A 1 16 ? -11.494 8.223   -2.707  1.00 57.74  ? 16  ILE A C    1 
ATOM   231  O O    . ILE A 1 16 ? -10.957 9.210   -3.173  1.00 51.82  ? 16  ILE A O    1 
ATOM   232  C CB   . ILE A 1 16 ? -10.069 6.178   -2.135  1.00 46.18  ? 16  ILE A CB   1 
ATOM   233  C CG1  . ILE A 1 16 ? -9.164  5.575   -1.011  1.00 51.77  ? 16  ILE A CG1  1 
ATOM   234  C CG2  . ILE A 1 16 ? -9.271  6.500   -3.401  1.00 51.01  ? 16  ILE A CG2  1 
ATOM   235  C CD1  . ILE A 1 16 ? -8.508  4.190   -1.315  1.00 48.44  ? 16  ILE A CD1  1 
ATOM   236  H H    . ILE A 1 16 ? -11.792 6.200   -0.437  1.00 55.86  ? 16  ILE A H    1 
ATOM   237  H HA   . ILE A 1 16 ? -10.110 8.009   -1.194  1.00 57.72  ? 16  ILE A HA   1 
ATOM   238  H HB   . ILE A 1 16 ? -10.745 5.520   -2.363  1.00 55.42  ? 16  ILE A HB   1 
ATOM   239  H HG12 . ILE A 1 16 ? -8.446  6.201   -0.831  1.00 62.12  ? 16  ILE A HG12 1 
ATOM   240  H HG13 . ILE A 1 16 ? -9.704  5.467   -0.212  1.00 62.12  ? 16  ILE A HG13 1 
ATOM   241  H HG21 . ILE A 1 16 ? -8.838  5.691   -3.715  1.00 61.21  ? 16  ILE A HG21 1 
ATOM   242  H HG22 . ILE A 1 16 ? -9.879  6.835   -4.078  1.00 61.21  ? 16  ILE A HG22 1 
ATOM   243  H HG23 . ILE A 1 16 ? -8.604  7.172   -3.191  1.00 61.21  ? 16  ILE A HG23 1 
ATOM   244  H HD11 . ILE A 1 16 ? -7.974  3.919   -0.551  1.00 58.13  ? 16  ILE A HD11 1 
ATOM   245  H HD12 . ILE A 1 16 ? -9.207  3.539   -1.478  1.00 58.13  ? 16  ILE A HD12 1 
ATOM   246  H HD13 . ILE A 1 16 ? -7.943  4.275   -2.100  1.00 58.13  ? 16  ILE A HD13 1 
ATOM   247  N N    . LEU A 1 17 ? -12.692 7.792   -3.099  1.00 55.14  ? 17  LEU A N    1 
ATOM   248  C CA   . LEU A 1 17 ? -13.475 8.467   -4.146  1.00 66.23  ? 17  LEU A CA   1 
ATOM   249  C C    . LEU A 1 17 ? -13.670 9.944   -3.821  1.00 60.82  ? 17  LEU A C    1 
ATOM   250  O O    . LEU A 1 17 ? -13.573 10.785  -4.696  1.00 65.46  ? 17  LEU A O    1 
ATOM   251  C CB   . LEU A 1 17 ? -14.836 7.792   -4.307  1.00 53.00  ? 17  LEU A CB   1 
ATOM   252  C CG   . LEU A 1 17 ? -15.736 8.209   -5.461  1.00 72.95  ? 17  LEU A CG   1 
ATOM   253  C CD1  . LEU A 1 17 ? -15.100 7.815   -6.777  1.00 65.96  ? 17  LEU A CD1  1 
ATOM   254  C CD2  . LEU A 1 17 ? -17.102 7.565   -5.294  1.00 77.24  ? 17  LEU A CD2  1 
ATOM   255  H H    . LEU A 1 17 ? -13.082 7.100   -2.771  1.00 66.17  ? 17  LEU A H    1 
ATOM   256  H HA   . LEU A 1 17 ? -13.002 8.402   -4.990  1.00 79.48  ? 17  LEU A HA   1 
ATOM   257  H HB2  . LEU A 1 17 ? -14.682 6.839   -4.403  1.00 63.60  ? 17  LEU A HB2  1 
ATOM   258  H HB3  . LEU A 1 17 ? -15.339 7.947   -3.492  1.00 63.60  ? 17  LEU A HB3  1 
ATOM   259  H HG   . LEU A 1 17 ? -15.848 9.172   -5.451  1.00 87.54  ? 17  LEU A HG   1 
ATOM   260  H HD11 . LEU A 1 17 ? -15.683 8.087   -7.503  1.00 79.15  ? 17  LEU A HD11 1 
ATOM   261  H HD12 . LEU A 1 17 ? -14.242 8.259   -6.858  1.00 79.15  ? 17  LEU A HD12 1 
ATOM   262  H HD13 . LEU A 1 17 ? -14.977 6.853   -6.792  1.00 79.15  ? 17  LEU A HD13 1 
ATOM   263  H HD21 . LEU A 1 17 ? -17.670 7.834   -6.032  1.00 92.69  ? 17  LEU A HD21 1 
ATOM   264  H HD22 . LEU A 1 17 ? -16.997 6.601   -5.291  1.00 92.69  ? 17  LEU A HD22 1 
ATOM   265  H HD23 . LEU A 1 17 ? -17.488 7.858   -4.454  1.00 92.69  ? 17  LEU A HD23 1 
ATOM   266  N N    . HIS A 1 18 ? -13.872 10.245  -2.539  1.00 67.76  ? 18  HIS A N    1 
ATOM   267  C CA   . HIS A 1 18 ? -14.201 11.601  -2.103  1.00 64.83  ? 18  HIS A CA   1 
ATOM   268  C C    . HIS A 1 18 ? -13.017 12.386  -1.529  1.00 71.94  ? 18  HIS A C    1 
ATOM   269  O O    . HIS A 1 18 ? -13.216 13.458  -0.956  1.00 51.38  ? 18  HIS A O    1 
ATOM   270  C CB   . HIS A 1 18 ? -15.330 11.546  -1.057  1.00 67.66  ? 18  HIS A CB   1 
ATOM   271  C CG   . HIS A 1 18 ? -16.635 11.037  -1.592  1.00 69.43  ? 18  HIS A CG   1 
ATOM   272  N ND1  . HIS A 1 18 ? -17.301 9.958   -1.038  1.00 73.35  ? 18  HIS A ND1  1 
ATOM   273  C CD2  . HIS A 1 18 ? -17.408 11.460  -2.624  1.00 71.59  ? 18  HIS A CD2  1 
ATOM   274  C CE1  . HIS A 1 18 ? -18.416 9.739   -1.710  1.00 79.33  ? 18  HIS A CE1  1 
ATOM   275  N NE2  . HIS A 1 18 ? -18.507 10.636  -2.676  1.00 87.25  ? 18  HIS A NE2  1 
ATOM   276  H H    . HIS A 1 18 ? -13.823 9.676   -1.896  1.00 81.32  ? 18  HIS A H    1 
ATOM   277  H HA   . HIS A 1 18 ? -14.535 12.096  -2.867  1.00 77.79  ? 18  HIS A HA   1 
ATOM   278  H HB2  . HIS A 1 18 ? -15.057 10.958  -0.335  1.00 81.20  ? 18  HIS A HB2  1 
ATOM   279  H HB3  . HIS A 1 18 ? -15.479 12.440  -0.713  1.00 81.20  ? 18  HIS A HB3  1 
ATOM   280  H HD2  . HIS A 1 18 ? -17.226 12.173  -3.193  1.00 85.91  ? 18  HIS A HD2  1 
ATOM   281  H HE1  . HIS A 1 18 ? -19.036 9.069   -1.531  1.00 95.20  ? 18  HIS A HE1  1 
ATOM   282  H HE2  . HIS A 1 18 ? -19.150 10.694  -3.244  1.00 104.71 ? 18  HIS A HE2  1 
ATOM   283  N N    . LEU A 1 19 ? -11.795 11.872  -1.665  1.00 61.72  ? 19  LEU A N    1 
ATOM   284  C CA   . LEU A 1 19 ? -10.634 12.643  -1.227  1.00 65.39  ? 19  LEU A CA   1 
ATOM   285  C C    . LEU A 1 19 ? -10.370 13.758  -2.254  1.00 65.04  ? 19  LEU A C    1 
ATOM   286  O O    . LEU A 1 19 ? -10.171 13.478  -3.440  1.00 63.10  ? 19  LEU A O    1 
ATOM   287  C CB   . LEU A 1 19 ? -9.395  11.746  -1.034  1.00 67.26  ? 19  LEU A CB   1 
ATOM   288  C CG   . LEU A 1 19 ? -9.363  10.882  0.249   1.00 56.64  ? 19  LEU A CG   1 
ATOM   289  C CD1  . LEU A 1 19 ? -8.174  9.920   0.281   1.00 62.05  ? 19  LEU A CD1  1 
ATOM   290  C CD2  . LEU A 1 19 ? -9.317  11.724  1.513   1.00 58.72  ? 19  LEU A CD2  1 
ATOM   291  H H    . LEU A 1 19 ? -11.614 11.100  -1.998  1.00 74.07  ? 19  LEU A H    1 
ATOM   292  H HA   . LEU A 1 19 ? -10.836 13.061  -0.376  1.00 78.46  ? 19  LEU A HA   1 
ATOM   293  H HB2  . LEU A 1 19 ? -9.337  11.141  -1.790  1.00 80.71  ? 19  LEU A HB2  1 
ATOM   294  H HB3  . LEU A 1 19 ? -8.609  12.315  -1.017  1.00 80.71  ? 19  LEU A HB3  1 
ATOM   295  H HG   . LEU A 1 19 ? -10.173 10.348  0.282   1.00 67.97  ? 19  LEU A HG   1 
ATOM   296  H HD11 . LEU A 1 19 ? -8.207  9.407   1.104   1.00 74.46  ? 19  LEU A HD11 1 
ATOM   297  H HD12 . LEU A 1 19 ? -8.231  9.325   -0.483  1.00 74.46  ? 19  LEU A HD12 1 
ATOM   298  H HD13 . LEU A 1 19 ? -7.353  10.433  0.242   1.00 74.46  ? 19  LEU A HD13 1 
ATOM   299  H HD21 . LEU A 1 19 ? -9.298  11.134  2.283   1.00 70.46  ? 19  LEU A HD21 1 
ATOM   300  H HD22 . LEU A 1 19 ? -8.519  12.273  1.497   1.00 70.46  ? 19  LEU A HD22 1 
ATOM   301  H HD23 . LEU A 1 19 ? -10.106 12.287  1.546   1.00 70.46  ? 19  LEU A HD23 1 
ATOM   302  N N    . PRO A 1 20 ? -10.362 15.025  -1.791  1.00 67.11  ? 20  PRO A N    1 
ATOM   303  C CA   . PRO A 1 20 ? -10.385 16.219  -2.647  1.00 65.09  ? 20  PRO A CA   1 
ATOM   304  C C    . PRO A 1 20 ? -9.079  16.597  -3.299  1.00 72.11  ? 20  PRO A C    1 
ATOM   305  O O    . PRO A 1 20 ? -9.057  17.150  -4.395  1.00 62.11  ? 20  PRO A O    1 
ATOM   306  C CB   . PRO A 1 20 ? -10.756 17.315  -1.673  1.00 57.60  ? 20  PRO A CB   1 
ATOM   307  C CG   . PRO A 1 20 ? -10.162 16.906  -0.431  1.00 73.64  ? 20  PRO A CG   1 
ATOM   308  C CD   . PRO A 1 20 ? -10.364 15.417  -0.368  1.00 66.90  ? 20  PRO A CD   1 
ATOM   309  H HA   . PRO A 1 20 ? -11.075 16.139  -3.324  1.00 78.11  ? 20  PRO A HA   1 
ATOM   310  H HB2  . PRO A 1 20 ? -10.385 18.160  -1.972  1.00 69.12  ? 20  PRO A HB2  1 
ATOM   311  H HB3  . PRO A 1 20 ? -11.721 17.370  -1.593  1.00 69.12  ? 20  PRO A HB3  1 
ATOM   312  H HG2  . PRO A 1 20 ? -9.217  17.125  -0.433  1.00 88.37  ? 20  PRO A HG2  1 
ATOM   313  H HG3  . PRO A 1 20 ? -10.615 17.344  0.307   1.00 88.37  ? 20  PRO A HG3  1 
ATOM   314  H HD2  . PRO A 1 20 ? -9.628  14.993  0.102   1.00 80.28  ? 20  PRO A HD2  1 
ATOM   315  H HD3  . PRO A 1 20 ? -11.217 15.206  0.042   1.00 80.28  ? 20  PRO A HD3  1 
ATOM   316  N N    . ASN A 1 21 ? -7.988  16.346  -2.593  1.00 70.71  ? 21  ASN A N    1 
ATOM   317  C CA   . ASN A 1 21 ? -6.687  16.801  -3.041  1.00 79.79  ? 21  ASN A CA   1 
ATOM   318  C C    . ASN A 1 21 ? -6.011  15.823  -3.998  1.00 72.28  ? 21  ASN A C    1 
ATOM   319  O O    . ASN A 1 21 ? -4.972  16.133  -4.573  1.00 73.17  ? 21  ASN A O    1 
ATOM   320  C CB   . ASN A 1 21 ? -5.807  17.059  -1.826  1.00 75.25  ? 21  ASN A CB   1 
ATOM   321  C CG   . ASN A 1 21 ? -6.405  18.088  -0.905  1.00 77.23  ? 21  ASN A CG   1 
ATOM   322  O OD1  . ASN A 1 21 ? -7.105  18.993  -1.355  1.00 86.82  ? 21  ASN A OD1  1 
ATOM   323  N ND2  . ASN A 1 21 ? -6.163  17.946  0.387   1.00 63.67  ? 21  ASN A ND2  1 
ATOM   324  H H    . ASN A 1 21 ? -7.975  15.913  -1.851  1.00 84.85  ? 21  ASN A H    1 
ATOM   325  H HA   . ASN A 1 21 ? -6.797  17.643  -3.510  1.00 95.75  ? 21  ASN A HA   1 
ATOM   326  H HB2  . ASN A 1 21 ? -5.700  16.233  -1.329  1.00 90.31  ? 21  ASN A HB2  1 
ATOM   327  H HB3  . ASN A 1 21 ? -4.942  17.385  -2.123  1.00 90.31  ? 21  ASN A HB3  1 
ATOM   328  H HD21 . ASN A 1 21 ? -6.486  18.511  0.949   1.00 76.41  ? 21  ASN A HD21 1 
ATOM   329  H HD22 . ASN A 1 21 ? -5.683  17.289  0.665   1.00 76.41  ? 21  ASN A HD22 1 
ATOM   330  N N    . LEU A 1 22 ? -6.598  14.648  -4.189  1.00 68.51  ? 22  LEU A N    1 
ATOM   331  C CA   . LEU A 1 22 ? -6.081  13.743  -5.203  1.00 67.84  ? 22  LEU A CA   1 
ATOM   332  C C    . LEU A 1 22 ? -6.520  14.208  -6.579  1.00 64.73  ? 22  LEU A C    1 
ATOM   333  O O    . LEU A 1 22 ? -7.688  14.558  -6.789  1.00 62.25  ? 22  LEU A O    1 
ATOM   334  C CB   . LEU A 1 22 ? -6.558  12.303  -4.985  1.00 64.37  ? 22  LEU A CB   1 
ATOM   335  C CG   . LEU A 1 22 ? -6.304  11.638  -3.630  1.00 58.93  ? 22  LEU A CG   1 
ATOM   336  C CD1  . LEU A 1 22 ? -6.586  10.145  -3.751  1.00 62.14  ? 22  LEU A CD1  1 
ATOM   337  C CD2  . LEU A 1 22 ? -4.902  11.897  -3.125  1.00 59.09  ? 22  LEU A CD2  1 
ATOM   338  H H    . LEU A 1 22 ? -7.281  14.356  -3.754  1.00 82.21  ? 22  LEU A H    1 
ATOM   339  H HA   . LEU A 1 22 ? -5.112  13.750  -5.173  1.00 81.40  ? 22  LEU A HA   1 
ATOM   340  H HB2  . LEU A 1 22 ? -7.517  12.284  -5.130  1.00 77.25  ? 22  LEU A HB2  1 
ATOM   341  H HB3  . LEU A 1 22 ? -6.129  11.746  -5.654  1.00 77.25  ? 22  LEU A HB3  1 
ATOM   342  H HG   . LEU A 1 22 ? -6.925  12.005  -2.981  1.00 70.72  ? 22  LEU A HG   1 
ATOM   343  H HD11 . LEU A 1 22 ? -6.426  9.723   -2.892  1.00 74.57  ? 22  LEU A HD11 1 
ATOM   344  H HD12 . LEU A 1 22 ? -7.512  10.020  -4.014  1.00 74.57  ? 22  LEU A HD12 1 
ATOM   345  H HD13 . LEU A 1 22 ? -5.997  9.766   -4.422  1.00 74.57  ? 22  LEU A HD13 1 
ATOM   346  H HD21 . LEU A 1 22 ? -4.790  11.458  -2.267  1.00 70.91  ? 22  LEU A HD21 1 
ATOM   347  H HD22 . LEU A 1 22 ? -4.266  11.541  -3.765  1.00 70.91  ? 22  LEU A HD22 1 
ATOM   348  H HD23 . LEU A 1 22 ? -4.774  12.853  -3.026  1.00 70.91  ? 22  LEU A HD23 1 
ATOM   349  N N    . THR A 1 23 ? -5.571  14.193  -7.512  1.00 61.99  ? 23  THR A N    1 
ATOM   350  C CA   . THR A 1 23 ? -5.888  14.253  -8.925  1.00 63.06  ? 23  THR A CA   1 
ATOM   351  C C    . THR A 1 23 ? -6.745  13.064  -9.254  1.00 65.02  ? 23  THR A C    1 
ATOM   352  O O    . THR A 1 23 ? -6.835  12.144  -8.453  1.00 65.03  ? 23  THR A O    1 
ATOM   353  C CB   . THR A 1 23 ? -4.645  14.194  -9.807  1.00 59.23  ? 23  THR A CB   1 
ATOM   354  O OG1  . THR A 1 23 ? -4.060  12.895  -9.699  1.00 60.79  ? 23  THR A OG1  1 
ATOM   355  C CG2  . THR A 1 23 ? -3.642  15.241  -9.406  1.00 64.03  ? 23  THR A CG2  1 
ATOM   356  H H    . THR A 1 23 ? -4.729  14.148  -7.345  1.00 74.38  ? 23  THR A H    1 
ATOM   357  H HA   . THR A 1 23 ? -6.380  15.065  -9.123  1.00 75.67  ? 23  THR A HA   1 
ATOM   358  H HB   . THR A 1 23 ? -4.899  14.354  -10.729 1.00 71.07  ? 23  THR A HB   1 
ATOM   359  H HG1  . THR A 1 23 ? -3.373  12.847  -10.181 1.00 72.95  ? 23  THR A HG1  1 
ATOM   360  H HG21 . THR A 1 23 ? -2.859  15.187  -9.978  1.00 76.84  ? 23  THR A HG21 1 
ATOM   361  H HG22 . THR A 1 23 ? -4.033  16.124  -9.489  1.00 76.84  ? 23  THR A HG22 1 
ATOM   362  H HG23 . THR A 1 23 ? -3.370  15.104  -8.485  1.00 76.84  ? 23  THR A HG23 1 
ATOM   363  N N    . GLU A 1 24 ? -7.320  13.029  -10.445 1.00 52.41  ? 24  GLU A N    1 
ATOM   364  C CA   . GLU A 1 24 ? -8.131  11.878  -10.813 1.00 60.12  ? 24  GLU A CA   1 
ATOM   365  C C    . GLU A 1 24 ? -7.274  10.644  -11.083 1.00 55.96  ? 24  GLU A C    1 
ATOM   366  O O    . GLU A 1 24 ? -7.720  9.534   -10.815 1.00 51.37  ? 24  GLU A O    1 
ATOM   367  C CB   . GLU A 1 24 ? -8.997  12.161  -12.036 1.00 60.72  ? 24  GLU A CB   1 
ATOM   368  C CG   . GLU A 1 24 ? -9.391  10.879  -12.775 1.00 69.49  ? 24  GLU A CG   1 
ATOM   369  C CD   . GLU A 1 24 ? -10.571 11.044  -13.701 1.00 74.35  ? 24  GLU A CD   1 
ATOM   370  O OE1  . GLU A 1 24 ? -11.192 10.003  -14.020 1.00 61.28  ? 24  GLU A OE1  1 
ATOM   371  O OE2  . GLU A 1 24 ? -10.871 12.191  -14.100 1.00 88.68  ? 24  GLU A OE2  1 
ATOM   372  H H    . GLU A 1 24 ? -7.261  13.641  -11.046 1.00 62.90  ? 24  GLU A H    1 
ATOM   373  H HA   . GLU A 1 24 ? -8.724  11.669  -10.075 1.00 72.14  ? 24  GLU A HA   1 
ATOM   374  H HB2  . GLU A 1 24 ? -9.810  12.608  -11.753 1.00 72.86  ? 24  GLU A HB2  1 
ATOM   375  H HB3  . GLU A 1 24 ? -8.503  12.724  -12.652 1.00 72.86  ? 24  GLU A HB3  1 
ATOM   376  H HG2  . GLU A 1 24 ? -8.636  10.581  -13.306 1.00 83.39  ? 24  GLU A HG2  1 
ATOM   377  H HG3  . GLU A 1 24 ? -9.620  10.201  -12.121 1.00 83.39  ? 24  GLU A HG3  1 
ATOM   378  N N    . GLU A 1 25 ? -6.072  10.834  -11.624 1.00 49.31  ? 25  GLU A N    1 
ATOM   379  C CA   . GLU A 1 25 ? -5.170  9.722   -11.919 1.00 60.76  ? 25  GLU A CA   1 
ATOM   380  C C    . GLU A 1 25 ? -4.793  8.943   -10.640 1.00 56.93  ? 25  GLU A C    1 
ATOM   381  O O    . GLU A 1 25 ? -4.817  7.694   -10.617 1.00 52.68  ? 25  GLU A O    1 
ATOM   382  C CB   . GLU A 1 25 ? -3.905  10.237  -12.615 1.00 71.34  ? 25  GLU A CB   1 
ATOM   383  C CG   . GLU A 1 25 ? -2.893  9.132   -13.006 1.00 80.18  ? 25  GLU A CG   1 
ATOM   384  C CD   . GLU A 1 25 ? -1.554  9.679   -13.517 1.00 90.55  ? 25  GLU A CD   1 
ATOM   385  O OE1  . GLU A 1 25 ? -1.479  10.048  -14.716 1.00 82.27  ? 25  GLU A OE1  1 
ATOM   386  O OE2  . GLU A 1 25 ? -0.578  9.733   -12.719 1.00 85.27  ? 25  GLU A OE2  1 
ATOM   387  H H    . GLU A 1 25 ? -5.752  11.605  -11.831 1.00 59.17  ? 25  GLU A H    1 
ATOM   388  H HA   . GLU A 1 25 ? -5.615  9.106   -12.523 1.00 72.91  ? 25  GLU A HA   1 
ATOM   389  H HB2  . GLU A 1 25 ? -4.163  10.700  -13.426 1.00 85.60  ? 25  GLU A HB2  1 
ATOM   390  H HB3  . GLU A 1 25 ? -3.451  10.852  -12.018 1.00 85.60  ? 25  GLU A HB3  1 
ATOM   391  H HG2  . GLU A 1 25 ? -2.713  8.582   -12.228 1.00 96.22  ? 25  GLU A HG2  1 
ATOM   392  H HG3  . GLU A 1 25 ? -3.281  8.589   -13.711 1.00 96.22  ? 25  GLU A HG3  1 
ATOM   393  N N    . GLN A 1 26 ? -4.425  9.698   -9.605  1.00 54.65  ? 26  GLN A N    1 
ATOM   394  C CA   . GLN A 1 26 ? -4.111  9.158   -8.285  1.00 56.38  ? 26  GLN A CA   1 
ATOM   395  C C    . GLN A 1 26 ? -5.292  8.400   -7.704  1.00 54.58  ? 26  GLN A C    1 
ATOM   396  O O    . GLN A 1 26 ? -5.136  7.264   -7.223  1.00 45.24  ? 26  GLN A O    1 
ATOM   397  C CB   . GLN A 1 26 ? -3.705  10.291  -7.355  1.00 53.22  ? 26  GLN A CB   1 
ATOM   398  C CG   . GLN A 1 26 ? -2.451  10.998  -7.815  1.00 51.70  ? 26  GLN A CG   1 
ATOM   399  C CD   . GLN A 1 26 ? -2.047  12.114  -6.892  1.00 64.46  ? 26  GLN A CD   1 
ATOM   400  O OE1  . GLN A 1 26 ? -2.896  12.771  -6.295  1.00 66.07  ? 26  GLN A OE1  1 
ATOM   401  N NE2  . GLN A 1 26 ? -0.740  12.322  -6.749  1.00 72.15  ? 26  GLN A NE2  1 
ATOM   402  H H    . GLN A 1 26 ? -4.348  10.553  -9.646  1.00 65.58  ? 26  GLN A H    1 
ATOM   403  H HA   . GLN A 1 26 ? -3.364  8.543   -8.361  1.00 67.66  ? 26  GLN A HA   1 
ATOM   404  H HB2  . GLN A 1 26 ? -4.421  10.943  -7.319  1.00 63.86  ? 26  GLN A HB2  1 
ATOM   405  H HB3  . GLN A 1 26 ? -3.537  9.930   -6.470  1.00 63.86  ? 26  GLN A HB3  1 
ATOM   406  H HG2  . GLN A 1 26 ? -1.723  10.360  -7.852  1.00 62.04  ? 26  GLN A HG2  1 
ATOM   407  H HG3  . GLN A 1 26 ? -2.607  11.377  -8.694  1.00 62.04  ? 26  GLN A HG3  1 
ATOM   408  H HE21 . GLN A 1 26 ? -0.177  11.829  -7.173  1.00 86.58  ? 26  GLN A HE21 1 
ATOM   409  H HE22 . GLN A 1 26 ? -0.458  12.949  -6.232  1.00 86.58  ? 26  GLN A HE22 1 
ATOM   410  N N    A ARG A 1 27 ? -6.467  9.029   -7.763  0.59 48.09  ? 27  ARG A N    1 
ATOM   411  N N    B ARG A 1 27 ? -6.470  9.018   -7.753  0.41 48.19  ? 27  ARG A N    1 
ATOM   412  C CA   A ARG A 1 27 ? -7.711  8.467   -7.238  0.59 49.39  ? 27  ARG A CA   1 
ATOM   413  C CA   B ARG A 1 27 ? -7.683  8.418   -7.204  0.41 49.29  ? 27  ARG A CA   1 
ATOM   414  C C    A ARG A 1 27 ? -8.009  7.088   -7.813  0.59 47.60  ? 27  ARG A C    1 
ATOM   415  C C    B ARG A 1 27 ? -7.966  7.052   -7.812  0.41 47.99  ? 27  ARG A C    1 
ATOM   416  O O    A ARG A 1 27 ? -8.257  6.145   -7.066  0.59 46.68  ? 27  ARG A O    1 
ATOM   417  O O    B ARG A 1 27 ? -8.163  6.077   -7.088  0.41 46.69  ? 27  ARG A O    1 
ATOM   418  C CB   A ARG A 1 27 ? -8.883  9.406   -7.545  0.59 51.08  ? 27  ARG A CB   1 
ATOM   419  C CB   B ARG A 1 27 ? -8.889  9.331   -7.433  0.41 51.16  ? 27  ARG A CB   1 
ATOM   420  C CG   A ARG A 1 27 ? -10.128 9.178   -6.704  0.59 55.71  ? 27  ARG A CG   1 
ATOM   421  C CG   B ARG A 1 27 ? -10.150 8.869   -6.723  0.41 55.20  ? 27  ARG A CG   1 
ATOM   422  C CD   A ARG A 1 27 ? -11.358 9.957   -7.260  0.59 58.43  ? 27  ARG A CD   1 
ATOM   423  C CD   B ARG A 1 27 ? -11.360 9.738   -7.091  0.41 58.28  ? 27  ARG A CD   1 
ATOM   424  N NE   A ARG A 1 27 ? -11.106 11.382  -7.526  0.59 60.54  ? 27  ARG A NE   1 
ATOM   425  N NE   B ARG A 1 27 ? -11.029 11.156  -7.224  0.41 59.47  ? 27  ARG A NE   1 
ATOM   426  C CZ   A ARG A 1 27 ? -11.147 11.965  -8.728  0.59 55.89  ? 27  ARG A CZ   1 
ATOM   427  C CZ   B ARG A 1 27 ? -10.626 11.942  -6.228  0.41 58.00  ? 27  ARG A CZ   1 
ATOM   428  N NH1  A ARG A 1 27 ? -11.404 11.272  -9.821  0.59 64.87  ? 27  ARG A NH1  1 
ATOM   429  N NH1  B ARG A 1 27 ? -10.474 11.458  -4.996  0.41 57.47  ? 27  ARG A NH1  1 
ATOM   430  N NH2  A ARG A 1 27 ? -10.908 13.260  -8.841  0.59 57.02  ? 27  ARG A NH2  1 
ATOM   431  N NH2  B ARG A 1 27 ? -10.362 13.218  -6.472  0.41 56.81  ? 27  ARG A NH2  1 
ATOM   432  H H    A ARG A 1 27 ? -6.569  9.808   -8.113  0.59 57.70  ? 27  ARG A H    1 
ATOM   433  H H    B ARG A 1 27 ? -6.594  9.794   -8.103  0.41 57.82  ? 27  ARG A H    1 
ATOM   434  H HA   A ARG A 1 27 ? -7.637  8.382   -6.275  0.59 59.27  ? 27  ARG A HA   1 
ATOM   435  H HA   B ARG A 1 27 ? -7.573  8.302   -6.248  0.41 59.15  ? 27  ARG A HA   1 
ATOM   436  H HB2  A ARG A 1 27 ? -8.594  10.320  -7.395  0.59 61.29  ? 27  ARG A HB2  1 
ATOM   437  H HB2  B ARG A 1 27 ? -8.674  10.219  -7.108  0.41 61.39  ? 27  ARG A HB2  1 
ATOM   438  H HB3  A ARG A 1 27 ? -9.135  9.293   -8.475  0.59 61.29  ? 27  ARG A HB3  1 
ATOM   439  H HB3  B ARG A 1 27 ? -9.079  9.365   -8.383  0.41 61.39  ? 27  ARG A HB3  1 
ATOM   440  H HG2  A ARG A 1 27 ? -10.343 8.232   -6.704  0.59 66.85  ? 27  ARG A HG2  1 
ATOM   441  H HG2  B ARG A 1 27 ? -10.343 7.955   -6.980  0.41 66.24  ? 27  ARG A HG2  1 
ATOM   442  H HG3  A ARG A 1 27 ? -9.961  9.483   -5.798  0.59 66.85  ? 27  ARG A HG3  1 
ATOM   443  H HG3  B ARG A 1 27 ? -10.015 8.928   -5.764  0.41 66.24  ? 27  ARG A HG3  1 
ATOM   444  H HD2  A ARG A 1 27 ? -11.634 9.546   -8.094  0.59 70.12  ? 27  ARG A HD2  1 
ATOM   445  H HD2  B ARG A 1 27 ? -11.720 9.434   -7.939  0.41 69.93  ? 27  ARG A HD2  1 
ATOM   446  H HD3  A ARG A 1 27 ? -12.078 9.901   -6.613  0.59 70.12  ? 27  ARG A HD3  1 
ATOM   447  H HD3  B ARG A 1 27 ? -12.032 9.652   -6.397  0.41 69.93  ? 27  ARG A HD3  1 
ATOM   448  H HE   A ARG A 1 27 ? -10.916 11.881  -6.852  0.59 72.65  ? 27  ARG A HE   1 
ATOM   449  H HE   B ARG A 1 27 ? -11.100 11.510  -8.005  0.41 71.36  ? 27  ARG A HE   1 
ATOM   450  H HH11 A ARG A 1 27 ? -11.563 10.429  -9.768  0.59 77.84  ? 27  ARG A HH11 1 
ATOM   451  H HH11 B ARG A 1 27 ? -10.645 10.630  -4.835  0.41 68.96  ? 27  ARG A HH11 1 
ATOM   452  H HH12 A ARG A 1 27 ? -11.422 11.665  -10.585 0.59 77.84  ? 27  ARG A HH12 1 
ATOM   453  H HH12 B ARG A 1 27 ? -10.210 11.974  -4.361  0.41 68.96  ? 27  ARG A HH12 1 
ATOM   454  H HH21 A ARG A 1 27 ? -10.733 13.727  -8.140  0.59 68.42  ? 27  ARG A HH21 1 
ATOM   455  H HH21 B ARG A 1 27 ? -10.456 13.532  -7.267  0.41 68.18  ? 27  ARG A HH21 1 
ATOM   456  H HH22 A ARG A 1 27 ? -10.927 13.635  -9.614  0.59 68.42  ? 27  ARG A HH22 1 
ATOM   457  H HH22 B ARG A 1 27 ? -10.095 13.731  -5.835  0.41 68.18  ? 27  ARG A HH22 1 
ATOM   458  N N    . ASN A 1 28 ? -8.004  6.975   -9.142  1.00 44.29  ? 28  ASN A N    1 
ATOM   459  C CA   . ASN A 1 28 ? -8.286  5.694   -9.794  1.00 43.80  ? 28  ASN A CA   1 
ATOM   460  C C    . ASN A 1 28 ? -7.135  4.712   -9.669  1.00 39.79  ? 28  ASN A C    1 
ATOM   461  O O    . ASN A 1 28 ? -7.294  3.536   -9.969  1.00 43.40  ? 28  ASN A O    1 
ATOM   462  C CB   . ASN A 1 28 ? -8.604  5.885   -11.273 1.00 40.59  ? 28  ASN A CB   1 
ATOM   463  C CG   . ASN A 1 28 ? -9.813  6.766   -11.493 1.00 50.31  ? 28  ASN A CG   1 
ATOM   464  O OD1  . ASN A 1 28 ? -10.714 6.844   -10.665 1.00 48.77  ? 28  ASN A OD1  1 
ATOM   465  N ND2  . ASN A 1 28 ? -9.803  7.458   -12.584 1.00 42.25  ? 28  ASN A ND2  1 
ATOM   466  H H    A ASN A 1 28 ? -7.842  7.621   -9.686  0.59 53.15  ? 28  ASN A H    1 
ATOM   467  H H    B ASN A 1 28 ? -7.873  7.634   -9.679  0.41 53.15  ? 28  ASN A H    1 
ATOM   468  H HA   . ASN A 1 28 ? -9.064  5.295   -9.374  1.00 52.56  ? 28  ASN A HA   1 
ATOM   469  H HB2  . ASN A 1 28 ? -7.844  6.303   -11.709 1.00 48.71  ? 28  ASN A HB2  1 
ATOM   470  H HB3  . ASN A 1 28 ? -8.784  5.020   -11.673 1.00 48.71  ? 28  ASN A HB3  1 
ATOM   471  H HD21 . ASN A 1 28 ? -10.462 7.979   -12.768 1.00 50.70  ? 28  ASN A HD21 1 
ATOM   472  H HD22 . ASN A 1 28 ? -9.137  7.398   -13.125 1.00 50.70  ? 28  ASN A HD22 1 
ATOM   473  N N    . GLY A 1 29 ? -5.974  5.193   -9.247  1.00 45.05  ? 29  GLY A N    1 
ATOM   474  C CA   . GLY A 1 29 ? -4.848  4.308   -9.005  1.00 51.78  ? 29  GLY A CA   1 
ATOM   475  C C    . GLY A 1 29 ? -5.003  3.554   -7.685  1.00 42.78  ? 29  GLY A C    1 
ATOM   476  O O    . GLY A 1 29 ? -4.863  2.333   -7.630  1.00 47.15  ? 29  GLY A O    1 
ATOM   477  H H    . GLY A 1 29 ? -5.814  6.024   -9.093  1.00 54.06  ? 29  GLY A H    1 
ATOM   478  H HA2  . GLY A 1 29 ? -4.780  3.663   -9.725  1.00 62.14  ? 29  GLY A HA2  1 
ATOM   479  H HA3  . GLY A 1 29 ? -4.028  4.826   -8.973  1.00 62.14  ? 29  GLY A HA3  1 
ATOM   480  N N    . PHE A 1 30 ? -5.319  4.292   -6.624  1.00 41.25  ? 30  PHE A N    1 
ATOM   481  C CA   . PHE A 1 30 ? -5.661  3.687   -5.359  1.00 45.91  ? 30  PHE A CA   1 
ATOM   482  C C    . PHE A 1 30 ? -6.885  2.781   -5.521  1.00 48.09  ? 30  PHE A C    1 
ATOM   483  O O    . PHE A 1 30 ? -6.927  1.713   -4.932  1.00 40.68  ? 30  PHE A O    1 
ATOM   484  C CB   . PHE A 1 30 ? -5.933  4.750   -4.299  1.00 41.66  ? 30  PHE A CB   1 
ATOM   485  C CG   . PHE A 1 30 ? -4.725  5.533   -3.857  1.00 43.95  ? 30  PHE A CG   1 
ATOM   486  C CD1  . PHE A 1 30 ? -3.645  4.901   -3.264  1.00 40.22  ? 30  PHE A CD1  1 
ATOM   487  C CD2  . PHE A 1 30 ? -4.714  6.910   -3.948  1.00 46.19  ? 30  PHE A CD2  1 
ATOM   488  C CE1  . PHE A 1 30 ? -2.564  5.628   -2.836  1.00 43.97  ? 30  PHE A CE1  1 
ATOM   489  C CE2  . PHE A 1 30 ? -3.642  7.648   -3.531  1.00 52.13  ? 30  PHE A CE2  1 
ATOM   490  C CZ   . PHE A 1 30 ? -2.556  7.001   -2.968  1.00 50.02  ? 30  PHE A CZ   1 
ATOM   491  H H    . PHE A 1 30 ? -5.342  5.152   -6.619  1.00 49.50  ? 30  PHE A H    1 
ATOM   492  H HA   . PHE A 1 30 ? -4.918  3.141   -5.055  1.00 55.09  ? 30  PHE A HA   1 
ATOM   493  H HB2  . PHE A 1 30 ? -6.578  5.381   -4.655  1.00 50.00  ? 30  PHE A HB2  1 
ATOM   494  H HB3  . PHE A 1 30 ? -6.303  4.315   -3.515  1.00 50.00  ? 30  PHE A HB3  1 
ATOM   495  H HD1  . PHE A 1 30 ? -3.642  3.974   -3.179  1.00 48.27  ? 30  PHE A HD1  1 
ATOM   496  H HD2  . PHE A 1 30 ? -5.440  7.345   -4.333  1.00 55.42  ? 30  PHE A HD2  1 
ATOM   497  H HE1  . PHE A 1 30 ? -1.834  5.195   -2.458  1.00 52.76  ? 30  PHE A HE1  1 
ATOM   498  H HE2  . PHE A 1 30 ? -3.645  8.573   -3.619  1.00 62.56  ? 30  PHE A HE2  1 
ATOM   499  H HZ   . PHE A 1 30 ? -1.823  7.493   -2.674  1.00 60.02  ? 30  PHE A HZ   1 
ATOM   500  N N    . ILE A 1 31 ? -7.892  3.193   -6.300  1.00 41.73  ? 31  ILE A N    1 
ATOM   501  C CA   . ILE A 1 31 ? -9.045  2.329   -6.516  1.00 37.75  ? 31  ILE A CA   1 
ATOM   502  C C    . ILE A 1 31 ? -8.679  1.031   -7.237  1.00 37.65  ? 31  ILE A C    1 
ATOM   503  O O    . ILE A 1 31 ? -9.110  -0.085  -6.833  1.00 42.00  ? 31  ILE A O    1 
ATOM   504  C CB   . ILE A 1 31 ? -10.197 3.082   -7.318  1.00 41.11  ? 31  ILE A CB   1 
ATOM   505  C CG1  . ILE A 1 31 ? -10.799 4.187   -6.458  1.00 43.42  ? 31  ILE A CG1  1 
ATOM   506  C CG2  . ILE A 1 31 ? -11.278 2.119   -7.733  1.00 51.26  ? 31  ILE A CG2  1 
ATOM   507  C CD1  . ILE A 1 31 ? -11.455 3.696   -5.227  1.00 47.26  ? 31  ILE A CD1  1 
ATOM   508  H H    . ILE A 1 31 ? -7.927  3.952   -6.703  1.00 50.07  ? 31  ILE A H    1 
ATOM   509  H HA   . ILE A 1 31 ? -9.408  2.084   -5.650  1.00 45.30  ? 31  ILE A HA   1 
ATOM   510  H HB   . ILE A 1 31 ? -9.813  3.481   -8.114  1.00 49.33  ? 31  ILE A HB   1 
ATOM   511  H HG12 . ILE A 1 31 ? -10.092 4.797   -6.194  1.00 52.10  ? 31  ILE A HG12 1 
ATOM   512  H HG13 . ILE A 1 31 ? -11.465 4.662   -6.980  1.00 52.10  ? 31  ILE A HG13 1 
ATOM   513  H HG21 . ILE A 1 31 ? -11.964 2.605   -8.218  1.00 61.52  ? 31  ILE A HG21 1 
ATOM   514  H HG22 . ILE A 1 31 ? -10.891 1.437   -8.302  1.00 61.52  ? 31  ILE A HG22 1 
ATOM   515  H HG23 . ILE A 1 31 ? -11.658 1.712   -6.939  1.00 61.52  ? 31  ILE A HG23 1 
ATOM   516  H HD11 . ILE A 1 31 ? -11.810 4.452   -4.736  1.00 56.72  ? 31  ILE A HD11 1 
ATOM   517  H HD12 . ILE A 1 31 ? -12.173 3.092   -5.473  1.00 56.72  ? 31  ILE A HD12 1 
ATOM   518  H HD13 . ILE A 1 31 ? -10.800 3.228   -4.686  1.00 56.72  ? 31  ILE A HD13 1 
ATOM   519  N N    . GLN A 1 32 ? -7.835  1.125   -8.251  1.00 40.42  ? 32  GLN A N    1 
ATOM   520  C CA   . GLN A 1 32 ? -7.364  -0.087  -8.915  1.00 47.56  ? 32  GLN A CA   1 
ATOM   521  C C    . GLN A 1 32 ? -6.609  -1.036  -7.940  1.00 44.02  ? 32  GLN A C    1 
ATOM   522  O O    . GLN A 1 32 ? -6.842  -2.246  -7.931  1.00 49.24  ? 32  GLN A O    1 
ATOM   523  C CB   . GLN A 1 32 ? -6.475  0.270   -10.105 1.00 43.32  ? 32  GLN A CB   1 
ATOM   524  C CG   . GLN A 1 32 ? -6.047  -0.961  -10.929 1.00 48.73  ? 32  GLN A CG   1 
ATOM   525  C CD   . GLN A 1 32 ? -7.224  -1.629  -11.611 1.00 60.82  ? 32  GLN A CD   1 
ATOM   526  O OE1  . GLN A 1 32 ? -8.118  -0.949  -12.146 1.00 52.11  ? 32  GLN A OE1  1 
ATOM   527  N NE2  . GLN A 1 32 ? -7.244  -2.962  -11.584 1.00 56.23  ? 32  GLN A NE2  1 
ATOM   528  H H    . GLN A 1 32 ? -7.524  1.860   -8.571  1.00 48.50  ? 32  GLN A H    1 
ATOM   529  H HA   . GLN A 1 32 ? -8.132  -0.571  -9.258  1.00 57.07  ? 32  GLN A HA   1 
ATOM   530  H HB2  . GLN A 1 32 ? -6.961  0.868   -10.693 1.00 51.98  ? 32  GLN A HB2  1 
ATOM   531  H HB3  . GLN A 1 32 ? -5.671  0.705   -9.779  1.00 51.98  ? 32  GLN A HB3  1 
ATOM   532  H HG2  . GLN A 1 32 ? -5.418  -0.683  -11.613 1.00 58.47  ? 32  GLN A HG2  1 
ATOM   533  H HG3  . GLN A 1 32 ? -5.632  -1.610  -10.338 1.00 58.47  ? 32  GLN A HG3  1 
ATOM   534  H HE21 . GLN A 1 32 ? -6.611  -3.394  -11.195 1.00 67.47  ? 32  GLN A HE21 1 
ATOM   535  H HE22 . GLN A 1 32 ? -7.891  -3.389  -11.958 1.00 67.47  ? 32  GLN A HE22 1 
ATOM   536  N N    . SER A 1 33 ? -5.725  -0.484  -7.116  1.00 49.22  ? 33  SER A N    1 
ATOM   537  C CA   . SER A 1 33 ? -5.077  -1.269  -6.081  1.00 47.95  ? 33  SER A CA   1 
ATOM   538  C C    . SER A 1 33 ? -6.103  -1.980  -5.198  1.00 47.47  ? 33  SER A C    1 
ATOM   539  O O    . SER A 1 33 ? -5.974  -3.168  -4.978  1.00 49.65  ? 33  SER A O    1 
ATOM   540  C CB   . SER A 1 33 ? -4.169  -0.388  -5.239  1.00 44.35  ? 33  SER A CB   1 
ATOM   541  O OG   . SER A 1 33 ? -3.120  0.154   -6.024  1.00 38.60  ? 33  SER A OG   1 
ATOM   542  H H    . SER A 1 33 ? -5.486  0.342   -7.137  1.00 59.06  ? 33  SER A H    1 
ATOM   543  H HA   . SER A 1 33 ? -4.526  -1.947  -6.501  1.00 57.54  ? 33  SER A HA   1 
ATOM   544  H HB2  . SER A 1 33 ? -4.691  0.340   -4.866  1.00 53.22  ? 33  SER A HB2  1 
ATOM   545  H HB3  . SER A 1 33 ? -3.786  -0.921  -4.525  1.00 53.22  ? 33  SER A HB3  1 
ATOM   546  H HG   . SER A 1 33 ? -3.439  0.619   -6.646  1.00 46.32  ? 33  SER A HG   1 
ATOM   547  N N    . LEU A 1 34 ? -7.118  -1.269  -4.702  1.00 42.46  ? 34  LEU A N    1 
ATOM   548  C CA   . LEU A 1 34 ? -8.186  -1.897  -3.904  1.00 39.26  ? 34  LEU A CA   1 
ATOM   549  C C    . LEU A 1 34 ? -8.792  -3.113  -4.579  1.00 49.88  ? 34  LEU A C    1 
ATOM   550  O O    . LEU A 1 34 ? -9.118  -4.120  -3.911  1.00 46.56  ? 34  LEU A O    1 
ATOM   551  C CB   . LEU A 1 34 ? -9.315  -0.910  -3.577  1.00 42.72  ? 34  LEU A CB   1 
ATOM   552  C CG   . LEU A 1 34 ? -9.138  0.000   -2.371  1.00 46.14  ? 34  LEU A CG   1 
ATOM   553  C CD1  . LEU A 1 34 ? -10.334 0.949   -2.261  1.00 52.76  ? 34  LEU A CD1  1 
ATOM   554  C CD2  . LEU A 1 34 ? -9.019  -0.834  -1.122  1.00 41.02  ? 34  LEU A CD2  1 
ATOM   555  H H    . LEU A 1 34 ? -7.214  -0.421  -4.810  1.00 50.96  ? 34  LEU A H    1 
ATOM   556  H HA   . LEU A 1 34 ? -7.805  -2.192  -3.063  1.00 47.11  ? 34  LEU A HA   1 
ATOM   557  H HB2  . LEU A 1 34 ? -9.441  -0.335  -4.348  1.00 51.27  ? 34  LEU A HB2  1 
ATOM   558  H HB3  . LEU A 1 34 ? -10.125 -1.422  -3.429  1.00 51.27  ? 34  LEU A HB3  1 
ATOM   559  H HG   . LEU A 1 34 ? -8.331  0.526   -2.473  1.00 55.37  ? 34  LEU A HG   1 
ATOM   560  H HD11 . LEU A 1 34 ? -10.210 1.523   -1.488  1.00 63.31  ? 34  LEU A HD11 1 
ATOM   561  H HD12 . LEU A 1 34 ? -10.386 1.486   -3.066  1.00 63.31  ? 34  LEU A HD12 1 
ATOM   562  H HD13 . LEU A 1 34 ? -11.144 0.426   -2.157  1.00 63.31  ? 34  LEU A HD13 1 
ATOM   563  H HD21 . LEU A 1 34 ? -8.907  -0.246  -0.359  1.00 49.22  ? 34  LEU A HD21 1 
ATOM   564  H HD22 . LEU A 1 34 ? -9.826  -1.363  -1.018  1.00 49.22  ? 34  LEU A HD22 1 
ATOM   565  H HD23 . LEU A 1 34 ? -8.249  -1.418  -1.206  1.00 49.22  ? 34  LEU A HD23 1 
ATOM   566  N N    . LYS A 1 35 ? -8.929  -3.031  -5.906  1.00 43.94  ? 35  LYS A N    1 
ATOM   567  C CA   . LYS A 1 35 ? -9.510  -4.115  -6.666  1.00 41.94  ? 35  LYS A CA   1 
ATOM   568  C C    . LYS A 1 35 ? -8.490  -5.216  -6.855  1.00 43.78  ? 35  LYS A C    1 
ATOM   569  O O    . LYS A 1 35 ? -8.848  -6.389  -6.821  1.00 55.18  ? 35  LYS A O    1 
ATOM   570  C CB   . LYS A 1 35 ? -10.017 -3.648  -8.063  1.00 46.44  ? 35  LYS A CB   1 
ATOM   571  C CG   . LYS A 1 35 ? -11.088 -2.550  -8.098  1.00 48.04  ? 35  LYS A CG   1 
ATOM   572  C CD   . LYS A 1 35 ? -11.296 -2.055  -9.534  1.00 47.76  ? 35  LYS A CD   1 
ATOM   573  C CE   . LYS A 1 35 ? -12.489 -1.067  -9.671  1.00 52.71  ? 35  LYS A CE   1 
ATOM   574  N NZ   . LYS A 1 35 ? -12.613 -0.488  -11.064 1.00 50.08  ? 35  LYS A NZ   1 
ATOM   575  H H    . LYS A 1 35 ? -8.690  -2.355  -6.380  1.00 52.72  ? 35  LYS A H    1 
ATOM   576  H HA   . LYS A 1 35 ? -10.264 -4.480  -6.177  1.00 50.32  ? 35  LYS A HA   1 
ATOM   577  H HB2  . LYS A 1 35 ? -9.254  -3.317  -8.562  1.00 55.73  ? 35  LYS A HB2  1 
ATOM   578  H HB3  . LYS A 1 35 ? -10.386 -4.420  -8.521  1.00 55.73  ? 35  LYS A HB3  1 
ATOM   579  H HG2  . LYS A 1 35 ? -11.929 -2.907  -7.772  1.00 57.64  ? 35  LYS A HG2  1 
ATOM   580  H HG3  . LYS A 1 35 ? -10.803 -1.800  -7.552  1.00 57.64  ? 35  LYS A HG3  1 
ATOM   581  H HD2  . LYS A 1 35 ? -10.493 -1.596  -9.828  1.00 57.31  ? 35  LYS A HD2  1 
ATOM   582  H HD3  . LYS A 1 35 ? -11.471 -2.817  -10.108 1.00 57.31  ? 35  LYS A HD3  1 
ATOM   583  H HE2  . LYS A 1 35 ? -13.312 -1.537  -9.467  1.00 63.25  ? 35  LYS A HE2  1 
ATOM   584  H HE3  . LYS A 1 35 ? -12.363 -0.333  -9.051  1.00 63.25  ? 35  LYS A HE3  1 
ATOM   585  H HZ1  . LYS A 1 35 ? -13.306 0.070   -11.100 1.00 60.10  ? 35  LYS A HZ1  1 
ATOM   586  H HZ2  . LYS A 1 35 ? -11.872 -0.043  -11.275 1.00 60.10  ? 35  LYS A HZ2  1 
ATOM   587  H HZ3  . LYS A 1 35 ? -12.737 -1.142  -11.655 1.00 60.10  ? 35  LYS A HZ3  1 
ATOM   588  N N    . ASP A 1 36 ? -7.225  -4.845  -7.086  1.00 43.21  ? 36  ASP A N    1 
ATOM   589  C CA   . ASP A 1 36 ? -6.178  -5.831  -7.347  1.00 52.74  ? 36  ASP A CA   1 
ATOM   590  C C    . ASP A 1 36 ? -5.766  -6.614  -6.095  1.00 49.84  ? 36  ASP A C    1 
ATOM   591  O O    . ASP A 1 36 ? -5.122  -7.656  -6.217  1.00 50.70  ? 36  ASP A O    1 
ATOM   592  C CB   . ASP A 1 36 ? -4.907  -5.178  -7.913  1.00 45.51  ? 36  ASP A CB   1 
ATOM   593  C CG   . ASP A 1 36 ? -5.078  -4.625  -9.317  1.00 56.91  ? 36  ASP A CG   1 
ATOM   594  O OD1  . ASP A 1 36 ? -5.965  -5.089  -10.063 1.00 54.12  ? 36  ASP A OD1  1 
ATOM   595  O OD2  . ASP A 1 36 ? -4.278  -3.730  -9.679  1.00 51.34  ? 36  ASP A OD2  1 
ATOM   596  H H    . ASP A 1 36 ? -6.952  -4.030  -7.096  1.00 51.85  ? 36  ASP A H    1 
ATOM   597  H HA   . ASP A 1 36 ? -6.503  -6.467  -8.003  1.00 63.28  ? 36  ASP A HA   1 
ATOM   598  H HB2  . ASP A 1 36 ? -4.648  -4.443  -7.334  1.00 54.61  ? 36  ASP A HB2  1 
ATOM   599  H HB3  . ASP A 1 36 ? -4.199  -5.840  -7.939  1.00 54.61  ? 36  ASP A HB3  1 
ATOM   600  N N    . ASP A 1 37 ? -6.071  -6.098  -4.908  1.00 47.54  ? 37  ASP A N    1 
ATOM   601  C CA   . ASP A 1 37 ? -5.576  -6.689  -3.633  1.00 55.66  ? 37  ASP A CA   1 
ATOM   602  C C    . ASP A 1 37 ? -6.473  -6.193  -2.495  1.00 49.85  ? 37  ASP A C    1 
ATOM   603  O O    . ASP A 1 37 ? -6.140  -5.251  -1.775  1.00 54.50  ? 37  ASP A O    1 
ATOM   604  C CB   . ASP A 1 37 ? -4.099  -6.308  -3.402  1.00 40.21  ? 37  ASP A CB   1 
ATOM   605  C CG   . ASP A 1 37 ? -3.390  -7.167  -2.333  1.00 55.38  ? 37  ASP A CG   1 
ATOM   606  O OD1  . ASP A 1 37 ? -4.039  -7.791  -1.488  1.00 45.06  ? 37  ASP A OD1  1 
ATOM   607  O OD2  . ASP A 1 37 ? -2.152  -7.213  -2.345  1.00 47.73  ? 37  ASP A OD2  1 
ATOM   608  H H    . ASP A 1 37 ? -6.567  -5.403  -4.798  1.00 57.04  ? 37  ASP A H    1 
ATOM   609  H HA   . ASP A 1 37 ? -5.640  -7.655  -3.677  1.00 66.80  ? 37  ASP A HA   1 
ATOM   610  H HB2  . ASP A 1 37 ? -3.615  -6.415  -4.237  1.00 48.25  ? 37  ASP A HB2  1 
ATOM   611  H HB3  . ASP A 1 37 ? -4.057  -5.382  -3.114  1.00 48.25  ? 37  ASP A HB3  1 
ATOM   612  N N    . PRO A 1 38 ? -7.657  -6.795  -2.369  1.00 46.56  ? 38  PRO A N    1 
ATOM   613  C CA   . PRO A 1 38 ? -8.614  -6.379  -1.342  1.00 57.15  ? 38  PRO A CA   1 
ATOM   614  C C    . PRO A 1 38 ? -8.067  -6.535  0.087   1.00 47.94  ? 38  PRO A C    1 
ATOM   615  O O    . PRO A 1 38 ? -8.371  -5.694  0.934   1.00 55.57  ? 38  PRO A O    1 
ATOM   616  C CB   . PRO A 1 38 ? -9.820  -7.303  -1.594  1.00 52.16  ? 38  PRO A CB   1 
ATOM   617  C CG   . PRO A 1 38 ? -9.712  -7.701  -2.984  1.00 61.70  ? 38  PRO A CG   1 
ATOM   618  C CD   . PRO A 1 38 ? -8.266  -7.710  -3.351  1.00 56.01  ? 38  PRO A CD   1 
ATOM   619  H HA   . PRO A 1 38 ? -8.882  -5.457  -1.485  1.00 68.58  ? 38  PRO A HA   1 
ATOM   620  H HB2  . PRO A 1 38 ? -9.766  -8.076  -1.011  1.00 62.59  ? 38  PRO A HB2  1 
ATOM   621  H HB3  . PRO A 1 38 ? -10.643 -6.814  -1.442  1.00 62.59  ? 38  PRO A HB3  1 
ATOM   622  H HG2  . PRO A 1 38 ? -10.089 -8.590  -3.091  1.00 74.04  ? 38  PRO A HG2  1 
ATOM   623  H HG3  . PRO A 1 38 ? -10.194 -7.066  -3.536  1.00 74.04  ? 38  PRO A HG3  1 
ATOM   624  H HD2  . PRO A 1 38 ? -7.898  -8.602  -3.255  1.00 67.21  ? 38  PRO A HD2  1 
ATOM   625  H HD3  . PRO A 1 38 ? -8.144  -7.369  -4.251  1.00 67.21  ? 38  PRO A HD3  1 
ATOM   626  N N    . SER A 1 39 ? -7.263  -7.559  0.336   1.00 53.61  ? 39  SER A N    1 
ATOM   627  C CA   . SER A 1 39 ? -6.802  -7.822  1.711   1.00 51.84  ? 39  SER A CA   1 
ATOM   628  C C    . SER A 1 39 ? -6.006  -6.658  2.340   1.00 50.68  ? 39  SER A C    1 
ATOM   629  O O    . SER A 1 39 ? -5.918  -6.550  3.577   1.00 52.72  ? 39  SER A O    1 
ATOM   630  C CB   . SER A 1 39 ? -5.987  -9.112  1.729   1.00 46.35  ? 39  SER A CB   1 
ATOM   631  O OG   . SER A 1 39 ? -4.852  -9.049  0.872   1.00 54.28  ? 39  SER A OG   1 
ATOM   632  H H    . SER A 1 39 ? -6.968  -8.111  -0.254  1.00 64.33  ? 39  SER A H    1 
ATOM   633  H HA   . SER A 1 39 ? -7.583  -7.967  2.267   1.00 62.21  ? 39  SER A HA   1 
ATOM   634  H HB2  . SER A 1 39 ? -5.684  -9.273  2.637   1.00 55.62  ? 39  SER A HB2  1 
ATOM   635  H HB3  . SER A 1 39 ? -6.556  -9.842  1.440   1.00 55.62  ? 39  SER A HB3  1 
ATOM   636  H HG   . SER A 1 39 ? -5.098  -8.914  0.080   1.00 65.14  ? 39  SER A HG   1 
ATOM   637  N N    . VAL A 1 40 ? -5.441  -5.772  1.518   1.00 40.97  ? 40  VAL A N    1 
ATOM   638  C CA   . VAL A 1 40 ? -4.659  -4.658  2.045   1.00 46.01  ? 40  VAL A CA   1 
ATOM   639  C C    . VAL A 1 40 ? -5.390  -3.327  1.952   1.00 49.92  ? 40  VAL A C    1 
ATOM   640  O O    . VAL A 1 40 ? -4.762  -2.258  1.909   1.00 45.78  ? 40  VAL A O    1 
ATOM   641  C CB   . VAL A 1 40 ? -3.279  -4.578  1.347   1.00 42.06  ? 40  VAL A CB   1 
ATOM   642  C CG1  . VAL A 1 40 ? -2.514  -5.910  1.545   1.00 53.81  ? 40  VAL A CG1  1 
ATOM   643  C CG2  . VAL A 1 40 ? -3.394  -4.228  -0.146  1.00 48.66  ? 40  VAL A CG2  1 
ATOM   644  H H    . VAL A 1 40 ? -5.496  -5.794  0.660   1.00 49.16  ? 40  VAL A H    1 
ATOM   645  H HA   . VAL A 1 40 ? -4.493  -4.826  2.986   1.00 55.22  ? 40  VAL A HA   1 
ATOM   646  H HB   . VAL A 1 40 ? -2.759  -3.877  1.771   1.00 50.47  ? 40  VAL A HB   1 
ATOM   647  H HG11 . VAL A 1 40 ? -1.652  -5.847  1.103   1.00 64.57  ? 40  VAL A HG11 1 
ATOM   648  H HG12 . VAL A 1 40 ? -2.388  -6.064  2.494   1.00 64.57  ? 40  VAL A HG12 1 
ATOM   649  H HG13 . VAL A 1 40 ? -3.032  -6.633  1.157   1.00 64.57  ? 40  VAL A HG13 1 
ATOM   650  H HG21 . VAL A 1 40 ? -2.505  -4.191  -0.530  1.00 58.39  ? 40  VAL A HG21 1 
ATOM   651  H HG22 . VAL A 1 40 ? -3.920  -4.911  -0.590  1.00 58.39  ? 40  VAL A HG22 1 
ATOM   652  H HG23 . VAL A 1 40 ? -3.830  -3.365  -0.235  1.00 58.39  ? 40  VAL A HG23 1 
ATOM   653  N N    . SER A 1 41 ? -6.722  -3.397  1.975   1.00 52.02  ? 41  SER A N    1 
ATOM   654  C CA   . SER A 1 41 ? -7.555  -2.220  1.847   1.00 47.59  ? 41  SER A CA   1 
ATOM   655  C C    . SER A 1 41 ? -7.209  -1.158  2.876   1.00 46.43  ? 41  SER A C    1 
ATOM   656  O O    . SER A 1 41 ? -7.173  0.030   2.542   1.00 44.97  ? 41  SER A O    1 
ATOM   657  C CB   . SER A 1 41 ? -9.048  -2.590  1.942   1.00 56.89  ? 41  SER A CB   1 
ATOM   658  O OG   . SER A 1 41 ? -9.482  -2.823  3.261   1.00 67.62  ? 41  SER A OG   1 
ATOM   659  H H    . SER A 1 41 ? -7.164  -4.128  2.067   1.00 62.42  ? 41  SER A H    1 
ATOM   660  H HA   . SER A 1 41 ? -7.407  -1.833  0.969   1.00 57.11  ? 41  SER A HA   1 
ATOM   661  H HB2  . SER A 1 41 ? -9.570  -1.862  1.571   1.00 68.27  ? 41  SER A HB2  1 
ATOM   662  H HB3  . SER A 1 41 ? -9.199  -3.396  1.422   1.00 68.27  ? 41  SER A HB3  1 
ATOM   663  H HG   . SER A 1 41 ? -10.298 -3.021  3.264   1.00 81.14  ? 41  SER A HG   1 
ATOM   664  N N    . LYS A 1 42 ? -6.943  -1.572  4.119   1.00 46.63  ? 42  LYS A N    1 
ATOM   665  C CA   . LYS A 1 42 ? -6.530  -0.649  5.171   1.00 46.13  ? 42  LYS A CA   1 
ATOM   666  C C    . LYS A 1 42 ? -5.305  0.176   4.816   1.00 41.96  ? 42  LYS A C    1 
ATOM   667  O O    . LYS A 1 42 ? -5.233  1.383   5.098   1.00 42.51  ? 42  LYS A O    1 
ATOM   668  C CB   . LYS A 1 42 ? -6.244  -1.409  6.453   1.00 51.71  ? 42  LYS A CB   1 
ATOM   669  C CG   . LYS A 1 42 ? -7.481  -1.764  7.260   1.00 81.25  ? 42  LYS A CG   1 
ATOM   670  C CD   . LYS A 1 42 ? -7.110  -2.468  8.581   1.00 79.57  ? 42  LYS A CD   1 
ATOM   671  C CE   . LYS A 1 42 ? -6.392  -3.808  8.344   1.00 80.08  ? 42  LYS A CE   1 
ATOM   672  N NZ   . LYS A 1 42 ? -7.076  -4.706  7.334   1.00 81.83  ? 42  LYS A NZ   1 
ATOM   673  H H    . LYS A 1 42 ? -6.996  -2.391  4.375   1.00 55.96  ? 42  LYS A H    1 
ATOM   674  H HA   . LYS A 1 42 ? -7.258  -0.035  5.348   1.00 55.36  ? 42  LYS A HA   1 
ATOM   675  H HB2  . LYS A 1 42 ? -5.789  -2.236  6.230   1.00 62.05  ? 42  LYS A HB2  1 
ATOM   676  H HB3  . LYS A 1 42 ? -5.670  -0.864  7.015   1.00 62.05  ? 42  LYS A HB3  1 
ATOM   677  H HG2  . LYS A 1 42 ? -7.967  -0.953  7.474   1.00 97.50  ? 42  LYS A HG2  1 
ATOM   678  H HG3  . LYS A 1 42 ? -8.040  -2.365  6.742   1.00 97.50  ? 42  LYS A HG3  1 
ATOM   679  H HD2  . LYS A 1 42 ? -6.518  -1.894  9.092   1.00 95.48  ? 42  LYS A HD2  1 
ATOM   680  H HD3  . LYS A 1 42 ? -7.920  -2.644  9.086   1.00 95.48  ? 42  LYS A HD3  1 
ATOM   681  H HE2  . LYS A 1 42 ? -5.495  -3.628  8.020   1.00 96.10  ? 42  LYS A HE2  1 
ATOM   682  H HE3  . LYS A 1 42 ? -6.346  -4.289  9.185   1.00 96.10  ? 42  LYS A HE3  1 
ATOM   683  H HZ1  . LYS A 1 42 ? -7.900  -4.901  7.608   1.00 98.20  ? 42  LYS A HZ1  1 
ATOM   684  H HZ2  . LYS A 1 42 ? -7.123  -4.296  6.546   1.00 98.20  ? 42  LYS A HZ2  1 
ATOM   685  H HZ3  . LYS A 1 42 ? -6.616  -5.463  7.240   1.00 98.20  ? 42  LYS A HZ3  1 
ATOM   686  N N    . GLU A 1 43 ? -4.352  -0.452  4.162   1.00 45.68  ? 43  GLU A N    1 
ATOM   687  C CA   . GLU A 1 43 ? -3.064  0.192   3.985   1.00 46.11  ? 43  GLU A CA   1 
ATOM   688  C C    . GLU A 1 43 ? -3.141  1.128   2.802   1.00 43.35  ? 43  GLU A C    1 
ATOM   689  O O    . GLU A 1 43 ? -2.523  2.191   2.797   1.00 42.01  ? 43  GLU A O    1 
ATOM   690  C CB   . GLU A 1 43 ? -1.948  -0.846  3.798   1.00 49.55  ? 43  GLU A CB   1 
ATOM   691  C CG   . GLU A 1 43 ? -1.558  -1.621  5.096   1.00 44.32  ? 43  GLU A CG   1 
ATOM   692  C CD   . GLU A 1 43 ? -2.529  -2.741  5.448   1.00 52.32  ? 43  GLU A CD   1 
ATOM   693  O OE1  . GLU A 1 43 ? -3.345  -3.140  4.590   1.00 54.41  ? 43  GLU A OE1  1 
ATOM   694  O OE2  . GLU A 1 43 ? -2.494  -3.235  6.589   1.00 53.82  ? 43  GLU A OE2  1 
ATOM   695  H H    . GLU A 1 43 ? -4.418  -1.236  3.815   1.00 54.81  ? 43  GLU A H    1 
ATOM   696  H HA   . GLU A 1 43 ? -2.858  0.718   4.774   1.00 55.34  ? 43  GLU A HA   1 
ATOM   697  H HB2  . GLU A 1 43 ? -2.240  -1.500  3.143   1.00 59.46  ? 43  GLU A HB2  1 
ATOM   698  H HB3  . GLU A 1 43 ? -1.154  -0.393  3.475   1.00 59.46  ? 43  GLU A HB3  1 
ATOM   699  H HG2  . GLU A 1 43 ? -0.679  -2.015  4.975   1.00 53.18  ? 43  GLU A HG2  1 
ATOM   700  H HG3  . GLU A 1 43 ? -1.540  -0.998  5.840   1.00 53.18  ? 43  GLU A HG3  1 
ATOM   701  N N    . ILE A 1 44 ? -3.898  0.715   1.792   1.00 44.12  ? 44  ILE A N    1 
ATOM   702  C CA   . ILE A 1 44 ? -4.185  1.577   0.635   1.00 42.57  ? 44  ILE A CA   1 
ATOM   703  C C    . ILE A 1 44 ? -4.893  2.870   1.084   1.00 41.40  ? 44  ILE A C    1 
ATOM   704  O O    . ILE A 1 44 ? -4.520  3.985   0.694   1.00 45.30  ? 44  ILE A O    1 
ATOM   705  C CB   . ILE A 1 44 ? -5.045  0.817   -0.386  1.00 43.81  ? 44  ILE A CB   1 
ATOM   706  C CG1  . ILE A 1 44 ? -4.248  -0.360  -0.968  1.00 41.08  ? 44  ILE A CG1  1 
ATOM   707  C CG2  . ILE A 1 44 ? -5.548  1.757   -1.535  1.00 40.36  ? 44  ILE A CG2  1 
ATOM   708  C CD1  . ILE A 1 44 ? -5.108  -1.397  -1.730  1.00 54.16  ? 44  ILE A CD1  1 
ATOM   709  H H    . ILE A 1 44 ? -4.261  -0.063  1.745   1.00 52.94  ? 44  ILE A H    1 
ATOM   710  H HA   . ILE A 1 44 ? -3.350  1.822   0.205   1.00 51.08  ? 44  ILE A HA   1 
ATOM   711  H HB   . ILE A 1 44 ? -5.820  0.460   0.075   1.00 52.58  ? 44  ILE A HB   1 
ATOM   712  H HG12 . ILE A 1 44 ? -3.588  -0.013  -1.588  1.00 49.29  ? 44  ILE A HG12 1 
ATOM   713  H HG13 . ILE A 1 44 ? -3.803  -0.823  -0.241  1.00 49.29  ? 44  ILE A HG13 1 
ATOM   714  H HG21 . ILE A 1 44 ? -6.086  1.239   -2.154  1.00 48.43  ? 44  ILE A HG21 1 
ATOM   715  H HG22 . ILE A 1 44 ? -6.084  2.468   -1.147  1.00 48.43  ? 44  ILE A HG22 1 
ATOM   716  H HG23 . ILE A 1 44 ? -4.781  2.133   -1.994  1.00 48.43  ? 44  ILE A HG23 1 
ATOM   717  H HD11 . ILE A 1 44 ? -4.531  -2.102  -2.062  1.00 64.99  ? 44  ILE A HD11 1 
ATOM   718  H HD12 . ILE A 1 44 ? -5.767  -1.767  -1.122  1.00 64.99  ? 44  ILE A HD12 1 
ATOM   719  H HD13 . ILE A 1 44 ? -5.552  -0.955  -2.470  1.00 64.99  ? 44  ILE A HD13 1 
ATOM   720  N N    . LEU A 1 45 ? -5.908  2.718   1.922   1.00 43.98  ? 45  LEU A N    1 
ATOM   721  C CA   . LEU A 1 45 ? -6.620  3.874   2.437   1.00 47.69  ? 45  LEU A CA   1 
ATOM   722  C C    . LEU A 1 45 ? -5.697  4.841   3.205   1.00 49.84  ? 45  LEU A C    1 
ATOM   723  O O    . LEU A 1 45 ? -5.790  6.057   3.073   1.00 47.65  ? 45  LEU A O    1 
ATOM   724  C CB   . LEU A 1 45 ? -7.768  3.386   3.325   1.00 45.87  ? 45  LEU A CB   1 
ATOM   725  C CG   . LEU A 1 45 ? -8.562  4.464   4.047   1.00 54.07  ? 45  LEU A CG   1 
ATOM   726  C CD1  . LEU A 1 45 ? -9.039  5.521   3.080   1.00 50.00  ? 45  LEU A CD1  1 
ATOM   727  C CD2  . LEU A 1 45 ? -9.736  3.839   4.712   1.00 46.33  ? 45  LEU A CD2  1 
ATOM   728  H H    . LEU A 1 45 ? -6.202  1.962   2.205   1.00 52.78  ? 45  LEU A H    1 
ATOM   729  H HA   . LEU A 1 45 ? -7.006  4.362   1.692   1.00 57.22  ? 45  LEU A HA   1 
ATOM   730  H HB2  . LEU A 1 45 ? -8.391  2.890   2.772   1.00 55.04  ? 45  LEU A HB2  1 
ATOM   731  H HB3  . LEU A 1 45 ? -7.400  2.797   4.003   1.00 55.04  ? 45  LEU A HB3  1 
ATOM   732  H HG   . LEU A 1 45 ? -8.007  4.886   4.721   1.00 64.89  ? 45  LEU A HG   1 
ATOM   733  H HD11 . LEU A 1 45 ? -9.541  6.192   3.568   1.00 60.00  ? 45  LEU A HD11 1 
ATOM   734  H HD12 . LEU A 1 45 ? -8.269  5.928   2.653   1.00 60.00  ? 45  LEU A HD12 1 
ATOM   735  H HD13 . LEU A 1 45 ? -9.606  5.104   2.412   1.00 60.00  ? 45  LEU A HD13 1 
ATOM   736  H HD21 . LEU A 1 45 ? -10.242 4.529   5.171   1.00 55.60  ? 45  LEU A HD21 1 
ATOM   737  H HD22 . LEU A 1 45 ? -10.291 3.415   4.039   1.00 55.60  ? 45  LEU A HD22 1 
ATOM   738  H HD23 . LEU A 1 45 ? -9.423  3.178   5.349   1.00 55.60  ? 45  LEU A HD23 1 
ATOM   739  N N    . ALA A 1 46 ? -4.800  4.302   4.023   1.00 54.79  ? 46  ALA A N    1 
ATOM   740  C CA   . ALA A 1 46 ? -3.892  5.139   4.815   1.00 48.30  ? 46  ALA A CA   1 
ATOM   741  C C    . ALA A 1 46 ? -2.992  5.974   3.897   1.00 42.44  ? 46  ALA A C    1 
ATOM   742  O O    . ALA A 1 46 ? -2.757  7.158   4.119   1.00 46.20  ? 46  ALA A O    1 
ATOM   743  C CB   . ALA A 1 46 ? -3.053  4.264   5.731   1.00 55.93  ? 46  ALA A CB   1 
ATOM   744  H H    . ALA A 1 46 ? -4.693  3.456   4.141   1.00 65.75  ? 46  ALA A H    1 
ATOM   745  H HA   . ALA A 1 46 ? -4.412  5.746   5.365   1.00 57.96  ? 46  ALA A HA   1 
ATOM   746  H HB1  . ALA A 1 46 ? -2.457  4.829   6.248   1.00 67.11  ? 46  ALA A HB1  1 
ATOM   747  H HB2  . ALA A 1 46 ? -3.642  3.773   6.324   1.00 67.11  ? 46  ALA A HB2  1 
ATOM   748  H HB3  . ALA A 1 46 ? -2.537  3.645   5.191   1.00 67.11  ? 46  ALA A HB3  1 
ATOM   749  N N    . GLU A 1 47 ? -2.479  5.326   2.857   1.00 45.09  ? 47  GLU A N    1 
ATOM   750  C CA   . GLU A 1 47 ? -1.568  5.966   1.947   1.00 44.26  ? 47  GLU A CA   1 
ATOM   751  C C    . GLU A 1 47 ? -2.287  7.037   1.133   1.00 48.61  ? 47  GLU A C    1 
ATOM   752  O O    . GLU A 1 47 ? -1.710  8.081   0.812   1.00 50.69  ? 47  GLU A O    1 
ATOM   753  C CB   . GLU A 1 47 ? -0.949  4.937   1.018   1.00 42.75  ? 47  GLU A CB   1 
ATOM   754  C CG   . GLU A 1 47 ? 0.140   4.150   1.625   1.00 52.61  ? 47  GLU A CG   1 
ATOM   755  C CD   . GLU A 1 47 ? 1.229   5.001   2.263   1.00 59.62  ? 47  GLU A CD   1 
ATOM   756  O OE1  . GLU A 1 47 ? 1.611   6.037   1.684   1.00 61.07  ? 47  GLU A OE1  1 
ATOM   757  O OE2  . GLU A 1 47 ? 1.698   4.603   3.359   1.00 64.26  ? 47  GLU A OE2  1 
ATOM   758  H H    . GLU A 1 47 ? -2.650  4.505   2.664   1.00 54.10  ? 47  GLU A H    1 
ATOM   759  H HA   . GLU A 1 47 ? -0.856  6.391   2.450   1.00 53.11  ? 47  GLU A HA   1 
ATOM   760  H HB2  . GLU A 1 47 ? -1.639  4.316   0.735   1.00 51.30  ? 47  GLU A HB2  1 
ATOM   761  H HB3  . GLU A 1 47 ? -0.585  5.395   0.244   1.00 51.30  ? 47  GLU A HB3  1 
ATOM   762  H HG2  . GLU A 1 47 ? -0.234  3.580   2.315   1.00 63.13  ? 47  GLU A HG2  1 
ATOM   763  H HG3  . GLU A 1 47 ? 0.554   3.606   0.937   1.00 63.13  ? 47  GLU A HG3  1 
ATOM   764  N N    . ALA A 1 48 ? -3.554  6.794   0.823   1.00 50.45  ? 48  ALA A N    1 
ATOM   765  C CA   . ALA A 1 48 ? -4.336  7.775   0.053   1.00 49.23  ? 48  ALA A CA   1 
ATOM   766  C C    . ALA A 1 48 ? -4.596  9.045   0.860   1.00 53.72  ? 48  ALA A C    1 
ATOM   767  O O    . ALA A 1 48 ? -4.459  10.155  0.353   1.00 60.31  ? 48  ALA A O    1 
ATOM   768  C CB   . ALA A 1 48 ? -5.660  7.163   -0.415  1.00 49.99  ? 48  ALA A CB   1 
ATOM   769  H H    . ALA A 1 48 ? -3.985  6.082   1.039   1.00 60.54  ? 48  ALA A H    1 
ATOM   770  H HA   . ALA A 1 48 ? -3.831  8.025   -0.736  1.00 59.08  ? 48  ALA A HA   1 
ATOM   771  H HB1  . ALA A 1 48 ? -6.154  7.828   -0.918  1.00 59.99  ? 48  ALA A HB1  1 
ATOM   772  H HB2  . ALA A 1 48 ? -5.471  6.395   -0.977  1.00 59.99  ? 48  ALA A HB2  1 
ATOM   773  H HB3  . ALA A 1 48 ? -6.171  6.888   0.363   1.00 59.99  ? 48  ALA A HB3  1 
ATOM   774  N N    . LYS A 1 49 ? -4.997  8.875   2.108   1.00 52.00  ? 49  LYS A N    1 
ATOM   775  C CA   . LYS A 1 49 ? -5.127  10.002  3.020   1.00 56.42  ? 49  LYS A CA   1 
ATOM   776  C C    . LYS A 1 49 ? -3.799  10.714  3.180   1.00 58.95  ? 49  LYS A C    1 
ATOM   777  O O    . LYS A 1 49 ? -3.716  11.932  3.115   1.00 59.38  ? 49  LYS A O    1 
ATOM   778  C CB   . LYS A 1 49 ? -5.600  9.538   4.386   1.00 59.44  ? 49  LYS A CB   1 
ATOM   779  C CG   . LYS A 1 49 ? -6.993  9.000   4.418   1.00 56.99  ? 49  LYS A CG   1 
ATOM   780  C CD   . LYS A 1 49 ? -7.373  8.703   5.858   1.00 52.61  ? 49  LYS A CD   1 
ATOM   781  C CE   . LYS A 1 49 ? -8.693  7.977   5.942   1.00 69.62  ? 49  LYS A CE   1 
ATOM   782  N NZ   . LYS A 1 49 ? -8.979  7.479   7.308   1.00 72.59  ? 49  LYS A NZ   1 
ATOM   783  H H    . LYS A 1 49 ? -5.199  8.114   2.456   1.00 62.40  ? 49  LYS A H    1 
ATOM   784  H HA   . LYS A 1 49 ? -5.775  10.632  2.666   1.00 67.71  ? 49  LYS A HA   1 
ATOM   785  H HB2  . LYS A 1 49 ? -5.007  8.836   4.696   1.00 71.33  ? 49  LYS A HB2  1 
ATOM   786  H HB3  . LYS A 1 49 ? -5.562  10.289  4.998   1.00 71.33  ? 49  LYS A HB3  1 
ATOM   787  H HG2  . LYS A 1 49 ? -7.608  9.660   4.062   1.00 68.38  ? 49  LYS A HG2  1 
ATOM   788  H HG3  . LYS A 1 49 ? -7.038  8.177   3.906   1.00 68.38  ? 49  LYS A HG3  1 
ATOM   789  H HD2  . LYS A 1 49 ? -6.690  8.141   6.260   1.00 63.14  ? 49  LYS A HD2  1 
ATOM   790  H HD3  . LYS A 1 49 ? -7.452  9.536   6.347   1.00 63.14  ? 49  LYS A HD3  1 
ATOM   791  H HE2  . LYS A 1 49 ? -9.405  8.584   5.687   1.00 83.54  ? 49  LYS A HE2  1 
ATOM   792  H HE3  . LYS A 1 49 ? -8.675  7.215   5.341   1.00 83.54  ? 49  LYS A HE3  1 
ATOM   793  H HZ1  . LYS A 1 49 ? -9.763  7.056   7.320   1.00 87.10  ? 49  LYS A HZ1  1 
ATOM   794  H HZ2  . LYS A 1 49 ? -8.342  6.911   7.565   1.00 87.10  ? 49  LYS A HZ2  1 
ATOM   795  H HZ3  . LYS A 1 49 ? -9.008  8.159   7.881   1.00 87.10  ? 49  LYS A HZ3  1 
ATOM   796  N N    . LYS A 1 50 ? -2.759  9.931   3.414   1.00 59.04  ? 50  LYS A N    1 
ATOM   797  C CA   . LYS A 1 50 ? -1.421  10.474  3.545   1.00 60.45  ? 50  LYS A CA   1 
ATOM   798  C C    . LYS A 1 50 ? -1.113  11.354  2.347   1.00 57.41  ? 50  LYS A C    1 
ATOM   799  O O    . LYS A 1 50 ? -0.689  12.484  2.492   1.00 59.49  ? 50  LYS A O    1 
ATOM   800  C CB   . LYS A 1 50 ? -0.407  9.336   3.680   1.00 66.64  ? 50  LYS A CB   1 
ATOM   801  C CG   . LYS A 1 50 ? 1.059   9.753   3.752   1.00 68.51  ? 50  LYS A CG   1 
ATOM   802  C CD   . LYS A 1 50 ? 1.926   8.563   4.228   1.00 65.44  ? 50  LYS A CD   1 
ATOM   803  C CE   . LYS A 1 50 ? 3.402   8.920   4.289   1.00 79.73  ? 50  LYS A CE   1 
ATOM   804  N NZ   . LYS A 1 50 ? 3.929   9.314   2.945   1.00 86.56  ? 50  LYS A NZ   1 
ATOM   805  H H    . LYS A 1 50 ? -2.803  9.076   3.501   1.00 70.85  ? 50  LYS A H    1 
ATOM   806  H HA   . LYS A 1 50 ? -1.372  11.020  4.345   1.00 72.54  ? 50  LYS A HA   1 
ATOM   807  H HB2  . LYS A 1 50 ? -0.608  8.841   4.490   1.00 79.97  ? 50  LYS A HB2  1 
ATOM   808  H HB3  . LYS A 1 50 ? -0.502  8.749   2.913   1.00 79.97  ? 50  LYS A HB3  1 
ATOM   809  H HG2  . LYS A 1 50 ? 1.364   10.025  2.872   1.00 82.21  ? 50  LYS A HG2  1 
ATOM   810  H HG3  . LYS A 1 50 ? 1.158   10.480  4.387   1.00 82.21  ? 50  LYS A HG3  1 
ATOM   811  H HD2  . LYS A 1 50 ? 1.642   8.298   5.116   1.00 78.53  ? 50  LYS A HD2  1 
ATOM   812  H HD3  . LYS A 1 50 ? 1.819   7.824   3.608   1.00 78.53  ? 50  LYS A HD3  1 
ATOM   813  H HE2  . LYS A 1 50 ? 3.525   9.667   4.895   1.00 95.68  ? 50  LYS A HE2  1 
ATOM   814  H HE3  . LYS A 1 50 ? 3.905   8.150   4.598   1.00 95.68  ? 50  LYS A HE3  1 
ATOM   815  H HZ1  . LYS A 1 50 ? 3.830   8.642   2.370   1.00 103.87 ? 50  LYS A HZ1  1 
ATOM   816  H HZ2  . LYS A 1 50 ? 3.485   10.023  2.641   1.00 103.87 ? 50  LYS A HZ2  1 
ATOM   817  H HZ3  . LYS A 1 50 ? 4.793   9.519   3.005   1.00 103.87 ? 50  LYS A HZ3  1 
ATOM   818  N N    . LEU A 1 51 ? -1.385  10.863  1.156   1.00 64.23  ? 51  LEU A N    1 
ATOM   819  C CA   . LEU A 1 51 ? -1.163  11.678  -0.033  1.00 59.63  ? 51  LEU A CA   1 
ATOM   820  C C    . LEU A 1 51 ? -2.124  12.864  -0.132  1.00 67.24  ? 51  LEU A C    1 
ATOM   821  O O    . LEU A 1 51 ? -1.685  14.001  -0.295  1.00 72.45  ? 51  LEU A O    1 
ATOM   822  C CB   . LEU A 1 51 ? -1.281  10.816  -1.282  1.00 67.04  ? 51  LEU A CB   1 
ATOM   823  C CG   . LEU A 1 51 ? -1.059  11.532  -2.607  1.00 67.85  ? 51  LEU A CG   1 
ATOM   824  C CD1  . LEU A 1 51 ? 0.276   12.229  -2.614  1.00 70.18  ? 51  LEU A CD1  1 
ATOM   825  C CD2  . LEU A 1 51 ? -1.124  10.529  -3.724  1.00 59.60  ? 51  LEU A CD2  1 
ATOM   826  H H    . LEU A 1 51 ? -1.694  10.075  1.003   1.00 77.08  ? 51  LEU A H    1 
ATOM   827  H HA   . LEU A 1 51 ? -0.261  12.032  -0.003  1.00 71.56  ? 51  LEU A HA   1 
ATOM   828  H HB2  . LEU A 1 51 ? -0.624  10.105  -1.225  1.00 80.44  ? 51  LEU A HB2  1 
ATOM   829  H HB3  . LEU A 1 51 ? -2.171  10.432  -1.307  1.00 80.44  ? 51  LEU A HB3  1 
ATOM   830  H HG   . LEU A 1 51 ? -1.756  12.193  -2.742  1.00 81.42  ? 51  LEU A HG   1 
ATOM   831  H HD11 . LEU A 1 51 ? 0.394   12.677  -3.467  1.00 84.22  ? 51  LEU A HD11 1 
ATOM   832  H HD12 . LEU A 1 51 ? 0.296   12.878  -1.893  1.00 84.22  ? 51  LEU A HD12 1 
ATOM   833  H HD13 . LEU A 1 51 ? 0.976   11.571  -2.486  1.00 84.22  ? 51  LEU A HD13 1 
ATOM   834  H HD21 . LEU A 1 51 ? -0.983  10.986  -4.567  1.00 71.52  ? 51  LEU A HD21 1 
ATOM   835  H HD22 . LEU A 1 51 ? -0.433  9.862   -3.588  1.00 71.52  ? 51  LEU A HD22 1 
ATOM   836  H HD23 . LEU A 1 51 ? -1.998  10.107  -3.718  1.00 71.52  ? 51  LEU A HD23 1 
ATOM   837  N N    . ASN A 1 52 ? -3.428  12.606  -0.058  1.00 62.99  ? 52  ASN A N    1 
ATOM   838  C CA   . ASN A 1 52 ? -4.407  13.682  -0.074  1.00 64.63  ? 52  ASN A CA   1 
ATOM   839  C C    . ASN A 1 52 ? -4.031  14.800  0.890   1.00 68.88  ? 52  ASN A C    1 
ATOM   840  O O    . ASN A 1 52 ? -4.186  15.964  0.582   1.00 60.98  ? 52  ASN A O    1 
ATOM   841  C CB   . ASN A 1 52 ? -5.792  13.153  0.285   1.00 67.43  ? 52  ASN A CB   1 
ATOM   842  C CG   . ASN A 1 52 ? -6.808  14.261  0.435   1.00 68.30  ? 52  ASN A CG   1 
ATOM   843  O OD1  . ASN A 1 52 ? -7.469  14.656  -0.534  1.00 67.36  ? 52  ASN A OD1  1 
ATOM   844  N ND2  . ASN A 1 52 ? -6.933  14.782  1.656   1.00 63.24  ? 52  ASN A ND2  1 
ATOM   845  H H    . ASN A 1 52 ? -3.768  11.818  -0.001  1.00 75.58  ? 52  ASN A H    1 
ATOM   846  H HA   . ASN A 1 52 ? -4.450  14.057  -0.967  1.00 77.56  ? 52  ASN A HA   1 
ATOM   847  H HB2  . ASN A 1 52 ? -6.096  12.559  -0.419  1.00 80.92  ? 52  ASN A HB2  1 
ATOM   848  H HB3  . ASN A 1 52 ? -5.741  12.674  1.127   1.00 80.92  ? 52  ASN A HB3  1 
ATOM   849  H HD21 . ASN A 1 52 ? -7.496  15.416  1.797   1.00 75.89  ? 52  ASN A HD21 1 
ATOM   850  H HD22 . ASN A 1 52 ? -6.448  14.485  2.302   1.00 75.89  ? 52  ASN A HD22 1 
ATOM   851  N N    . ASP A 1 53 ? -3.510  14.446  2.057   1.00 67.82  ? 53  ASP A N    1 
ATOM   852  C CA   . ASP A 1 53 ? -3.260  15.449  3.079   1.00 69.22  ? 53  ASP A CA   1 
ATOM   853  C C    . ASP A 1 53 ? -1.962  16.177  2.771   1.00 75.99  ? 53  ASP A C    1 
ATOM   854  O O    . ASP A 1 53 ? -1.839  17.373  3.026   1.00 72.30  ? 53  ASP A O    1 
ATOM   855  C CB   . ASP A 1 53 ? -3.219  14.807  4.459   1.00 63.96  ? 53  ASP A CB   1 
ATOM   856  C CG   . ASP A 1 53 ? -4.583  14.297  4.906   1.00 69.19  ? 53  ASP A CG   1 
ATOM   857  O OD1  . ASP A 1 53 ? -5.476  14.077  4.055   1.00 69.87  ? 53  ASP A OD1  1 
ATOM   858  O OD2  . ASP A 1 53 ? -4.771  14.110  6.123   1.00 75.55  ? 53  ASP A OD2  1 
ATOM   859  H H    . ASP A 1 53 ? -3.295  13.643  2.279   1.00 81.39  ? 53  ASP A H    1 
ATOM   860  H HA   . ASP A 1 53 ? -3.980  16.098  3.070   1.00 83.06  ? 53  ASP A HA   1 
ATOM   861  H HB2  . ASP A 1 53 ? -2.606  14.054  4.441   1.00 76.75  ? 53  ASP A HB2  1 
ATOM   862  H HB3  . ASP A 1 53 ? -2.917  15.465  5.105   1.00 76.75  ? 53  ASP A HB3  1 
ATOM   863  N N    . ALA A 1 54 ? -1.011  15.453  2.191   1.00 72.06  ? 54  ALA A N    1 
ATOM   864  C CA   . ALA A 1 54 ? 0.252   16.046  1.755   1.00 75.86  ? 54  ALA A CA   1 
ATOM   865  C C    . ALA A 1 54 ? 0.095   16.944  0.533   1.00 73.88  ? 54  ALA A C    1 
ATOM   866  O O    . ALA A 1 54 ? 1.087   17.496  0.062   1.00 79.29  ? 54  ALA A O    1 
ATOM   867  C CB   . ALA A 1 54 ? 1.285   14.948  1.449   1.00 69.20  ? 54  ALA A CB   1 
ATOM   868  H H    . ALA A 1 54 ? -1.071  14.609  2.037   1.00 86.47  ? 54  ALA A H    1 
ATOM   869  H HA   . ALA A 1 54 ? 0.604   16.590  2.476   1.00 91.03  ? 54  ALA A HA   1 
ATOM   870  H HB1  . ALA A 1 54 ? 2.113   15.366  1.163   1.00 83.04  ? 54  ALA A HB1  1 
ATOM   871  H HB2  . ALA A 1 54 ? 1.437   14.427  2.253   1.00 83.04  ? 54  ALA A HB2  1 
ATOM   872  H HB3  . ALA A 1 54 ? 0.940   14.379  0.745   1.00 83.04  ? 54  ALA A HB3  1 
ATOM   873  N N    . GLN A 1 55 ? -1.133  17.070  0.017   1.00 77.75  ? 55  GLN A N    1 
ATOM   874  C CA   . GLN A 1 55 ? -1.412  17.838  -1.209  1.00 78.88  ? 55  GLN A CA   1 
ATOM   875  C C    . GLN A 1 55 ? -2.517  18.889  -1.020  1.00 92.75  ? 55  GLN A C    1 
ATOM   876  O O    . GLN A 1 55 ? -3.238  19.222  -1.968  1.00 88.02  ? 55  GLN A O    1 
ATOM   877  C CB   . GLN A 1 55 ? -1.810  16.896  -2.367  1.00 73.42  ? 55  GLN A CB   1 
ATOM   878  C CG   . GLN A 1 55 ? -0.655  16.093  -2.958  1.00 81.97  ? 55  GLN A CG   1 
ATOM   879  C CD   . GLN A 1 55 ? -1.027  15.313  -4.214  1.00 77.32  ? 55  GLN A CD   1 
ATOM   880  O OE1  . GLN A 1 55 ? -0.152  14.911  -4.985  1.00 84.79  ? 55  GLN A OE1  1 
ATOM   881  N NE2  . GLN A 1 55 ? -2.324  15.085  -4.421  1.00 78.16  ? 55  GLN A NE2  1 
ATOM   882  H H    . GLN A 1 55 ? -1.835  16.715  0.364   1.00 93.30  ? 55  GLN A H    1 
ATOM   883  H HA   . GLN A 1 55 ? -0.603  18.304  -1.474  1.00 94.66  ? 55  GLN A HA   1 
ATOM   884  H HB2  . GLN A 1 55 ? -2.470  16.264  -2.039  1.00 88.11  ? 55  GLN A HB2  1 
ATOM   885  H HB3  . GLN A 1 55 ? -2.194  17.427  -3.081  1.00 88.11  ? 55  GLN A HB3  1 
ATOM   886  H HG2  . GLN A 1 55 ? 0.063   16.702  -3.189  1.00 98.36  ? 55  GLN A HG2  1 
ATOM   887  H HG3  . GLN A 1 55 ? -0.347  15.456  -2.295  1.00 98.36  ? 55  GLN A HG3  1 
ATOM   888  H HE21 . GLN A 1 55 ? -2.906  15.373  -3.858  1.00 93.79  ? 55  GLN A HE21 1 
ATOM   889  H HE22 . GLN A 1 55 ? -2.578  14.650  -5.118  1.00 93.79  ? 55  GLN A HE22 1 
ATOM   890  N N    . ALA A 1 56 ? -2.661  19.410  0.195   1.00 89.64  ? 56  ALA A N    1 
ATOM   891  C CA   . ALA A 1 56 ? -3.644  20.463  0.446   1.00 94.91  ? 56  ALA A CA   1 
ATOM   892  C C    . ALA A 1 56 ? -3.107  21.796  -0.080  1.00 100.84 ? 56  ALA A C    1 
ATOM   893  O O    . ALA A 1 56 ? -1.961  22.141  0.190   1.00 103.82 ? 56  ALA A O    1 
ATOM   894  C CB   . ALA A 1 56 ? -3.960  20.553  1.931   1.00 83.70  ? 56  ALA A CB   1 
ATOM   895  H H    . ALA A 1 56 ? -2.206  19.176  0.886   1.00 107.56 ? 56  ALA A H    1 
ATOM   896  H HA   . ALA A 1 56 ? -4.465  20.256  -0.028  1.00 113.90 ? 56  ALA A HA   1 
ATOM   897  H HB1  . ALA A 1 56 ? -4.614  21.258  2.072   1.00 100.44 ? 56  ALA A HB1  1 
ATOM   898  H HB2  . ALA A 1 56 ? -4.320  19.703  2.230   1.00 100.44 ? 56  ALA A HB2  1 
ATOM   899  H HB3  . ALA A 1 56 ? -3.145  20.757  2.415   1.00 100.44 ? 56  ALA A HB3  1 
ATOM   900  N N    . PRO A 1 57 ? -3.919  22.546  -0.846  1.00 106.91 ? 57  PRO A N    1 
ATOM   901  C CA   . PRO A 1 57 ? -3.392  23.810  -1.381  1.00 111.26 ? 57  PRO A CA   1 
ATOM   902  C C    . PRO A 1 57 ? -3.087  24.807  -0.266  1.00 122.31 ? 57  PRO A C    1 
ATOM   903  O O    . PRO A 1 57 ? -3.955  25.048  0.570   1.00 125.48 ? 57  PRO A O    1 
ATOM   904  C CB   . PRO A 1 57 ? -4.520  24.314  -2.287  1.00 107.00 ? 57  PRO A CB   1 
ATOM   905  C CG   . PRO A 1 57 ? -5.754  23.675  -1.766  1.00 97.87  ? 57  PRO A CG   1 
ATOM   906  C CD   . PRO A 1 57 ? -5.337  22.345  -1.196  1.00 110.77 ? 57  PRO A CD   1 
ATOM   907  H HA   . PRO A 1 57 ? -2.593  23.653  -1.908  1.00 133.52 ? 57  PRO A HA   1 
ATOM   908  H HB2  . PRO A 1 57 ? -4.582  25.281  -2.225  1.00 128.40 ? 57  PRO A HB2  1 
ATOM   909  H HB3  . PRO A 1 57 ? -4.351  24.039  -3.202  1.00 128.40 ? 57  PRO A HB3  1 
ATOM   910  H HG2  . PRO A 1 57 ? -6.140  24.234  -1.073  1.00 117.44 ? 57  PRO A HG2  1 
ATOM   911  H HG3  . PRO A 1 57 ? -6.384  23.550  -2.492  1.00 117.44 ? 57  PRO A HG3  1 
ATOM   912  H HD2  . PRO A 1 57 ? -5.853  22.140  -0.402  1.00 132.92 ? 57  PRO A HD2  1 
ATOM   913  H HD3  . PRO A 1 57 ? -5.423  21.648  -1.866  1.00 132.92 ? 57  PRO A HD3  1 
ATOM   914  N N    . LYS A 1 58 ? -1.875  25.362  -0.268  1.00 127.82 ? 58  LYS A N    1 
ATOM   915  C CA   . LYS A 1 58 ? -1.365  26.199  0.826   1.00 129.55 ? 58  LYS A CA   1 
ATOM   916  C C    . LYS A 1 58 ? -1.262  25.418  2.136   1.00 127.30 ? 58  LYS A C    1 
ATOM   917  O O    . LYS A 1 58 ? -0.159  25.148  2.615   1.00 130.78 ? 58  LYS A O    1 
ATOM   918  C CB   . LYS A 1 58 ? -2.242  27.438  1.041   1.00 116.24 ? 58  LYS A CB   1 
ATOM   919  C CG   . LYS A 1 58 ? -2.316  28.365  -0.148  1.00 113.76 ? 58  LYS A CG   1 
ATOM   920  C CD   . LYS A 1 58 ? -3.200  29.568  0.163   1.00 123.72 ? 58  LYS A CD   1 
ATOM   921  C CE   . LYS A 1 58 ? -3.266  30.543  -1.009  1.00 111.03 ? 58  LYS A CE   1 
ATOM   922  N NZ   . LYS A 1 58 ? -4.330  31.585  -0.829  1.00 105.15 ? 58  LYS A NZ   1 
ATOM   923  O OXT  . LYS A 1 58 ? -2.263  25.053  2.757   1.00 115.77 ? 58  LYS A OXT  1 
ATOM   924  H H    . LYS A 1 58 ? -1.312  25.267  -0.911  1.00 153.39 ? 58  LYS A H    1 
ATOM   925  H HA   . LYS A 1 58 ? -0.474  26.504  0.593   1.00 155.46 ? 58  LYS A HA   1 
ATOM   926  H HB2  . LYS A 1 58 ? -3.145  27.148  1.245   1.00 139.48 ? 58  LYS A HB2  1 
ATOM   927  H HB3  . LYS A 1 58 ? -1.886  27.944  1.787   1.00 139.48 ? 58  LYS A HB3  1 
ATOM   928  H HG2  . LYS A 1 58 ? -1.427  28.687  -0.363  1.00 136.51 ? 58  LYS A HG2  1 
ATOM   929  H HG3  . LYS A 1 58 ? -2.697  27.892  -0.904  1.00 136.51 ? 58  LYS A HG3  1 
ATOM   930  H HD2  . LYS A 1 58 ? -4.101  29.261  0.353   1.00 148.46 ? 58  LYS A HD2  1 
ATOM   931  H HD3  . LYS A 1 58 ? -2.840  30.040  0.929   1.00 148.46 ? 58  LYS A HD3  1 
ATOM   932  H HE2  . LYS A 1 58 ? -2.413  30.996  -1.094  1.00 133.23 ? 58  LYS A HE2  1 
ATOM   933  H HE3  . LYS A 1 58 ? -3.463  30.050  -1.822  1.00 133.23 ? 58  LYS A HE3  1 
ATOM   934  H HZ1  . LYS A 1 58 ? -4.340  32.134  -1.529  1.00 126.18 ? 58  LYS A HZ1  1 
ATOM   935  H HZ2  . LYS A 1 58 ? -5.127  31.196  -0.755  1.00 126.18 ? 58  LYS A HZ2  1 
ATOM   936  H HZ3  . LYS A 1 58 ? -4.170  32.058  -0.092  1.00 126.18 ? 58  LYS A HZ3  1 
ATOM   937  N N    . ASN B 1 3  ? 3.549   -0.719  -16.537 1.00 75.38  ? 3   ASN B N    1 
ATOM   938  C CA   . ASN B 1 3  ? 2.378   -1.025  -15.724 1.00 78.19  ? 3   ASN B CA   1 
ATOM   939  C C    . ASN B 1 3  ? 2.577   -2.295  -14.908 1.00 72.51  ? 3   ASN B C    1 
ATOM   940  O O    . ASN B 1 3  ? 2.421   -2.258  -13.696 1.00 85.08  ? 3   ASN B O    1 
ATOM   941  C CB   . ASN B 1 3  ? 1.118   -1.165  -16.589 1.00 75.27  ? 3   ASN B CB   1 
ATOM   942  C CG   . ASN B 1 3  ? -0.162  -0.777  -15.838 1.00 83.47  ? 3   ASN B CG   1 
ATOM   943  O OD1  . ASN B 1 3  ? -0.117  -0.379  -14.684 1.00 78.71  ? 3   ASN B OD1  1 
ATOM   944  N ND2  . ASN B 1 3  ? -1.305  -0.871  -16.510 1.00 90.10  ? 3   ASN B ND2  1 
ATOM   945  H H    . ASN B 1 3  ? 4.176   -0.314  -16.110 1.00 90.45  ? 3   ASN B H    1 
ATOM   946  H HA   . ASN B 1 3  ? 2.232   -0.295  -15.103 1.00 93.83  ? 3   ASN B HA   1 
ATOM   947  H HB2  . ASN B 1 3  ? 1.199   -0.585  -17.362 1.00 90.32  ? 3   ASN B HB2  1 
ATOM   948  H HB3  . ASN B 1 3  ? 1.030   -2.087  -16.875 1.00 90.32  ? 3   ASN B HB3  1 
ATOM   949  H HD21 . ASN B 1 3  ? -2.047  -0.664  -16.128 1.00 108.12 ? 3   ASN B HD21 1 
ATOM   950  H HD22 . ASN B 1 3  ? -1.302  -1.139  -17.327 1.00 108.12 ? 3   ASN B HD22 1 
ATOM   951  N N    . LYS B 1 4  ? 2.911   -3.413  -15.554 1.00 78.62  ? 4   LYS B N    1 
ATOM   952  C CA   . LYS B 1 4  ? 3.220   -4.659  -14.823 1.00 72.77  ? 4   LYS B CA   1 
ATOM   953  C C    . LYS B 1 4  ? 4.316   -4.434  -13.773 1.00 72.62  ? 4   LYS B C    1 
ATOM   954  O O    . LYS B 1 4  ? 4.292   -5.015  -12.681 1.00 59.73  ? 4   LYS B O    1 
ATOM   955  C CB   . LYS B 1 4  ? 3.668   -5.769  -15.775 1.00 72.33  ? 4   LYS B CB   1 
ATOM   956  C CG   . LYS B 1 4  ? 2.590   -6.231  -16.755 1.00 108.56 ? 4   LYS B CG   1 
ATOM   957  C CD   . LYS B 1 4  ? 3.144   -7.267  -17.739 1.00 108.25 ? 4   LYS B CD   1 
ATOM   958  C CE   . LYS B 1 4  ? 2.092   -7.783  -18.718 1.00 83.79  ? 4   LYS B CE   1 
ATOM   959  N NZ   . LYS B 1 4  ? 2.683   -8.823  -19.608 1.00 83.65  ? 4   LYS B NZ   1 
ATOM   960  H H    . LYS B 1 4  ? 2.967   -3.484  -16.408 1.00 94.35  ? 4   LYS B H    1 
ATOM   961  H HA   . LYS B 1 4  ? 2.422   -4.962  -14.363 1.00 87.33  ? 4   LYS B HA   1 
ATOM   962  H HB2  . LYS B 1 4  ? 4.420   -5.447  -16.295 1.00 86.79  ? 4   LYS B HB2  1 
ATOM   963  H HB3  . LYS B 1 4  ? 3.937   -6.538  -15.249 1.00 86.79  ? 4   LYS B HB3  1 
ATOM   964  H HG2  . LYS B 1 4  ? 1.861   -6.639  -16.262 1.00 130.28 ? 4   LYS B HG2  1 
ATOM   965  H HG3  . LYS B 1 4  ? 2.269   -5.469  -17.261 1.00 130.28 ? 4   LYS B HG3  1 
ATOM   966  H HD2  . LYS B 1 4  ? 3.859   -6.860  -18.255 1.00 129.90 ? 4   LYS B HD2  1 
ATOM   967  H HD3  . LYS B 1 4  ? 3.486   -8.024  -17.241 1.00 129.90 ? 4   LYS B HD3  1 
ATOM   968  H HE2  . LYS B 1 4  ? 1.358   -8.180  -18.225 1.00 100.55 ? 4   LYS B HE2  1 
ATOM   969  H HE3  . LYS B 1 4  ? 1.775   -7.051  -19.269 1.00 100.55 ? 4   LYS B HE3  1 
ATOM   970  H HZ1  . LYS B 1 4  ? 3.361   -8.478  -20.070 1.00 100.38 ? 4   LYS B HZ1  1 
ATOM   971  H HZ2  . LYS B 1 4  ? 2.982   -9.506  -19.121 1.00 100.38 ? 4   LYS B HZ2  1 
ATOM   972  H HZ3  . LYS B 1 4  ? 2.067   -9.122  -20.177 1.00 100.38 ? 4   LYS B HZ3  1 
ATOM   973  N N    . PHE B 1 5  ? 5.278   -3.593  -14.143 1.00 78.55  ? 5   PHE B N    1 
ATOM   974  C CA   . PHE B 1 5  ? 6.320   -3.105  -13.248 1.00 59.19  ? 5   PHE B CA   1 
ATOM   975  C C    . PHE B 1 5  ? 5.727   -2.340  -12.063 1.00 64.33  ? 5   PHE B C    1 
ATOM   976  O O    . PHE B 1 5  ? 6.100   -2.567  -10.903 1.00 44.70  ? 5   PHE B O    1 
ATOM   977  C CB   . PHE B 1 5  ? 7.273   -2.210  -14.036 1.00 59.88  ? 5   PHE B CB   1 
ATOM   978  C CG   . PHE B 1 5  ? 8.499   -1.786  -13.272 1.00 54.12  ? 5   PHE B CG   1 
ATOM   979  C CD1  . PHE B 1 5  ? 9.667   -2.515  -13.356 1.00 52.14  ? 5   PHE B CD1  1 
ATOM   980  C CD2  . PHE B 1 5  ? 8.489   -0.633  -12.508 1.00 57.92  ? 5   PHE B CD2  1 
ATOM   981  C CE1  . PHE B 1 5  ? 10.802  -2.114  -12.680 1.00 48.98  ? 5   PHE B CE1  1 
ATOM   982  C CE2  . PHE B 1 5  ? 9.621   -0.234  -11.821 1.00 55.87  ? 5   PHE B CE2  1 
ATOM   983  C CZ   . PHE B 1 5  ? 10.778  -0.974  -11.910 1.00 48.87  ? 5   PHE B CZ   1 
ATOM   984  H H    . PHE B 1 5  ? 5.350   -3.281  -14.940 1.00 94.26  ? 5   PHE B H    1 
ATOM   985  H HA   . PHE B 1 5  ? 6.824   -3.858  -12.903 1.00 71.03  ? 5   PHE B HA   1 
ATOM   986  H HB2  . PHE B 1 5  ? 7.569   -2.689  -14.826 1.00 71.85  ? 5   PHE B HB2  1 
ATOM   987  H HB3  . PHE B 1 5  ? 6.798   -1.407  -14.301 1.00 71.85  ? 5   PHE B HB3  1 
ATOM   988  H HD1  . PHE B 1 5  ? 9.691   -3.286  -13.877 1.00 62.56  ? 5   PHE B HD1  1 
ATOM   989  H HD2  . PHE B 1 5  ? 7.710   -0.129  -12.445 1.00 69.51  ? 5   PHE B HD2  1 
ATOM   990  H HE1  . PHE B 1 5  ? 11.581  -2.620  -12.738 1.00 58.77  ? 5   PHE B HE1  1 
ATOM   991  H HE2  . PHE B 1 5  ? 9.601   0.538   -11.303 1.00 67.05  ? 5   PHE B HE2  1 
ATOM   992  H HZ   . PHE B 1 5  ? 11.539  -0.706  -11.448 1.00 58.64  ? 5   PHE B HZ   1 
ATOM   993  N N    . ASN B 1 6  ? 4.803   -1.418  -12.337 1.00 59.15  ? 6   ASN B N    1 
ATOM   994  C CA   . ASN B 1 6  ? 4.188   -0.673  -11.248 1.00 55.21  ? 6   ASN B CA   1 
ATOM   995  C C    . ASN B 1 6  ? 3.239   -1.527  -10.444 1.00 56.77  ? 6   ASN B C    1 
ATOM   996  O O    . ASN B 1 6  ? 3.071   -1.294  -9.255  1.00 58.59  ? 6   ASN B O    1 
ATOM   997  C CB   . ASN B 1 6  ? 3.454   0.565   -11.771 1.00 60.44  ? 6   ASN B CB   1 
ATOM   998  C CG   . ASN B 1 6  ? 4.383   1.720   -11.954 1.00 63.07  ? 6   ASN B CG   1 
ATOM   999  O OD1  . ASN B 1 6  ? 4.614   2.522   -11.032 1.00 57.03  ? 6   ASN B OD1  1 
ATOM   1000 N ND2  . ASN B 1 6  ? 4.988   1.780   -13.135 1.00 62.59  ? 6   ASN B ND2  1 
ATOM   1001 H H    . ASN B 1 6  ? 4.522   -1.213  -13.123 1.00 70.98  ? 6   ASN B H    1 
ATOM   1002 H HA   . ASN B 1 6  ? 4.888   -0.369  -10.649 1.00 66.25  ? 6   ASN B HA   1 
ATOM   1003 H HB2  . ASN B 1 6  ? 3.052   0.360   -12.630 1.00 72.53  ? 6   ASN B HB2  1 
ATOM   1004 H HB3  . ASN B 1 6  ? 2.770   0.824   -11.134 1.00 72.53  ? 6   ASN B HB3  1 
ATOM   1005 H HD21 . ASN B 1 6  ? 5.536   2.420   -13.305 1.00 75.11  ? 6   ASN B HD21 1 
ATOM   1006 H HD22 . ASN B 1 6  ? 4.833   1.177   -13.728 1.00 75.11  ? 6   ASN B HD22 1 
ATOM   1007 N N    . LYS B 1 7  ? 2.622   -2.518  -11.081 1.00 58.24  ? 7   LYS B N    1 
ATOM   1008 C CA   . LYS B 1 7  ? 1.624   -3.313  -10.378 1.00 68.55  ? 7   LYS B CA   1 
ATOM   1009 C C    . LYS B 1 7  ? 2.364   -4.140  -9.336  1.00 59.64  ? 7   LYS B C    1 
ATOM   1010 O O    . LYS B 1 7  ? 1.981   -4.158  -8.170  1.00 57.99  ? 7   LYS B O    1 
ATOM   1011 C CB   . LYS B 1 7  ? 0.820   -4.203  -11.333 1.00 72.75  ? 7   LYS B CB   1 
ATOM   1012 C CG   . LYS B 1 7  ? -0.612  -4.509  -10.842 1.00 79.06  ? 7   LYS B CG   1 
ATOM   1013 C CD   . LYS B 1 7  ? -1.242  -5.709  -11.556 1.00 81.27  ? 7   LYS B CD   1 
ATOM   1014 C CE   . LYS B 1 7  ? -1.389  -5.481  -13.055 1.00 85.79  ? 7   LYS B CE   1 
ATOM   1015 N NZ   . LYS B 1 7  ? -1.698  -6.745  -13.800 1.00 122.98 ? 7   LYS B NZ   1 
ATOM   1016 H H    . LYS B 1 7  ? 2.760   -2.746  -11.899 1.00 69.89  ? 7   LYS B H    1 
ATOM   1017 H HA   . LYS B 1 7  ? 1.007   -2.723  -9.919  1.00 82.26  ? 7   LYS B HA   1 
ATOM   1018 H HB2  . LYS B 1 7  ? 0.750   -3.759  -12.191 1.00 87.29  ? 7   LYS B HB2  1 
ATOM   1019 H HB3  . LYS B 1 7  ? 1.284   -5.049  -11.437 1.00 87.29  ? 7   LYS B HB3  1 
ATOM   1020 H HG2  . LYS B 1 7  ? -0.585  -4.705  -9.892  1.00 94.87  ? 7   LYS B HG2  1 
ATOM   1021 H HG3  . LYS B 1 7  ? -1.174  -3.735  -11.005 1.00 94.87  ? 7   LYS B HG3  1 
ATOM   1022 H HD2  . LYS B 1 7  ? -0.680  -6.488  -11.424 1.00 97.53  ? 7   LYS B HD2  1 
ATOM   1023 H HD3  . LYS B 1 7  ? -2.125  -5.869  -11.187 1.00 97.53  ? 7   LYS B HD3  1 
ATOM   1024 H HE2  . LYS B 1 7  ? -2.114  -4.855  -13.212 1.00 102.94 ? 7   LYS B HE2  1 
ATOM   1025 H HE3  . LYS B 1 7  ? -0.559  -5.122  -13.405 1.00 102.94 ? 7   LYS B HE3  1 
ATOM   1026 H HZ1  . LYS B 1 7  ? -2.461  -7.093  -13.502 1.00 147.58 ? 7   LYS B HZ1  1 
ATOM   1027 H HZ2  . LYS B 1 7  ? -1.777  -6.574  -14.670 1.00 147.58 ? 7   LYS B HZ2  1 
ATOM   1028 H HZ3  . LYS B 1 7  ? -1.044  -7.336  -13.678 1.00 147.58 ? 7   LYS B HZ3  1 
ATOM   1029 N N    . GLU B 1 8  ? 3.437   -4.792  -9.773  1.00 58.57  ? 8   GLU B N    1 
ATOM   1030 C CA   . GLU B 1 8  ? 4.292   -5.598  -8.889  1.00 52.95  ? 8   GLU B CA   1 
ATOM   1031 C C    . GLU B 1 8  ? 4.880   -4.777  -7.762  1.00 51.39  ? 8   GLU B C    1 
ATOM   1032 O O    . GLU B 1 8  ? 4.874   -5.186  -6.601  1.00 52.25  ? 8   GLU B O    1 
ATOM   1033 C CB   . GLU B 1 8  ? 5.431   -6.229  -9.677  1.00 54.97  ? 8   GLU B CB   1 
ATOM   1034 C CG   . GLU B 1 8  ? 5.004   -7.300  -10.652 1.00 68.17  ? 8   GLU B CG   1 
ATOM   1035 C CD   . GLU B 1 8  ? 6.151   -7.759  -11.537 1.00 71.89  ? 8   GLU B CD   1 
ATOM   1036 O OE1  . GLU B 1 8  ? 7.238   -7.129  -11.478 1.00 73.34  ? 8   GLU B OE1  1 
ATOM   1037 O OE2  . GLU B 1 8  ? 5.967   -8.751  -12.286 1.00 73.38  ? 8   GLU B OE2  1 
ATOM   1038 H H    . GLU B 1 8  ? 3.699   -4.787  -10.592 1.00 70.29  ? 8   GLU B H    1 
ATOM   1039 H HA   . GLU B 1 8  ? 3.763   -6.312  -8.499  1.00 63.54  ? 8   GLU B HA   1 
ATOM   1040 H HB2  . GLU B 1 8  ? 5.880   -5.533  -10.183 1.00 65.97  ? 8   GLU B HB2  1 
ATOM   1041 H HB3  . GLU B 1 8  ? 6.054   -6.632  -9.053  1.00 65.97  ? 8   GLU B HB3  1 
ATOM   1042 H HG2  . GLU B 1 8  ? 4.679   -8.068  -10.158 1.00 81.81  ? 8   GLU B HG2  1 
ATOM   1043 H HG3  . GLU B 1 8  ? 4.302   -6.949  -11.223 1.00 81.81  ? 8   GLU B HG3  1 
ATOM   1044 N N    . TRP B 1 9  ? 5.423   -3.627  -8.115  1.00 41.75  ? 9   TRP B N    1 
ATOM   1045 C CA   . TRP B 1 9  ? 5.895   -2.677  -7.137  1.00 43.50  ? 9   TRP B CA   1 
ATOM   1046 C C    . TRP B 1 9  ? 4.835   -2.252  -6.114  1.00 48.94  ? 9   TRP B C    1 
ATOM   1047 O O    . TRP B 1 9  ? 5.116   -2.259  -4.910  1.00 45.75  ? 9   TRP B O    1 
ATOM   1048 C CB   . TRP B 1 9  ? 6.479   -1.467  -7.837  1.00 49.12  ? 9   TRP B CB   1 
ATOM   1049 C CG   . TRP B 1 9  ? 7.193   -0.548  -6.931  1.00 42.97  ? 9   TRP B CG   1 
ATOM   1050 C CD1  . TRP B 1 9  ? 8.539   -0.484  -6.704  1.00 52.51  ? 9   TRP B CD1  1 
ATOM   1051 C CD2  . TRP B 1 9  ? 6.601   0.449   -6.118  1.00 46.08  ? 9   TRP B CD2  1 
ATOM   1052 N NE1  . TRP B 1 9  ? 8.816   0.496   -5.784  1.00 47.50  ? 9   TRP B NE1  1 
ATOM   1053 C CE2  . TRP B 1 9  ? 7.632   1.098   -5.431  1.00 49.84  ? 9   TRP B CE2  1 
ATOM   1054 C CE3  . TRP B 1 9  ? 5.283   0.873   -5.918  1.00 61.96  ? 9   TRP B CE3  1 
ATOM   1055 C CZ2  . TRP B 1 9  ? 7.388   2.136   -4.544  1.00 53.08  ? 9   TRP B CZ2  1 
ATOM   1056 C CZ3  . TRP B 1 9  ? 5.047   1.895   -5.052  1.00 63.98  ? 9   TRP B CZ3  1 
ATOM   1057 C CH2  . TRP B 1 9  ? 6.093   2.513   -4.363  1.00 51.90  ? 9   TRP B CH2  1 
ATOM   1058 H H    . TRP B 1 9  ? 5.530   -3.372  -8.929  1.00 50.10  ? 9   TRP B H    1 
ATOM   1059 H HA   . TRP B 1 9  ? 6.615   -3.093  -6.639  1.00 52.20  ? 9   TRP B HA   1 
ATOM   1060 H HB2  . TRP B 1 9  ? 7.109   -1.769  -8.510  1.00 58.94  ? 9   TRP B HB2  1 
ATOM   1061 H HB3  . TRP B 1 9  ? 5.761   -0.971  -8.259  1.00 58.94  ? 9   TRP B HB3  1 
ATOM   1062 H HD1  . TRP B 1 9  ? 9.174   -1.034  -7.103  1.00 63.02  ? 9   TRP B HD1  1 
ATOM   1063 H HE1  . TRP B 1 9  ? 9.598   0.715   -5.501  1.00 57.00  ? 9   TRP B HE1  1 
ATOM   1064 H HE3  . TRP B 1 9  ? 4.581   0.467   -6.372  1.00 74.35  ? 9   TRP B HE3  1 
ATOM   1065 H HZ2  . TRP B 1 9  ? 8.081   2.550   -4.082  1.00 63.70  ? 9   TRP B HZ2  1 
ATOM   1066 H HZ3  . TRP B 1 9  ? 4.173   2.182   -4.911  1.00 76.78  ? 9   TRP B HZ3  1 
ATOM   1067 H HH2  . TRP B 1 9  ? 5.901   3.210   -3.779  1.00 62.28  ? 9   TRP B HH2  1 
ATOM   1068 N N    . GLN B 1 10 ? 3.634   -1.881  -6.559  1.00 49.94  ? 10  GLN B N    1 
ATOM   1069 C CA   . GLN B 1 10 ? 2.582   -1.528  -5.617  1.00 52.19  ? 10  GLN B CA   1 
ATOM   1070 C C    . GLN B 1 10 ? 2.200   -2.724  -4.757  1.00 45.54  ? 10  GLN B C    1 
ATOM   1071 O O    . GLN B 1 10 ? 1.919   -2.577  -3.571  1.00 43.66  ? 10  GLN B O    1 
ATOM   1072 C CB   . GLN B 1 10 ? 1.347   -1.012  -6.348  1.00 51.92  ? 10  GLN B CB   1 
ATOM   1073 C CG   . GLN B 1 10 ? 1.498   0.391   -6.878  1.00 57.27  ? 10  GLN B CG   1 
ATOM   1074 C CD   . GLN B 1 10 ? 0.340   0.763   -7.740  1.00 62.29  ? 10  GLN B CD   1 
ATOM   1075 O OE1  . GLN B 1 10 ? -0.494  -0.088  -8.063  1.00 54.33  ? 10  GLN B OE1  1 
ATOM   1076 N NE2  . GLN B 1 10 ? 0.258   2.036   -8.110  1.00 53.84  ? 10  GLN B NE2  1 
ATOM   1077 H H    . GLN B 1 10 ? 3.407   -1.829  -7.387  1.00 59.93  ? 10  GLN B H    1 
ATOM   1078 H HA   . GLN B 1 10 ? 2.903   -0.825  -5.031  1.00 62.62  ? 10  GLN B HA   1 
ATOM   1079 H HB2  . GLN B 1 10 ? 1.162   -1.595  -7.101  1.00 62.30  ? 10  GLN B HB2  1 
ATOM   1080 H HB3  . GLN B 1 10 ? 0.595   -1.019  -5.735  1.00 62.30  ? 10  GLN B HB3  1 
ATOM   1081 H HG2  . GLN B 1 10 ? 1.540   1.013   -6.135  1.00 68.72  ? 10  GLN B HG2  1 
ATOM   1082 H HG3  . GLN B 1 10 ? 2.307   0.448   -7.412  1.00 68.72  ? 10  GLN B HG3  1 
ATOM   1083 H HE21 . GLN B 1 10 ? 0.856   2.598   -7.854  1.00 64.61  ? 10  GLN B HE21 1 
ATOM   1084 H HE22 . GLN B 1 10 ? -0.392  2.298   -8.607  1.00 64.61  ? 10  GLN B HE22 1 
ATOM   1085 N N    . ASN B 1 11 ? 2.165   -3.897  -5.371  1.00 41.62  ? 11  ASN B N    1 
ATOM   1086 C CA   . ASN B 1 11 ? 1.861   -5.094  -4.649  1.00 54.84  ? 11  ASN B CA   1 
ATOM   1087 C C    . ASN B 1 11 ? 2.853   -5.267  -3.512  1.00 52.62  ? 11  ASN B C    1 
ATOM   1088 O O    . ASN B 1 11 ? 2.434   -5.506  -2.382  1.00 52.21  ? 11  ASN B O    1 
ATOM   1089 C CB   . ASN B 1 11 ? 1.891   -6.302  -5.577  1.00 64.01  ? 11  ASN B CB   1 
ATOM   1090 C CG   . ASN B 1 11 ? 1.848   -7.626  -4.817  1.00 54.16  ? 11  ASN B CG   1 
ATOM   1091 O OD1  . ASN B 1 11 ? 0.783   -8.035  -4.336  1.00 58.45  ? 11  ASN B OD1  1 
ATOM   1092 N ND2  . ASN B 1 11 ? 2.992   -8.319  -4.731  1.00 59.25  ? 11  ASN B ND2  1 
ATOM   1093 H H    . ASN B 1 11 ? 2.316   -4.017  -6.207  1.00 49.94  ? 11  ASN B H    1 
ATOM   1094 H HA   . ASN B 1 11 ? 0.971   -5.024  -4.269  1.00 65.80  ? 11  ASN B HA   1 
ATOM   1095 H HB2  . ASN B 1 11 ? 1.122   -6.268  -6.166  1.00 76.81  ? 11  ASN B HB2  1 
ATOM   1096 H HB3  . ASN B 1 11 ? 2.710   -6.281  -6.097  1.00 76.81  ? 11  ASN B HB3  1 
ATOM   1097 H HD21 . ASN B 1 11 ? 3.010   -9.069  -4.311  1.00 71.10  ? 11  ASN B HD21 1 
ATOM   1098 H HD22 . ASN B 1 11 ? 3.707   -8.012  -5.095  1.00 71.10  ? 11  ASN B HD22 1 
ATOM   1099 N N    . ALA B 1 12 ? 4.148   -5.124  -3.810  1.00 44.34  ? 12  ALA B N    1 
ATOM   1100 C CA   . ALA B 1 12 ? 5.220   -5.259  -2.791  1.00 44.74  ? 12  ALA B CA   1 
ATOM   1101 C C    . ALA B 1 12 ? 5.010   -4.224  -1.719  1.00 44.69  ? 12  ALA B C    1 
ATOM   1102 O O    . ALA B 1 12 ? 5.069   -4.522  -0.526  1.00 43.43  ? 12  ALA B O    1 
ATOM   1103 C CB   . ALA B 1 12 ? 6.615   -5.103  -3.404  1.00 44.45  ? 12  ALA B CB   1 
ATOM   1104 H H    . ALA B 1 12 ? 4.443   -4.947  -4.599  1.00 53.21  ? 12  ALA B H    1 
ATOM   1105 H HA   . ALA B 1 12 ? 5.165   -6.136  -2.383  1.00 53.69  ? 12  ALA B HA   1 
ATOM   1106 H HB1  . ALA B 1 12 ? 7.280   -5.198  -2.704  1.00 53.34  ? 12  ALA B HB1  1 
ATOM   1107 H HB2  . ALA B 1 12 ? 6.743   -5.790  -4.077  1.00 53.34  ? 12  ALA B HB2  1 
ATOM   1108 H HB3  . ALA B 1 12 ? 6.685   -4.225  -3.810  1.00 53.34  ? 12  ALA B HB3  1 
ATOM   1109 N N    . PHE B 1 13 ? 4.696   -3.008  -2.155  1.00 42.46  ? 13  PHE B N    1 
ATOM   1110 C CA   . PHE B 1 13 ? 4.575   -1.879  -1.251  1.00 38.91  ? 13  PHE B CA   1 
ATOM   1111 C C    . PHE B 1 13 ? 3.490   -2.144  -0.214  1.00 40.68  ? 13  PHE B C    1 
ATOM   1112 O O    . PHE B 1 13 ? 3.723   -2.022  1.014   1.00 43.24  ? 13  PHE B O    1 
ATOM   1113 C CB   . PHE B 1 13 ? 4.278   -0.593  -2.073  1.00 40.43  ? 13  PHE B CB   1 
ATOM   1114 C CG   . PHE B 1 13 ? 4.219   0.664   -1.256  1.00 46.60  ? 13  PHE B CG   1 
ATOM   1115 C CD1  . PHE B 1 13 ? 5.371   1.335   -0.910  1.00 46.71  ? 13  PHE B CD1  1 
ATOM   1116 C CD2  . PHE B 1 13 ? 2.998   1.197   -0.866  1.00 59.34  ? 13  PHE B CD2  1 
ATOM   1117 C CE1  . PHE B 1 13 ? 5.335   2.488   -0.156  1.00 51.84  ? 13  PHE B CE1  1 
ATOM   1118 C CE2  . PHE B 1 13 ? 2.947   2.360   -0.113  1.00 61.64  ? 13  PHE B CE2  1 
ATOM   1119 C CZ   . PHE B 1 13 ? 4.124   3.006   0.238   1.00 76.25  ? 13  PHE B CZ   1 
ATOM   1120 H H    . PHE B 1 13 ? 4.546   -2.813  -2.979  1.00 50.95  ? 13  PHE B H    1 
ATOM   1121 H HA   . PHE B 1 13 ? 5.416   -1.754  -0.783  1.00 46.69  ? 13  PHE B HA   1 
ATOM   1122 H HB2  . PHE B 1 13 ? 4.977   -0.479  -2.737  1.00 48.52  ? 13  PHE B HB2  1 
ATOM   1123 H HB3  . PHE B 1 13 ? 3.422   -0.697  -2.516  1.00 48.52  ? 13  PHE B HB3  1 
ATOM   1124 H HD1  . PHE B 1 13 ? 6.194   0.987   -1.168  1.00 56.06  ? 13  PHE B HD1  1 
ATOM   1125 H HD2  . PHE B 1 13 ? 2.210   0.761   -1.095  1.00 71.21  ? 13  PHE B HD2  1 
ATOM   1126 H HE1  . PHE B 1 13 ? 6.125   2.921   0.073   1.00 62.21  ? 13  PHE B HE1  1 
ATOM   1127 H HE2  . PHE B 1 13 ? 2.126   2.707   0.153   1.00 73.97  ? 13  PHE B HE2  1 
ATOM   1128 H HZ   . PHE B 1 13 ? 4.095   3.789   0.740   1.00 91.50  ? 13  PHE B HZ   1 
ATOM   1129 N N    . TYR B 1 14 ? 2.309   -2.542  -0.690  1.00 46.50  ? 14  TYR B N    1 
ATOM   1130 C CA   . TYR B 1 14 ? 1.131   -2.602  0.165   1.00 43.59  ? 14  TYR B CA   1 
ATOM   1131 C C    . TYR B 1 14 ? 1.157   -3.831  1.034   1.00 46.29  ? 14  TYR B C    1 
ATOM   1132 O O    . TYR B 1 14 ? 0.661   -3.820  2.157   1.00 52.42  ? 14  TYR B O    1 
ATOM   1133 C CB   . TYR B 1 14 ? -0.153  -2.592  -0.653  1.00 48.23  ? 14  TYR B CB   1 
ATOM   1134 C CG   . TYR B 1 14 ? -0.472  -1.225  -1.166  1.00 47.86  ? 14  TYR B CG   1 
ATOM   1135 C CD1  . TYR B 1 14 ? -0.605  -0.148  -0.294  1.00 47.56  ? 14  TYR B CD1  1 
ATOM   1136 C CD2  . TYR B 1 14 ? -0.605  -0.997  -2.525  1.00 49.58  ? 14  TYR B CD2  1 
ATOM   1137 C CE1  . TYR B 1 14 ? -0.871  1.116   -0.771  1.00 50.33  ? 14  TYR B CE1  1 
ATOM   1138 C CE2  . TYR B 1 14 ? -0.862  0.235   -2.989  1.00 45.09  ? 14  TYR B CE2  1 
ATOM   1139 C CZ   . TYR B 1 14 ? -0.996  1.295   -2.125  1.00 46.31  ? 14  TYR B CZ   1 
ATOM   1140 O OH   . TYR B 1 14 ? -1.293  2.538   -2.668  1.00 53.57  ? 14  TYR B OH   1 
ATOM   1141 H H    . TYR B 1 14 ? 2.167   -2.782  -1.504  1.00 55.81  ? 14  TYR B H    1 
ATOM   1142 H HA   . TYR B 1 14 ? 1.122   -1.825  0.746   1.00 52.30  ? 14  TYR B HA   1 
ATOM   1143 H HB2  . TYR B 1 14 ? -0.051  -3.186  -1.414  1.00 57.87  ? 14  TYR B HB2  1 
ATOM   1144 H HB3  . TYR B 1 14 ? -0.890  -2.887  -0.094  1.00 57.87  ? 14  TYR B HB3  1 
ATOM   1145 H HD1  . TYR B 1 14 ? -0.510  -0.284  0.622   1.00 57.07  ? 14  TYR B HD1  1 
ATOM   1146 H HD2  . TYR B 1 14 ? -0.509  -1.703  -3.122  1.00 59.50  ? 14  TYR B HD2  1 
ATOM   1147 H HE1  . TYR B 1 14 ? -0.970  1.832   -0.186  1.00 60.40  ? 14  TYR B HE1  1 
ATOM   1148 H HE2  . TYR B 1 14 ? -0.958  0.371   -3.904  1.00 54.11  ? 14  TYR B HE2  1 
ATOM   1149 H HH   . TYR B 1 14 ? -1.335  2.482   -3.505  1.00 64.28  ? 14  TYR B HH   1 
ATOM   1150 N N    . GLU B 1 15 ? 1.727   -4.892  0.494   1.00 47.57  ? 15  GLU B N    1 
ATOM   1151 C CA   . GLU B 1 15 ? 1.958   -6.113  1.259   1.00 45.31  ? 15  GLU B CA   1 
ATOM   1152 C C    . GLU B 1 15 ? 3.032   -5.958  2.352   1.00 40.34  ? 15  GLU B C    1 
ATOM   1153 O O    . GLU B 1 15 ? 2.903   -6.536  3.435   1.00 39.86  ? 15  GLU B O    1 
ATOM   1154 C CB   . GLU B 1 15 ? 2.325   -7.225  0.288   1.00 48.39  ? 15  GLU B CB   1 
ATOM   1155 C CG   . GLU B 1 15 ? 1.144   -7.681  -0.585  1.00 55.90  ? 15  GLU B CG   1 
ATOM   1156 C CD   . GLU B 1 15 ? 0.051   -8.449  0.175   1.00 62.92  ? 15  GLU B CD   1 
ATOM   1157 O OE1  . GLU B 1 15 ? 0.257   -8.829  1.343   1.00 63.69  ? 15  GLU B OE1  1 
ATOM   1158 O OE2  . GLU B 1 15 ? -1.034  -8.690  -0.405  1.00 65.23  ? 15  GLU B OE2  1 
ATOM   1159 H H    . GLU B 1 15 ? 1.994   -4.935  -0.322  1.00 57.09  ? 15  GLU B H    1 
ATOM   1160 H HA   . GLU B 1 15 ? 1.130   -6.366  1.696   1.00 54.37  ? 15  GLU B HA   1 
ATOM   1161 H HB2  . GLU B 1 15 ? 3.027   -6.909  -0.301  1.00 58.06  ? 15  GLU B HB2  1 
ATOM   1162 H HB3  . GLU B 1 15 ? 2.636   -7.993  0.792   1.00 58.06  ? 15  GLU B HB3  1 
ATOM   1163 H HG2  . GLU B 1 15 ? 0.731   -6.897  -0.982  1.00 67.08  ? 15  GLU B HG2  1 
ATOM   1164 H HG3  . GLU B 1 15 ? 1.480   -8.263  -1.284  1.00 67.08  ? 15  GLU B HG3  1 
ATOM   1165 N N    . ILE B 1 16 ? 4.072   -5.172  2.111   1.00 38.36  ? 16  ILE B N    1 
ATOM   1166 C CA   . ILE B 1 16 ? 5.030   -4.890  3.174   1.00 43.56  ? 16  ILE B CA   1 
ATOM   1167 C C    . ILE B 1 16 ? 4.350   -4.077  4.280   1.00 47.06  ? 16  ILE B C    1 
ATOM   1168 O O    . ILE B 1 16 ? 4.512   -4.391  5.450   1.00 42.10  ? 16  ILE B O    1 
ATOM   1169 C CB   . ILE B 1 16 ? 6.297   -4.191  2.613   1.00 40.32  ? 16  ILE B CB   1 
ATOM   1170 C CG1  . ILE B 1 16 ? 7.125   -5.241  1.848   1.00 41.19  ? 16  ILE B CG1  1 
ATOM   1171 C CG2  . ILE B 1 16 ? 7.140   -3.513  3.745   1.00 34.70  ? 16  ILE B CG2  1 
ATOM   1172 C CD1  . ILE B 1 16 ? 8.316   -4.712  1.014   1.00 35.29  ? 16  ILE B CD1  1 
ATOM   1173 H H    . ILE B 1 16 ? 4.245   -4.794  1.358   1.00 46.03  ? 16  ILE B H    1 
ATOM   1174 H HA   . ILE B 1 16 ? 5.312   -5.732  3.564   1.00 52.27  ? 16  ILE B HA   1 
ATOM   1175 H HB   . ILE B 1 16 ? 6.017   -3.504  1.988   1.00 48.39  ? 16  ILE B HB   1 
ATOM   1176 H HG12 . ILE B 1 16 ? 7.484   -5.872  2.492   1.00 49.43  ? 16  ILE B HG12 1 
ATOM   1177 H HG13 . ILE B 1 16 ? 6.532   -5.707  1.237   1.00 49.43  ? 16  ILE B HG13 1 
ATOM   1178 H HG21 . ILE B 1 16 ? 7.918   -3.091  3.349   1.00 41.64  ? 16  ILE B HG21 1 
ATOM   1179 H HG22 . ILE B 1 16 ? 6.593   -2.848  4.191   1.00 41.64  ? 16  ILE B HG22 1 
ATOM   1180 H HG23 . ILE B 1 16 ? 7.418   -4.192  4.380   1.00 41.64  ? 16  ILE B HG23 1 
ATOM   1181 H HD11 . ILE B 1 16 ? 8.756   -5.461  0.582   1.00 42.35  ? 16  ILE B HD11 1 
ATOM   1182 H HD12 . ILE B 1 16 ? 7.982   -4.094  0.345   1.00 42.35  ? 16  ILE B HD12 1 
ATOM   1183 H HD13 . ILE B 1 16 ? 8.937   -4.258  1.604   1.00 42.35  ? 16  ILE B HD13 1 
ATOM   1184 N N    . LEU B 1 17 ? 3.551   -3.070  3.938   1.00 43.93  ? 17  LEU B N    1 
ATOM   1185 C CA   . LEU B 1 17 ? 2.805   -2.326  4.959   1.00 43.48  ? 17  LEU B CA   1 
ATOM   1186 C C    . LEU B 1 17 ? 1.862   -3.189  5.820   1.00 43.31  ? 17  LEU B C    1 
ATOM   1187 O O    . LEU B 1 17 ? 1.538   -2.862  6.962   1.00 42.63  ? 17  LEU B O    1 
ATOM   1188 C CB   . LEU B 1 17 ? 1.998   -1.198  4.285   1.00 43.29  ? 17  LEU B CB   1 
ATOM   1189 C CG   . LEU B 1 17 ? 2.884   -0.130  3.659   1.00 45.28  ? 17  LEU B CG   1 
ATOM   1190 C CD1  . LEU B 1 17 ? 2.021   0.889   2.894   1.00 56.12  ? 17  LEU B CD1  1 
ATOM   1191 C CD2  . LEU B 1 17 ? 3.762   0.573   4.691   1.00 48.91  ? 17  LEU B CD2  1 
ATOM   1192 H H    . LEU B 1 17 ? 3.422   -2.797  3.133   1.00 52.72  ? 17  LEU B H    1 
ATOM   1193 H HA   . LEU B 1 17 ? 3.443   -1.909  5.558   1.00 52.17  ? 17  LEU B HA   1 
ATOM   1194 H HB2  . LEU B 1 17 ? 1.448   -1.580  3.583   1.00 51.95  ? 17  LEU B HB2  1 
ATOM   1195 H HB3  . LEU B 1 17 ? 1.438   -0.770  4.951   1.00 51.95  ? 17  LEU B HB3  1 
ATOM   1196 H HG   . LEU B 1 17 ? 3.473   -0.554  3.016   1.00 54.34  ? 17  LEU B HG   1 
ATOM   1197 H HD11 . LEU B 1 17 ? 2.599   1.562   2.502   1.00 67.35  ? 17  LEU B HD11 1 
ATOM   1198 H HD12 . LEU B 1 17 ? 1.532   0.426   2.195   1.00 67.35  ? 17  LEU B HD12 1 
ATOM   1199 H HD13 . LEU B 1 17 ? 1.401   1.305   3.513   1.00 67.35  ? 17  LEU B HD13 1 
ATOM   1200 H HD21 . LEU B 1 17 ? 4.304   1.241   4.243   1.00 58.69  ? 17  LEU B HD21 1 
ATOM   1201 H HD22 . LEU B 1 17 ? 3.193   0.998   5.352   1.00 58.69  ? 17  LEU B HD22 1 
ATOM   1202 H HD23 . LEU B 1 17 ? 4.333   -0.084  5.119   1.00 58.69  ? 17  LEU B HD23 1 
ATOM   1203 N N    . HIS B 1 18 ? 1.437   -4.301  5.256   1.00 44.44  ? 18  HIS B N    1 
ATOM   1204 C CA   . HIS B 1 18 ? 0.429   -5.159  5.845   1.00 44.60  ? 18  HIS B CA   1 
ATOM   1205 C C    . HIS B 1 18 ? 0.986   -6.314  6.695   1.00 44.98  ? 18  HIS B C    1 
ATOM   1206 O O    . HIS B 1 18 ? 0.248   -6.949  7.456   1.00 49.91  ? 18  HIS B O    1 
ATOM   1207 C CB   . HIS B 1 18 ? -0.443  -5.709  4.687   1.00 38.41  ? 18  HIS B CB   1 
ATOM   1208 C CG   . HIS B 1 18 ? -1.565  -6.583  5.139   1.00 39.10  ? 18  HIS B CG   1 
ATOM   1209 N ND1  . HIS B 1 18 ? -2.686  -6.080  5.760   1.00 46.67  ? 18  HIS B ND1  1 
ATOM   1210 C CD2  . HIS B 1 18 ? -1.757  -7.919  5.031   1.00 50.82  ? 18  HIS B CD2  1 
ATOM   1211 C CE1  . HIS B 1 18 ? -3.520  -7.071  6.028   1.00 53.94  ? 18  HIS B CE1  1 
ATOM   1212 N NE2  . HIS B 1 18 ? -2.977  -8.196  5.605   1.00 52.65  ? 18  HIS B NE2  1 
ATOM   1213 H H    . HIS B 1 18 ? 1.730   -4.591  4.502   1.00 53.32  ? 18  HIS B H    1 
ATOM   1214 H HA   . HIS B 1 18 ? -0.143  -4.622  6.416   1.00 53.52  ? 18  HIS B HA   1 
ATOM   1215 H HB2  . HIS B 1 18 ? -0.826  -4.961  4.203   1.00 46.09  ? 18  HIS B HB2  1 
ATOM   1216 H HB3  . HIS B 1 18 ? 0.119   -6.231  4.094   1.00 46.09  ? 18  HIS B HB3  1 
ATOM   1217 H HD1  . HIS B 1 18 ? -2.822  -5.251  5.944   1.00 56.01  ? 18  HIS B HD1  1 
ATOM   1218 H HD2  . HIS B 1 18 ? -1.171  -8.534  4.655   1.00 60.98  ? 18  HIS B HD2  1 
ATOM   1219 H HE1  . HIS B 1 18 ? -4.343  -6.990  6.453   1.00 64.73  ? 18  HIS B HE1  1 
ATOM   1220 N N    . LEU B 1 19 ? 2.287   -6.567  6.610   1.00 43.99  ? 19  LEU B N    1 
ATOM   1221 C CA   . LEU B 1 19 ? 2.896   -7.663  7.378   1.00 46.88  ? 19  LEU B CA   1 
ATOM   1222 C C    . LEU B 1 19 ? 2.741   -7.445  8.891   1.00 42.48  ? 19  LEU B C    1 
ATOM   1223 O O    . LEU B 1 19 ? 3.070   -6.373  9.403   1.00 43.93  ? 19  LEU B O    1 
ATOM   1224 C CB   . LEU B 1 19 ? 4.380   -7.796  7.029   1.00 41.08  ? 19  LEU B CB   1 
ATOM   1225 C CG   . LEU B 1 19 ? 4.653   -8.207  5.593   1.00 43.78  ? 19  LEU B CG   1 
ATOM   1226 C CD1  . LEU B 1 19 ? 6.128   -8.084  5.247   1.00 42.99  ? 19  LEU B CD1  1 
ATOM   1227 C CD2  . LEU B 1 19 ? 4.136   -9.594  5.382   1.00 44.24  ? 19  LEU B CD2  1 
ATOM   1228 H H    . LEU B 1 19 ? 2.840   -6.127  6.120   1.00 52.78  ? 19  LEU B H    1 
ATOM   1229 H HA   . LEU B 1 19 ? 2.456   -8.496  7.146   1.00 56.25  ? 19  LEU B HA   1 
ATOM   1230 H HB2  . LEU B 1 19 ? 4.811   -6.941  7.178   1.00 49.29  ? 19  LEU B HB2  1 
ATOM   1231 H HB3  . LEU B 1 19 ? 4.775   -8.467  7.607   1.00 49.29  ? 19  LEU B HB3  1 
ATOM   1232 H HG   . LEU B 1 19 ? 4.162   -7.616  5.001   1.00 52.54  ? 19  LEU B HG   1 
ATOM   1233 H HD11 . LEU B 1 19 ? 6.259   -8.354  4.324   1.00 51.59  ? 19  LEU B HD11 1 
ATOM   1234 H HD12 . LEU B 1 19 ? 6.404   -7.161  5.364   1.00 51.59  ? 19  LEU B HD12 1 
ATOM   1235 H HD13 . LEU B 1 19 ? 6.640   -8.659  5.837   1.00 51.59  ? 19  LEU B HD13 1 
ATOM   1236 H HD21 . LEU B 1 19 ? 4.309   -9.859  4.465   1.00 53.09  ? 19  LEU B HD21 1 
ATOM   1237 H HD22 . LEU B 1 19 ? 4.589   -10.196 5.992   1.00 53.09  ? 19  LEU B HD22 1 
ATOM   1238 H HD23 . LEU B 1 19 ? 3.181   -9.604  5.555   1.00 53.09  ? 19  LEU B HD23 1 
ATOM   1239 N N    . PRO B 1 20 ? 2.228   -8.464  9.605   1.00 38.16  ? 20  PRO B N    1 
ATOM   1240 C CA   . PRO B 1 20 ? 1.808   -8.259  10.994  1.00 44.03  ? 20  PRO B CA   1 
ATOM   1241 C C    . PRO B 1 20 ? 2.958   -8.324  12.017  1.00 46.26  ? 20  PRO B C    1 
ATOM   1242 O O    . PRO B 1 20 ? 2.765   -7.821  13.111  1.00 51.03  ? 20  PRO B O    1 
ATOM   1243 C CB   . PRO B 1 20 ? 0.837   -9.416  11.225  1.00 47.72  ? 20  PRO B CB   1 
ATOM   1244 C CG   . PRO B 1 20 ? 1.425   -10.517 10.415  1.00 47.12  ? 20  PRO B CG   1 
ATOM   1245 C CD   . PRO B 1 20 ? 1.899   -9.826  9.142   1.00 48.29  ? 20  PRO B CD   1 
ATOM   1246 H HA   . PRO B 1 20 ? 1.337   -7.416  11.086  1.00 52.83  ? 20  PRO B HA   1 
ATOM   1247 H HB2  . PRO B 1 20 ? 0.817   -9.648  12.167  1.00 57.27  ? 20  PRO B HB2  1 
ATOM   1248 H HB3  . PRO B 1 20 ? -0.046  -9.178  10.904  1.00 57.27  ? 20  PRO B HB3  1 
ATOM   1249 H HG2  . PRO B 1 20 ? 2.171   -10.914 10.890  1.00 56.55  ? 20  PRO B HG2  1 
ATOM   1250 H HG3  . PRO B 1 20 ? 0.745   -11.180 10.218  1.00 56.55  ? 20  PRO B HG3  1 
ATOM   1251 H HD2  . PRO B 1 20 ? 2.690   -10.266 8.791   1.00 57.94  ? 20  PRO B HD2  1 
ATOM   1252 H HD3  . PRO B 1 20 ? 1.185   -9.799  8.485   1.00 57.94  ? 20  PRO B HD3  1 
ATOM   1253 N N    . ASN B 1 21 ? 4.102   -8.902  11.649  1.00 47.81  ? 21  ASN B N    1 
ATOM   1254 C CA   . ASN B 1 21 ? 5.202   -9.109  12.597  1.00 50.13  ? 21  ASN B CA   1 
ATOM   1255 C C    . ASN B 1 21 ? 6.454   -8.348  12.220  1.00 52.38  ? 21  ASN B C    1 
ATOM   1256 O O    . ASN B 1 21 ? 7.543   -8.931  12.188  1.00 51.30  ? 21  ASN B O    1 
ATOM   1257 C CB   . ASN B 1 21 ? 5.570   -10.594 12.721  1.00 39.82  ? 21  ASN B CB   1 
ATOM   1258 C CG   . ASN B 1 21 ? 4.374   -11.474 12.873  1.00 46.21  ? 21  ASN B CG   1 
ATOM   1259 O OD1  . ASN B 1 21 ? 3.458   -11.173 13.619  1.00 57.56  ? 21  ASN B OD1  1 
ATOM   1260 N ND2  . ASN B 1 21 ? 4.366   -12.572 12.153  1.00 48.15  ? 21  ASN B ND2  1 
ATOM   1261 H H    . ASN B 1 21 ? 4.268   -9.185  10.853  1.00 57.37  ? 21  ASN B H    1 
ATOM   1262 H HA   . ASN B 1 21 ? 4.920   -8.800  13.472  1.00 60.15  ? 21  ASN B HA   1 
ATOM   1263 H HB2  . ASN B 1 21 ? 6.045   -10.869 11.921  1.00 47.78  ? 21  ASN B HB2  1 
ATOM   1264 H HB3  . ASN B 1 21 ? 6.134   -10.715 13.500  1.00 47.78  ? 21  ASN B HB3  1 
ATOM   1265 H HD21 . ASN B 1 21 ? 3.700   -13.113 12.203  1.00 57.78  ? 21  ASN B HD21 1 
ATOM   1266 H HD22 . ASN B 1 21 ? 5.025   -12.748 11.630  1.00 57.78  ? 21  ASN B HD22 1 
ATOM   1267 N N    . LEU B 1 22 ? 6.300   -7.051  11.958  1.00 37.67  ? 22  LEU B N    1 
ATOM   1268 C CA   . LEU B 1 22 ? 7.466   -6.181  11.779  1.00 46.53  ? 22  LEU B CA   1 
ATOM   1269 C C    . LEU B 1 22 ? 7.275   -5.005  12.705  1.00 49.43  ? 22  LEU B C    1 
ATOM   1270 O O    . LEU B 1 22 ? 6.139   -4.626  12.964  1.00 53.15  ? 22  LEU B O    1 
ATOM   1271 C CB   . LEU B 1 22 ? 7.624   -5.675  10.333  1.00 47.58  ? 22  LEU B CB   1 
ATOM   1272 C CG   . LEU B 1 22 ? 7.919   -6.650  9.189   1.00 49.11  ? 22  LEU B CG   1 
ATOM   1273 C CD1  . LEU B 1 22 ? 8.065   -5.831  7.863   1.00 39.76  ? 22  LEU B CD1  1 
ATOM   1274 C CD2  . LEU B 1 22 ? 9.139   -7.500  9.420   1.00 49.42  ? 22  LEU B CD2  1 
ATOM   1275 H H    . LEU B 1 22 ? 5.543   -6.653  11.880  1.00 45.21  ? 22  LEU B H    1 
ATOM   1276 H HA   . LEU B 1 22 ? 8.273   -6.655  12.036  1.00 55.84  ? 22  LEU B HA   1 
ATOM   1277 H HB2  . LEU B 1 22 ? 6.800   -5.219  10.096  1.00 57.10  ? 22  LEU B HB2  1 
ATOM   1278 H HB3  . LEU B 1 22 ? 8.345   -5.027  10.332  1.00 57.10  ? 22  LEU B HB3  1 
ATOM   1279 H HG   . LEU B 1 22 ? 7.161   -7.245  9.086   1.00 58.94  ? 22  LEU B HG   1 
ATOM   1280 H HD11 . LEU B 1 22 ? 8.253   -6.443  7.134   1.00 47.71  ? 22  LEU B HD11 1 
ATOM   1281 H HD12 . LEU B 1 22 ? 7.236   -5.357  7.693   1.00 47.71  ? 22  LEU B HD12 1 
ATOM   1282 H HD13 . LEU B 1 22 ? 8.794   -5.199  7.961   1.00 47.71  ? 22  LEU B HD13 1 
ATOM   1283 H HD21 . LEU B 1 22 ? 9.262   -8.088  8.659   1.00 59.31  ? 22  LEU B HD21 1 
ATOM   1284 H HD22 . LEU B 1 22 ? 9.911   -6.921  9.521   1.00 59.31  ? 22  LEU B HD22 1 
ATOM   1285 H HD23 . LEU B 1 22 ? 9.009   -8.023  10.227  1.00 59.31  ? 22  LEU B HD23 1 
ATOM   1286 N N    . THR B 1 23 ? 8.370   -4.462  13.236  1.00 48.38  ? 23  THR B N    1 
ATOM   1287 C CA   . THR B 1 23 ? 8.331   -3.174  13.902  1.00 47.23  ? 23  THR B CA   1 
ATOM   1288 C C    . THR B 1 23 ? 8.190   -2.108  12.814  1.00 60.14  ? 23  THR B C    1 
ATOM   1289 O O    . THR B 1 23 ? 8.568   -2.348  11.676  1.00 55.98  ? 23  THR B O    1 
ATOM   1290 C CB   . THR B 1 23 ? 9.609   -2.882  14.699  1.00 50.74  ? 23  THR B CB   1 
ATOM   1291 O OG1  . THR B 1 23 ? 10.699  -2.806  13.793  1.00 50.93  ? 23  THR B OG1  1 
ATOM   1292 C CG2  . THR B 1 23 ? 9.921   -3.953  15.759  1.00 55.80  ? 23  THR B CG2  1 
ATOM   1293 H H    . THR B 1 23 ? 9.150   -4.826  13.221  1.00 58.06  ? 23  THR B H    1 
ATOM   1294 H HA   . THR B 1 23 ? 7.566   -3.126  14.495  1.00 56.68  ? 23  THR B HA   1 
ATOM   1295 H HB   . THR B 1 23 ? 9.512   -2.030  15.151  1.00 60.89  ? 23  THR B HB   1 
ATOM   1296 H HG1  . THR B 1 23 ? 11.410  -2.646  14.211  1.00 61.12  ? 23  THR B HG1  1 
ATOM   1297 H HG21 . THR B 1 23 ? 10.735  -3.723  16.234  1.00 66.96  ? 23  THR B HG21 1 
ATOM   1298 H HG22 . THR B 1 23 ? 9.191   -4.012  16.396  1.00 66.96  ? 23  THR B HG22 1 
ATOM   1299 H HG23 . THR B 1 23 ? 10.038  -4.817  15.333  1.00 66.96  ? 23  THR B HG23 1 
ATOM   1300 N N    . GLU B 1 24 ? 7.673   -0.935  13.162  1.00 52.23  ? 24  GLU B N    1 
ATOM   1301 C CA   . GLU B 1 24 ? 7.629   0.176   12.239  1.00 64.21  ? 24  GLU B CA   1 
ATOM   1302 C C    . GLU B 1 24 ? 9.034   0.528   11.730  1.00 57.68  ? 24  GLU B C    1 
ATOM   1303 O O    . GLU B 1 24 ? 9.208   0.847   10.560  1.00 55.17  ? 24  GLU B O    1 
ATOM   1304 C CB   . GLU B 1 24 ? 6.968   1.363   12.922  1.00 75.67  ? 24  GLU B CB   1 
ATOM   1305 C CG   . GLU B 1 24 ? 6.688   2.527   12.026  1.00 85.96  ? 24  GLU B CG   1 
ATOM   1306 C CD   . GLU B 1 24 ? 6.031   3.645   12.786  1.00 103.08 ? 24  GLU B CD   1 
ATOM   1307 O OE1  . GLU B 1 24 ? 5.477   3.364   13.876  1.00 81.84  ? 24  GLU B OE1  1 
ATOM   1308 O OE2  . GLU B 1 24 ? 6.085   4.795   12.301  1.00 101.05 ? 24  GLU B OE2  1 
ATOM   1309 H H    . GLU B 1 24 ? 7.341   -0.762  13.936  1.00 62.68  ? 24  GLU B H    1 
ATOM   1310 H HA   . GLU B 1 24 ? 7.086   -0.071  11.474  1.00 77.05  ? 24  GLU B HA   1 
ATOM   1311 H HB2  . GLU B 1 24 ? 6.122   1.072   13.296  1.00 90.81  ? 24  GLU B HB2  1 
ATOM   1312 H HB3  . GLU B 1 24 ? 7.549   1.674   13.633  1.00 90.81  ? 24  GLU B HB3  1 
ATOM   1313 H HG2  . GLU B 1 24 ? 7.522   2.857   11.656  1.00 103.15 ? 24  GLU B HG2  1 
ATOM   1314 H HG3  . GLU B 1 24 ? 6.090   2.250   11.314  1.00 103.15 ? 24  GLU B HG3  1 
ATOM   1315 N N    . GLU B 1 25 ? 10.052  0.424   12.577  1.00 57.25  ? 25  GLU B N    1 
ATOM   1316 C CA   . GLU B 1 25 ? 11.416  0.669   12.105  1.00 55.63  ? 25  GLU B CA   1 
ATOM   1317 C C    . GLU B 1 25 ? 11.764  -0.295  10.980  1.00 57.11  ? 25  GLU B C    1 
ATOM   1318 O O    . GLU B 1 25 ? 12.213  0.134   9.912   1.00 49.63  ? 25  GLU B O    1 
ATOM   1319 C CB   . GLU B 1 25 ? 12.440  0.541   13.239  1.00 66.03  ? 25  GLU B CB   1 
ATOM   1320 C CG   . GLU B 1 25 ? 13.810  1.117   12.866  1.00 72.98  ? 25  GLU B CG   1 
ATOM   1321 C CD   . GLU B 1 25 ? 14.685  1.452   14.074  1.00 92.37  ? 25  GLU B CD   1 
ATOM   1322 O OE1  . GLU B 1 25 ? 14.453  0.894   15.173  1.00 93.59  ? 25  GLU B OE1  1 
ATOM   1323 O OE2  . GLU B 1 25 ? 15.610  2.285   13.913  1.00 80.37  ? 25  GLU B OE2  1 
ATOM   1324 H H    . GLU B 1 25 ? 9.987   0.220   13.410  1.00 68.70  ? 25  GLU B H    1 
ATOM   1325 H HA   . GLU B 1 25 ? 11.470  1.572   11.754  1.00 66.75  ? 25  GLU B HA   1 
ATOM   1326 H HB2  . GLU B 1 25 ? 12.113  1.024   14.016  1.00 79.23  ? 25  GLU B HB2  1 
ATOM   1327 H HB3  . GLU B 1 25 ? 12.557  -0.397  13.457  1.00 79.23  ? 25  GLU B HB3  1 
ATOM   1328 H HG2  . GLU B 1 25 ? 14.286  0.467   12.327  1.00 87.58  ? 25  GLU B HG2  1 
ATOM   1329 H HG3  . GLU B 1 25 ? 13.680  1.934   12.359  1.00 87.58  ? 25  GLU B HG3  1 
ATOM   1330 N N    . GLN B 1 26 ? 11.548  -1.592  11.218  1.00 49.75  ? 26  GLN B N    1 
ATOM   1331 C CA   . GLN B 1 26 ? 11.809  -2.605  10.196  1.00 47.37  ? 26  GLN B CA   1 
ATOM   1332 C C    . GLN B 1 26 ? 10.959  -2.436  8.909   1.00 48.22  ? 26  GLN B C    1 
ATOM   1333 O O    . GLN B 1 26 ? 11.463  -2.565  7.788   1.00 45.10  ? 26  GLN B O    1 
ATOM   1334 C CB   . GLN B 1 26 ? 11.573  -4.003  10.774  1.00 49.06  ? 26  GLN B CB   1 
ATOM   1335 C CG   . GLN B 1 26 ? 12.492  -4.417  11.895  1.00 43.89  ? 26  GLN B CG   1 
ATOM   1336 C CD   . GLN B 1 26 ? 12.075  -5.726  12.509  1.00 47.17  ? 26  GLN B CD   1 
ATOM   1337 O OE1  . GLN B 1 26 ? 10.882  -6.021  12.596  1.00 44.85  ? 26  GLN B OE1  1 
ATOM   1338 N NE2  . GLN B 1 26 ? 13.056  -6.520  12.955  1.00 53.49  ? 26  GLN B NE2  1 
ATOM   1339 H H    . GLN B 1 26 ? 11.251  -1.909  11.961  1.00 59.70  ? 26  GLN B H    1 
ATOM   1340 H HA   . GLN B 1 26 ? 12.743  -2.549  9.938   1.00 56.85  ? 26  GLN B HA   1 
ATOM   1341 H HB2  . GLN B 1 26 ? 10.666  -4.044  11.113  1.00 58.87  ? 26  GLN B HB2  1 
ATOM   1342 H HB3  . GLN B 1 26 ? 11.679  -4.651  10.059  1.00 58.87  ? 26  GLN B HB3  1 
ATOM   1343 H HG2  . GLN B 1 26 ? 13.392  -4.519  11.549  1.00 52.67  ? 26  GLN B HG2  1 
ATOM   1344 H HG3  . GLN B 1 26 ? 12.475  -3.739  12.588  1.00 52.67  ? 26  GLN B HG3  1 
ATOM   1345 H HE21 . GLN B 1 26 ? 13.876  -6.273  12.883  1.00 64.18  ? 26  GLN B HE21 1 
ATOM   1346 H HE22 . GLN B 1 26 ? 12.866  -7.278  13.315  1.00 64.18  ? 26  GLN B HE22 1 
ATOM   1347 N N    . ARG B 1 27 ? 9.669   -2.170  9.074   1.00 46.88  ? 27  ARG B N    1 
ATOM   1348 C CA   . ARG B 1 27 ? 8.780   -1.935  7.933   1.00 54.63  ? 27  ARG B CA   1 
ATOM   1349 C C    . ARG B 1 27 ? 9.260   -0.751  7.076   1.00 52.63  ? 27  ARG B C    1 
ATOM   1350 O O    . ARG B 1 27 ? 9.375   -0.868  5.847   1.00 46.89  ? 27  ARG B O    1 
ATOM   1351 C CB   . ARG B 1 27 ? 7.346   -1.696  8.415   1.00 56.49  ? 27  ARG B CB   1 
ATOM   1352 C CG   . ARG B 1 27 ? 6.358   -1.268  7.310   1.00 51.98  ? 27  ARG B CG   1 
ATOM   1353 C CD   . ARG B 1 27 ? 5.127   -0.624  7.909   1.00 54.41  ? 27  ARG B CD   1 
ATOM   1354 N NE   . ARG B 1 27 ? 4.645   -1.221  9.163   1.00 59.38  ? 27  ARG B NE   1 
ATOM   1355 C CZ   . ARG B 1 27 ? 4.246   -2.483  9.356   1.00 57.62  ? 27  ARG B CZ   1 
ATOM   1356 N NH1  . ARG B 1 27 ? 4.279   -3.416  8.399   1.00 49.33  ? 27  ARG B NH1  1 
ATOM   1357 N NH2  . ARG B 1 27 ? 3.825   -2.819  10.564  1.00 59.33  ? 27  ARG B NH2  1 
ATOM   1358 H H    . ARG B 1 27 ? 9.279   -2.118  9.839   1.00 56.26  ? 27  ARG B H    1 
ATOM   1359 H HA   . ARG B 1 27 ? 8.776   -2.726  7.372   1.00 65.55  ? 27  ARG B HA   1 
ATOM   1360 H HB2  . ARG B 1 27 ? 7.010   -2.516  8.808   1.00 67.79  ? 27  ARG B HB2  1 
ATOM   1361 H HB3  . ARG B 1 27 ? 7.359   -0.995  9.086   1.00 67.79  ? 27  ARG B HB3  1 
ATOM   1362 H HG2  . ARG B 1 27 ? 6.787   -0.623  6.725   1.00 62.37  ? 27  ARG B HG2  1 
ATOM   1363 H HG3  . ARG B 1 27 ? 6.081   -2.049  6.805   1.00 62.37  ? 27  ARG B HG3  1 
ATOM   1364 H HD2  . ARG B 1 27 ? 5.326   0.308   8.088   1.00 65.30  ? 27  ARG B HD2  1 
ATOM   1365 H HD3  . ARG B 1 27 ? 4.406   -0.683  7.263   1.00 65.30  ? 27  ARG B HD3  1 
ATOM   1366 H HE   . ARG B 1 27 ? 4.616   -0.702  9.848   1.00 71.26  ? 27  ARG B HE   1 
ATOM   1367 H HH11 . ARG B 1 27 ? 4.548   -3.211  7.609   1.00 59.20  ? 27  ARG B HH11 1 
ATOM   1368 H HH12 . ARG B 1 27 ? 4.019   -4.218  8.570   1.00 59.20  ? 27  ARG B HH12 1 
ATOM   1369 H HH21 . ARG B 1 27 ? 3.807   -2.232  11.193  1.00 71.19  ? 27  ARG B HH21 1 
ATOM   1370 H HH22 . ARG B 1 27 ? 3.576   -3.627  10.723  1.00 71.19  ? 27  ARG B HH22 1 
ATOM   1371 N N    . ASN B 1 28 ? 9.558   0.377   7.717   1.00 55.89  ? 28  ASN B N    1 
ATOM   1372 C CA   . ASN B 1 28 ? 10.035  1.553   6.989   1.00 58.15  ? 28  ASN B CA   1 
ATOM   1373 C C    . ASN B 1 28 ? 11.359  1.260   6.275   1.00 50.61  ? 28  ASN B C    1 
ATOM   1374 O O    . ASN B 1 28 ? 11.629  1.803   5.216   1.00 54.18  ? 28  ASN B O    1 
ATOM   1375 C CB   . ASN B 1 28 ? 10.173  2.756   7.935   1.00 60.60  ? 28  ASN B CB   1 
ATOM   1376 C CG   . ASN B 1 28 ? 8.839   3.152   8.588   1.00 55.48  ? 28  ASN B CG   1 
ATOM   1377 O OD1  . ASN B 1 28 ? 7.772   2.650   8.221   1.00 69.33  ? 28  ASN B OD1  1 
ATOM   1378 N ND2  . ASN B 1 28 ? 8.905   4.057   9.562   1.00 61.51  ? 28  ASN B ND2  1 
ATOM   1379 H H    . ASN B 1 28 ? 9.495   0.487   8.567   1.00 67.07  ? 28  ASN B H    1 
ATOM   1380 H HA   . ASN B 1 28 ? 9.379   1.785   6.312   1.00 69.78  ? 28  ASN B HA   1 
ATOM   1381 H HB2  . ASN B 1 28 ? 10.799  2.532   8.642   1.00 72.72  ? 28  ASN B HB2  1 
ATOM   1382 H HB3  . ASN B 1 28 ? 10.499  3.518   7.432   1.00 72.72  ? 28  ASN B HB3  1 
ATOM   1383 H HD21 . ASN B 1 28 ? 8.187   4.313   9.960   1.00 73.81  ? 28  ASN B HD21 1 
ATOM   1384 H HD22 . ASN B 1 28 ? 9.665   4.386   9.793   1.00 73.81  ? 28  ASN B HD22 1 
ATOM   1385 N N    . GLY B 1 29 ? 12.170  0.368   6.828   1.00 50.18  ? 29  GLY B N    1 
ATOM   1386 C CA   . GLY B 1 29 ? 13.410  -0.011  6.181   1.00 49.59  ? 29  GLY B CA   1 
ATOM   1387 C C    . GLY B 1 29 ? 13.242  -0.690  4.834   1.00 46.70  ? 29  GLY B C    1 
ATOM   1388 O O    . GLY B 1 29 ? 13.919  -0.337  3.869   1.00 56.72  ? 29  GLY B O    1 
ATOM   1389 H H    . GLY B 1 29 ? 12.024  -0.030  7.576   1.00 60.21  ? 29  GLY B H    1 
ATOM   1390 H HA2  . GLY B 1 29 ? 13.953  0.782   6.051   1.00 59.51  ? 29  GLY B HA2  1 
ATOM   1391 H HA3  . GLY B 1 29 ? 13.897  -0.617  6.762   1.00 59.51  ? 29  GLY B HA3  1 
ATOM   1392 N N    . PHE B 1 30 ? 12.341  -1.670  4.765   1.00 45.80  ? 30  PHE B N    1 
ATOM   1393 C CA   . PHE B 1 30 ? 11.958  -2.289  3.485   1.00 44.99  ? 30  PHE B CA   1 
ATOM   1394 C C    . PHE B 1 30 ? 11.234  -1.340  2.501   1.00 40.48  ? 30  PHE B C    1 
ATOM   1395 O O    . PHE B 1 30 ? 11.443  -1.389  1.288   1.00 41.12  ? 30  PHE B O    1 
ATOM   1396 C CB   . PHE B 1 30 ? 11.035  -3.469  3.730   1.00 41.07  ? 30  PHE B CB   1 
ATOM   1397 C CG   . PHE B 1 30 ? 11.684  -4.588  4.487   1.00 38.78  ? 30  PHE B CG   1 
ATOM   1398 C CD1  . PHE B 1 30 ? 12.760  -5.266  3.941   1.00 45.57  ? 30  PHE B CD1  1 
ATOM   1399 C CD2  . PHE B 1 30 ? 11.240  -4.928  5.735   1.00 41.00  ? 30  PHE B CD2  1 
ATOM   1400 C CE1  . PHE B 1 30 ? 13.385  -6.286  4.634   1.00 49.88  ? 30  PHE B CE1  1 
ATOM   1401 C CE2  . PHE B 1 30 ? 11.868  -5.962  6.440   1.00 42.33  ? 30  PHE B CE2  1 
ATOM   1402 C CZ   . PHE B 1 30 ? 12.930  -6.625  5.871   1.00 41.55  ? 30  PHE B CZ   1 
ATOM   1403 H H    . PHE B 1 30 ? 11.932  -1.998  5.446   1.00 54.96  ? 30  PHE B H    1 
ATOM   1404 H HA   . PHE B 1 30 ? 12.757  -2.620  3.046   1.00 53.98  ? 30  PHE B HA   1 
ATOM   1405 H HB2  . PHE B 1 30 ? 10.270  -3.167  4.244   1.00 49.28  ? 30  PHE B HB2  1 
ATOM   1406 H HB3  . PHE B 1 30 ? 10.741  -3.820  2.875   1.00 49.28  ? 30  PHE B HB3  1 
ATOM   1407 H HD1  . PHE B 1 30 ? 13.068  -5.032  3.095   1.00 54.68  ? 30  PHE B HD1  1 
ATOM   1408 H HD2  . PHE B 1 30 ? 10.522  -4.475  6.114   1.00 49.20  ? 30  PHE B HD2  1 
ATOM   1409 H HE1  . PHE B 1 30 ? 14.103  -6.742  4.256   1.00 59.86  ? 30  PHE B HE1  1 
ATOM   1410 H HE2  . PHE B 1 30 ? 11.567  -6.202  7.286   1.00 50.79  ? 30  PHE B HE2  1 
ATOM   1411 H HZ   . PHE B 1 30 ? 13.345  -7.313  6.339   1.00 49.86  ? 30  PHE B HZ   1 
ATOM   1412 N N    . ILE B 1 31 ? 10.348  -0.511  3.031   1.00 45.21  ? 31  ILE B N    1 
ATOM   1413 C CA   . ILE B 1 31 ? 9.686   0.494   2.207   1.00 45.53  ? 31  ILE B CA   1 
ATOM   1414 C C    . ILE B 1 31 ? 10.689  1.454   1.576   1.00 46.35  ? 31  ILE B C    1 
ATOM   1415 O O    . ILE B 1 31 ? 10.645  1.704   0.365   1.00 45.00  ? 31  ILE B O    1 
ATOM   1416 C CB   . ILE B 1 31 ? 8.680   1.288   3.010   1.00 44.85  ? 31  ILE B CB   1 
ATOM   1417 C CG1  . ILE B 1 31 ? 7.517   0.383   3.410   1.00 44.75  ? 31  ILE B CG1  1 
ATOM   1418 C CG2  . ILE B 1 31 ? 8.174   2.491   2.189   1.00 46.69  ? 31  ILE B CG2  1 
ATOM   1419 C CD1  . ILE B 1 31 ? 6.674   -0.095  2.240   1.00 47.62  ? 31  ILE B CD1  1 
ATOM   1420 H H    . ILE B 1 31 ? 10.112  -0.507  3.858   1.00 54.25  ? 31  ILE B H    1 
ATOM   1421 H HA   . ILE B 1 31 ? 9.210   0.047   1.490   1.00 54.64  ? 31  ILE B HA   1 
ATOM   1422 H HB   . ILE B 1 31 ? 9.110   1.617   3.815   1.00 53.81  ? 31  ILE B HB   1 
ATOM   1423 H HG12 . ILE B 1 31 ? 7.872   -0.400  3.858   1.00 53.70  ? 31  ILE B HG12 1 
ATOM   1424 H HG13 . ILE B 1 31 ? 6.935   0.872   4.013   1.00 53.70  ? 31  ILE B HG13 1 
ATOM   1425 H HG21 . ILE B 1 31 ? 7.530   2.986   2.720   1.00 56.02  ? 31  ILE B HG21 1 
ATOM   1426 H HG22 . ILE B 1 31 ? 8.928   3.060   1.967   1.00 56.02  ? 31  ILE B HG22 1 
ATOM   1427 H HG23 . ILE B 1 31 ? 7.754   2.165   1.378   1.00 56.02  ? 31  ILE B HG23 1 
ATOM   1428 H HD11 . ILE B 1 31 ? 5.961   -0.661  2.575   1.00 57.14  ? 31  ILE B HD11 1 
ATOM   1429 H HD12 . ILE B 1 31 ? 6.299   0.676   1.785   1.00 57.14  ? 31  ILE B HD12 1 
ATOM   1430 H HD13 . ILE B 1 31 ? 7.237   -0.598  1.630   1.00 57.14  ? 31  ILE B HD13 1 
ATOM   1431 N N    . GLN B 1 32 ? 11.587  1.988   2.386   1.00 51.15  ? 32  GLN B N    1 
ATOM   1432 C CA   . GLN B 1 32 ? 12.633  2.861   1.859   1.00 55.63  ? 32  GLN B CA   1 
ATOM   1433 C C    . GLN B 1 32 ? 13.425  2.164   0.762   1.00 55.35  ? 32  GLN B C    1 
ATOM   1434 O O    . GLN B 1 32 ? 13.696  2.745   -0.291  1.00 56.41  ? 32  GLN B O    1 
ATOM   1435 C CB   . GLN B 1 32 ? 13.577  3.322   2.972   1.00 55.70  ? 32  GLN B CB   1 
ATOM   1436 C CG   . GLN B 1 32 ? 14.415  4.554   2.611   1.00 66.77  ? 32  GLN B CG   1 
ATOM   1437 C CD   . GLN B 1 32 ? 13.561  5.767   2.211   1.00 61.76  ? 32  GLN B CD   1 
ATOM   1438 O OE1  . GLN B 1 32 ? 12.767  6.285   3.001   1.00 69.15  ? 32  GLN B OE1  1 
ATOM   1439 N NE2  . GLN B 1 32 ? 13.726  6.216   0.972   1.00 70.46  ? 32  GLN B NE2  1 
ATOM   1440 H H    . GLN B 1 32 ? 11.618  1.865   3.236   1.00 61.38  ? 32  GLN B H    1 
ATOM   1441 H HA   . GLN B 1 32 ? 12.220  3.648   1.473   1.00 66.76  ? 32  GLN B HA   1 
ATOM   1442 H HB2  . GLN B 1 32 ? 13.050  3.542   3.756   1.00 66.84  ? 32  GLN B HB2  1 
ATOM   1443 H HB3  . GLN B 1 32 ? 14.189  2.599   3.180   1.00 66.84  ? 32  GLN B HB3  1 
ATOM   1444 H HG2  . GLN B 1 32 ? 14.950  4.806   3.379   1.00 80.13  ? 32  GLN B HG2  1 
ATOM   1445 H HG3  . GLN B 1 32 ? 14.991  4.335   1.863   1.00 80.13  ? 32  GLN B HG3  1 
ATOM   1446 H HE21 . GLN B 1 32 ? 14.285  5.830   0.446   1.00 84.55  ? 32  GLN B HE21 1 
ATOM   1447 H HE22 . GLN B 1 32 ? 13.273  6.893   0.696   1.00 84.55  ? 32  GLN B HE22 1 
ATOM   1448 N N    . SER B 1 33 ? 13.768  0.909   0.987   1.00 49.64  ? 33  SER B N    1 
ATOM   1449 C CA   . SER B 1 33 ? 14.538  0.180   0.008   1.00 49.32  ? 33  SER B CA   1 
ATOM   1450 C C    . SER B 1 33 ? 13.695  0.026   -1.241  1.00 52.33  ? 33  SER B C    1 
ATOM   1451 O O    . SER B 1 33 ? 14.185  0.157   -2.359  1.00 57.10  ? 33  SER B O    1 
ATOM   1452 C CB   . SER B 1 33 ? 14.990  -1.189  0.585   1.00 44.93  ? 33  SER B CB   1 
ATOM   1453 O OG   . SER B 1 33 ? 15.870  -0.974  1.657   1.00 63.04  ? 33  SER B OG   1 
ATOM   1454 H H    . SER B 1 33 ? 13.567  0.461   1.692   1.00 59.57  ? 33  SER B H    1 
ATOM   1455 H HA   . SER B 1 33 ? 15.331  0.690   -0.221  1.00 59.18  ? 33  SER B HA   1 
ATOM   1456 H HB2  . SER B 1 33 ? 14.213  -1.675  0.902   1.00 53.92  ? 33  SER B HB2  1 
ATOM   1457 H HB3  . SER B 1 33 ? 15.446  -1.694  -0.106  1.00 53.92  ? 33  SER B HB3  1 
ATOM   1458 H HG   . SER B 1 33 ? 15.486  -0.532  2.260   1.00 75.64  ? 33  SER B HG   1 
ATOM   1459 N N    . LEU B 1 34 ? 12.405  -0.207  -1.055  1.00 47.08  ? 34  LEU B N    1 
ATOM   1460 C CA   . LEU B 1 34 ? 11.533  -0.436  -2.173  1.00 48.87  ? 34  LEU B CA   1 
ATOM   1461 C C    . LEU B 1 34 ? 11.445  0.863   -3.005  1.00 56.71  ? 34  LEU B C    1 
ATOM   1462 O O    . LEU B 1 34 ? 11.413  0.825   -4.222  1.00 46.65  ? 34  LEU B O    1 
ATOM   1463 C CB   . LEU B 1 34 ? 10.157  -0.893  -1.678  1.00 53.23  ? 34  LEU B CB   1 
ATOM   1464 C CG   . LEU B 1 34 ? 9.090   -1.308  -2.687  1.00 51.82  ? 34  LEU B CG   1 
ATOM   1465 C CD1  . LEU B 1 34 ? 9.573   -2.473  -3.544  1.00 55.91  ? 34  LEU B CD1  1 
ATOM   1466 C CD2  . LEU B 1 34 ? 7.867   -1.699  -1.891  1.00 47.88  ? 34  LEU B CD2  1 
ATOM   1467 H H    . LEU B 1 34 ? 12.017  -0.236  -0.288  1.00 56.50  ? 34  LEU B H    1 
ATOM   1468 H HA   . LEU B 1 34 ? 11.904  -1.134  -2.734  1.00 58.64  ? 34  LEU B HA   1 
ATOM   1469 H HB2  . LEU B 1 34 ? 10.296  -1.654  -1.094  1.00 63.87  ? 34  LEU B HB2  1 
ATOM   1470 H HB3  . LEU B 1 34 ? 9.778   -0.167  -1.158  1.00 63.87  ? 34  LEU B HB3  1 
ATOM   1471 H HG   . LEU B 1 34 ? 8.867   -0.560  -3.264  1.00 62.18  ? 34  LEU B HG   1 
ATOM   1472 H HD11 . LEU B 1 34 ? 8.876   -2.713  -4.173  1.00 67.09  ? 34  LEU B HD11 1 
ATOM   1473 H HD12 . LEU B 1 34 ? 10.373  -2.202  -4.022  1.00 67.09  ? 34  LEU B HD12 1 
ATOM   1474 H HD13 . LEU B 1 34 ? 9.772   -3.227  -2.966  1.00 67.09  ? 34  LEU B HD13 1 
ATOM   1475 H HD21 . LEU B 1 34 ? 7.165   -1.970  -2.503  1.00 57.46  ? 34  LEU B HD21 1 
ATOM   1476 H HD22 . LEU B 1 34 ? 8.096   -2.437  -1.303  1.00 57.46  ? 34  LEU B HD22 1 
ATOM   1477 H HD23 . LEU B 1 34 ? 7.574   -0.937  -1.367  1.00 57.46  ? 34  LEU B HD23 1 
ATOM   1478 N N    . LYS B 1 35 ? 11.484  2.001   -2.327  1.00 58.29  ? 35  LYS B N    1 
ATOM   1479 C CA   . LYS B 1 35 ? 11.476  3.302   -2.994  1.00 54.68  ? 35  LYS B CA   1 
ATOM   1480 C C    . LYS B 1 35 ? 12.720  3.592   -3.815  1.00 60.11  ? 35  LYS B C    1 
ATOM   1481 O O    . LYS B 1 35 ? 12.627  4.091   -4.927  1.00 62.84  ? 35  LYS B O    1 
ATOM   1482 C CB   . LYS B 1 35 ? 11.280  4.394   -1.950  1.00 51.81  ? 35  LYS B CB   1 
ATOM   1483 C CG   . LYS B 1 35 ? 9.810   4.489   -1.581  1.00 55.29  ? 35  LYS B CG   1 
ATOM   1484 C CD   . LYS B 1 35 ? 9.508   5.480   -0.483  1.00 60.42  ? 35  LYS B CD   1 
ATOM   1485 C CE   . LYS B 1 35 ? 8.006   5.536   -0.260  1.00 61.83  ? 35  LYS B CE   1 
ATOM   1486 N NZ   . LYS B 1 35 ? 7.648   6.575   0.737   1.00 75.69  ? 35  LYS B NZ   1 
ATOM   1487 H H    . LYS B 1 35 ? 11.518  2.052   -1.469  1.00 69.94  ? 35  LYS B H    1 
ATOM   1488 H HA   . LYS B 1 35 ? 10.716  3.334   -3.596  1.00 65.61  ? 35  LYS B HA   1 
ATOM   1489 H HB2  . LYS B 1 35 ? 11.787  4.176   -1.152  1.00 62.18  ? 35  LYS B HB2  1 
ATOM   1490 H HB3  . LYS B 1 35 ? 11.565  5.247   -2.315  1.00 62.18  ? 35  LYS B HB3  1 
ATOM   1491 H HG2  . LYS B 1 35 ? 9.309   4.759   -2.367  1.00 66.35  ? 35  LYS B HG2  1 
ATOM   1492 H HG3  . LYS B 1 35 ? 9.508   3.618   -1.282  1.00 66.35  ? 35  LYS B HG3  1 
ATOM   1493 H HD2  . LYS B 1 35 ? 9.935   5.197   0.340   1.00 72.51  ? 35  LYS B HD2  1 
ATOM   1494 H HD3  . LYS B 1 35 ? 9.817   6.362   -0.744  1.00 72.51  ? 35  LYS B HD3  1 
ATOM   1495 H HE2  . LYS B 1 35 ? 7.565   5.752   -1.096  1.00 74.20  ? 35  LYS B HE2  1 
ATOM   1496 H HE3  . LYS B 1 35 ? 7.699   4.677   0.071   1.00 74.20  ? 35  LYS B HE3  1 
ATOM   1497 H HZ1  . LYS B 1 35 ? 6.766   6.591   0.855   1.00 90.82  ? 35  LYS B HZ1  1 
ATOM   1498 H HZ2  . LYS B 1 35 ? 8.040   6.395   1.516   1.00 90.82  ? 35  LYS B HZ2  1 
ATOM   1499 H HZ3  . LYS B 1 35 ? 7.919   7.373   0.453   1.00 90.82  ? 35  LYS B HZ3  1 
ATOM   1500 N N    . ASP B 1 36 ? 13.883  3.273   -3.280  1.00 61.77  ? 36  ASP B N    1 
ATOM   1501 C CA   . ASP B 1 36 ? 15.126  3.573   -3.965  1.00 57.78  ? 36  ASP B CA   1 
ATOM   1502 C C    . ASP B 1 36 ? 15.508  2.551   -5.030  1.00 57.87  ? 36  ASP B C    1 
ATOM   1503 O O    . ASP B 1 36 ? 16.419  2.789   -5.814  1.00 59.89  ? 36  ASP B O    1 
ATOM   1504 C CB   . ASP B 1 36 ? 16.238  3.672   -2.933  1.00 69.56  ? 36  ASP B CB   1 
ATOM   1505 C CG   . ASP B 1 36 ? 15.906  4.651   -1.823  1.00 65.58  ? 36  ASP B CG   1 
ATOM   1506 O OD1  . ASP B 1 36 ? 15.039  5.522   -2.056  1.00 81.87  ? 36  ASP B OD1  1 
ATOM   1507 O OD2  . ASP B 1 36 ? 16.503  4.545   -0.726  1.00 80.24  ? 36  ASP B OD2  1 
ATOM   1508 H H    . ASP B 1 36 ? 13.981  2.882   -2.521  1.00 74.13  ? 36  ASP B H    1 
ATOM   1509 H HA   . ASP B 1 36 ? 15.044  4.437   -4.399  1.00 69.34  ? 36  ASP B HA   1 
ATOM   1510 H HB2  . ASP B 1 36 ? 16.380  2.800   -2.534  1.00 83.47  ? 36  ASP B HB2  1 
ATOM   1511 H HB3  . ASP B 1 36 ? 17.049  3.977   -3.369  1.00 83.47  ? 36  ASP B HB3  1 
ATOM   1512 N N    . ASP B 1 37 ? 14.822  1.415   -5.044  1.00 62.23  ? 37  ASP B N    1 
ATOM   1513 C CA   . ASP B 1 37 ? 15.260  0.245   -5.806  1.00 60.45  ? 37  ASP B CA   1 
ATOM   1514 C C    . ASP B 1 37 ? 14.057  -0.541  -6.291  1.00 54.02  ? 37  ASP B C    1 
ATOM   1515 O O    . ASP B 1 37 ? 13.923  -1.741  -6.040  1.00 49.99  ? 37  ASP B O    1 
ATOM   1516 C CB   . ASP B 1 37 ? 16.158  -0.685  -4.956  1.00 56.39  ? 37  ASP B CB   1 
ATOM   1517 C CG   . ASP B 1 37 ? 17.313  0.039   -4.304  1.00 61.15  ? 37  ASP B CG   1 
ATOM   1518 O OD1  . ASP B 1 37 ? 18.044  0.769   -5.009  1.00 62.76  ? 37  ASP B OD1  1 
ATOM   1519 O OD2  . ASP B 1 37 ? 17.499  -0.150  -3.078  1.00 67.14  ? 37  ASP B OD2  1 
ATOM   1520 H H    . ASP B 1 37 ? 14.088  1.291   -4.614  1.00 74.67  ? 37  ASP B H    1 
ATOM   1521 H HA   . ASP B 1 37 ? 15.767  0.536   -6.579  1.00 72.54  ? 37  ASP B HA   1 
ATOM   1522 H HB2  . ASP B 1 37 ? 15.621  -1.085  -4.254  1.00 67.66  ? 37  ASP B HB2  1 
ATOM   1523 H HB3  . ASP B 1 37 ? 16.523  -1.379  -5.528  1.00 67.66  ? 37  ASP B HB3  1 
ATOM   1524 N N    . PRO B 1 38 ? 13.154  0.135   -6.989  1.00 54.93  ? 38  PRO B N    1 
ATOM   1525 C CA   . PRO B 1 38 ? 11.911  -0.508  -7.429  1.00 53.91  ? 38  PRO B CA   1 
ATOM   1526 C C    . PRO B 1 38 ? 12.150  -1.765  -8.243  1.00 48.36  ? 38  PRO B C    1 
ATOM   1527 O O    . PRO B 1 38 ? 11.294  -2.636  -8.330  1.00 49.14  ? 38  PRO B O    1 
ATOM   1528 C CB   . PRO B 1 38 ? 11.252  0.578   -8.274  1.00 57.83  ? 38  PRO B CB   1 
ATOM   1529 C CG   . PRO B 1 38 ? 12.332  1.551   -8.583  1.00 56.70  ? 38  PRO B CG   1 
ATOM   1530 C CD   . PRO B 1 38 ? 13.271  1.522   -7.468  1.00 60.04  ? 38  PRO B CD   1 
ATOM   1531 H HA   . PRO B 1 38 ? 11.346  -0.715  -6.668  1.00 64.69  ? 38  PRO B HA   1 
ATOM   1532 H HB2  . PRO B 1 38 ? 10.900  0.188   -9.089  1.00 69.40  ? 38  PRO B HB2  1 
ATOM   1533 H HB3  . PRO B 1 38 ? 10.545  1.003   -7.764  1.00 69.40  ? 38  PRO B HB3  1 
ATOM   1534 H HG2  . PRO B 1 38 ? 12.777  1.287   -9.404  1.00 68.04  ? 38  PRO B HG2  1 
ATOM   1535 H HG3  . PRO B 1 38 ? 11.948  2.437   -8.678  1.00 68.04  ? 38  PRO B HG3  1 
ATOM   1536 H HD2  . PRO B 1 38 ? 14.173  1.702   -7.777  1.00 72.05  ? 38  PRO B HD2  1 
ATOM   1537 H HD3  . PRO B 1 38 ? 12.998  2.146   -6.777  1.00 72.05  ? 38  PRO B HD3  1 
ATOM   1538 N N    . SER B 1 39 ? 13.349  -1.855  -8.801  1.00 54.93  ? 39  SER B N    1 
ATOM   1539 C CA   . SER B 1 39 ? 13.737  -2.925  -9.696  1.00 55.38  ? 39  SER B CA   1 
ATOM   1540 C C    . SER B 1 39 ? 13.781  -4.303  -9.004  1.00 60.22  ? 39  SER B C    1 
ATOM   1541 O O    . SER B 1 39 ? 13.651  -5.362  -9.645  1.00 51.58  ? 39  SER B O    1 
ATOM   1542 C CB   . SER B 1 39 ? 15.109  -2.573  -10.278 1.00 63.30  ? 39  SER B CB   1 
ATOM   1543 O OG   . SER B 1 39 ? 15.396  -3.393  -11.381 1.00 79.04  ? 39  SER B OG   1 
ATOM   1544 H H    . SER B 1 39 ? 13.976  -1.282  -8.668  1.00 65.91  ? 39  SER B H    1 
ATOM   1545 H HA   . SER B 1 39 ? 13.102  -2.976  -10.428 1.00 66.46  ? 39  SER B HA   1 
ATOM   1546 H HB2  . SER B 1 39 ? 15.104  -1.647  -10.563 1.00 75.96  ? 39  SER B HB2  1 
ATOM   1547 H HB3  . SER B 1 39 ? 15.786  -2.710  -9.597  1.00 75.96  ? 39  SER B HB3  1 
ATOM   1548 H HG   . SER B 1 39 ? 14.814  -3.286  -11.978 1.00 94.85  ? 39  SER B HG   1 
ATOM   1549 N N    . VAL B 1 40 ? 13.968  -4.289  -7.689  1.00 48.47  ? 40  VAL B N    1 
ATOM   1550 C CA   . VAL B 1 40 ? 14.022  -5.534  -6.930  1.00 51.72  ? 40  VAL B CA   1 
ATOM   1551 C C    . VAL B 1 40 ? 12.886  -5.588  -5.904  1.00 53.39  ? 40  VAL B C    1 
ATOM   1552 O O    . VAL B 1 40 ? 13.090  -5.957  -4.742  1.00 52.20  ? 40  VAL B O    1 
ATOM   1553 C CB   . VAL B 1 40 ? 15.418  -5.709  -6.240  1.00 51.66  ? 40  VAL B CB   1 
ATOM   1554 C CG1  . VAL B 1 40 ? 16.484  -5.877  -7.291  1.00 51.27  ? 40  VAL B CG1  1 
ATOM   1555 C CG2  . VAL B 1 40 ? 15.763  -4.521  -5.375  1.00 46.04  ? 40  VAL B CG2  1 
ATOM   1556 H H    . VAL B 1 40 ? 14.066  -3.578  -7.215  1.00 58.16  ? 40  VAL B H    1 
ATOM   1557 H HA   . VAL B 1 40 ? 13.900  -6.277  -7.544  1.00 62.06  ? 40  VAL B HA   1 
ATOM   1558 H HB   . VAL B 1 40 ? 15.407  -6.503  -5.684  1.00 62.00  ? 40  VAL B HB   1 
ATOM   1559 H HG11 . VAL B 1 40 ? 17.343  -5.983  -6.854  1.00 61.52  ? 40  VAL B HG11 1 
ATOM   1560 H HG12 . VAL B 1 40 ? 16.282  -6.663  -7.822  1.00 61.52  ? 40  VAL B HG12 1 
ATOM   1561 H HG13 . VAL B 1 40 ? 16.496  -5.089  -7.857  1.00 61.52  ? 40  VAL B HG13 1 
ATOM   1562 H HG21 . VAL B 1 40 ? 16.631  -4.669  -4.969  1.00 55.25  ? 40  VAL B HG21 1 
ATOM   1563 H HG22 . VAL B 1 40 ? 15.787  -3.724  -5.929  1.00 55.25  ? 40  VAL B HG22 1 
ATOM   1564 H HG23 . VAL B 1 40 ? 15.086  -4.425  -4.687  1.00 55.25  ? 40  VAL B HG23 1 
ATOM   1565 N N    . SER B 1 41 ? 11.677  -5.261  -6.361  1.00 50.34  ? 41  SER B N    1 
ATOM   1566 C CA   . SER B 1 41 ? 10.506  -5.204  -5.494  1.00 41.98  ? 41  SER B CA   1 
ATOM   1567 C C    . SER B 1 41 ? 10.230  -6.606  -5.003  1.00 49.50  ? 41  SER B C    1 
ATOM   1568 O O    . SER B 1 41 ? 10.023  -6.816  -3.803  1.00 46.36  ? 41  SER B O    1 
ATOM   1569 C CB   . SER B 1 41 ? 9.277   -4.605  -6.221  1.00 48.07  ? 41  SER B CB   1 
ATOM   1570 O OG   . SER B 1 41 ? 9.070   -5.257  -7.450  1.00 45.53  ? 41  SER B OG   1 
ATOM   1571 H H    . SER B 1 41 ? 11.509  -5.065  -7.182  1.00 60.41  ? 41  SER B H    1 
ATOM   1572 H HA   . SER B 1 41 ? 10.704  -4.647  -4.726  1.00 50.38  ? 41  SER B HA   1 
ATOM   1573 H HB2  . SER B 1 41 ? 8.492   -4.721  -5.663  1.00 57.68  ? 41  SER B HB2  1 
ATOM   1574 H HB3  . SER B 1 41 ? 9.434   -3.662  -6.384  1.00 57.68  ? 41  SER B HB3  1 
ATOM   1575 H HG   . SER B 1 41 ? 8.935   -6.076  -7.321  1.00 54.64  ? 41  SER B HG   1 
ATOM   1576 N N    . LYS B 1 42 ? 10.274  -7.565  -5.928  1.00 51.23  ? 42  LYS B N    1 
ATOM   1577 C CA   . LYS B 1 42 ? 10.126  -9.004  -5.633  1.00 52.19  ? 42  LYS B CA   1 
ATOM   1578 C C    . LYS B 1 42 ? 11.018  -9.554  -4.507  1.00 51.65  ? 42  LYS B C    1 
ATOM   1579 O O    . LYS B 1 42 ? 10.581  -10.277 -3.613  1.00 48.87  ? 42  LYS B O    1 
ATOM   1580 C CB   . LYS B 1 42 ? 10.426  -9.788  -6.906  1.00 60.59  ? 42  LYS B CB   1 
ATOM   1581 C CG   . LYS B 1 42 ? 10.139  -11.271 -6.818  1.00 91.90  ? 42  LYS B CG   1 
ATOM   1582 C CD   . LYS B 1 42 ? 10.432  -11.966 -8.140  1.00 90.06  ? 42  LYS B CD   1 
ATOM   1583 C CE   . LYS B 1 42 ? 10.186  -13.464 -8.040  1.00 108.23 ? 42  LYS B CE   1 
ATOM   1584 N NZ   . LYS B 1 42 ? 10.525  -14.161 -9.308  1.00 111.97 ? 42  LYS B NZ   1 
ATOM   1585 H H    . LYS B 1 42 ? 10.392  -7.406  -6.765  1.00 61.48  ? 42  LYS B H    1 
ATOM   1586 H HA   . LYS B 1 42 ? 9.203   -9.177  -5.389  1.00 62.63  ? 42  LYS B HA   1 
ATOM   1587 H HB2  . LYS B 1 42 ? 9.886   -9.427  -7.627  1.00 72.71  ? 42  LYS B HB2  1 
ATOM   1588 H HB3  . LYS B 1 42 ? 11.367  -9.683  -7.119  1.00 72.71  ? 42  LYS B HB3  1 
ATOM   1589 H HG2  . LYS B 1 42 ? 10.701  -11.667 -6.134  1.00 110.28 ? 42  LYS B HG2  1 
ATOM   1590 H HG3  . LYS B 1 42 ? 9.203   -11.404 -6.604  1.00 110.28 ? 42  LYS B HG3  1 
ATOM   1591 H HD2  . LYS B 1 42 ? 9.850   -11.606 -8.828  1.00 108.07 ? 42  LYS B HD2  1 
ATOM   1592 H HD3  . LYS B 1 42 ? 11.362  -11.825 -8.378  1.00 108.07 ? 42  LYS B HD3  1 
ATOM   1593 H HE2  . LYS B 1 42 ? 10.739  -13.833 -7.333  1.00 129.88 ? 42  LYS B HE2  1 
ATOM   1594 H HE3  . LYS B 1 42 ? 9.248   -13.623 -7.849  1.00 129.88 ? 42  LYS B HE3  1 
ATOM   1595 H HZ1  . LYS B 1 42 ? 10.373  -15.035 -9.225  1.00 134.36 ? 42  LYS B HZ1  1 
ATOM   1596 H HZ2  . LYS B 1 42 ? 10.026  -13.842 -9.972  1.00 134.36 ? 42  LYS B HZ2  1 
ATOM   1597 H HZ3  . LYS B 1 42 ? 11.384  -14.034 -9.503  1.00 134.36 ? 42  LYS B HZ3  1 
ATOM   1598 N N    . GLU B 1 43 ? 12.293  -9.244  -4.630  1.00 49.31  ? 43  GLU B N    1 
ATOM   1599 C CA   . GLU B 1 43 ? 13.314  -9.667  -3.701  1.00 52.44  ? 43  GLU B CA   1 
ATOM   1600 C C    . GLU B 1 43 ? 13.150  -8.980  -2.343  1.00 51.21  ? 43  GLU B C    1 
ATOM   1601 O O    . GLU B 1 43 ? 13.310  -9.612  -1.314  1.00 44.33  ? 43  GLU B O    1 
ATOM   1602 C CB   . GLU B 1 43 ? 14.687  -9.371  -4.312  1.00 50.70  ? 43  GLU B CB   1 
ATOM   1603 C CG   . GLU B 1 43 ? 15.014  -10.166 -5.595  1.00 56.20  ? 43  GLU B CG   1 
ATOM   1604 C CD   . GLU B 1 43 ? 14.455  -9.542  -6.907  1.00 56.87  ? 43  GLU B CD   1 
ATOM   1605 O OE1  . GLU B 1 43 ? 13.684  -8.562  -6.845  1.00 57.42  ? 43  GLU B OE1  1 
ATOM   1606 O OE2  . GLU B 1 43 ? 14.799  -10.040 -7.999  1.00 71.57  ? 43  GLU B OE2  1 
ATOM   1607 H H    . GLU B 1 43 ? 12.602  -8.766  -5.274  1.00 59.17  ? 43  GLU B H    1 
ATOM   1608 H HA   . GLU B 1 43 ? 13.244  -10.624 -3.565  1.00 62.92  ? 43  GLU B HA   1 
ATOM   1609 H HB2  . GLU B 1 43 ? 14.729  -8.428  -4.535  1.00 60.84  ? 43  GLU B HB2  1 
ATOM   1610 H HB3  . GLU B 1 43 ? 15.369  -9.581  -3.656  1.00 60.84  ? 43  GLU B HB3  1 
ATOM   1611 H HG2  . GLU B 1 43 ? 15.979  -10.224 -5.685  1.00 67.44  ? 43  GLU B HG2  1 
ATOM   1612 H HG3  . GLU B 1 43 ? 14.640  -11.057 -5.510  1.00 67.44  ? 43  GLU B HG3  1 
ATOM   1613 N N    . ILE B 1 44 ? 12.791  -7.700  -2.335  1.00 48.69  ? 44  ILE B N    1 
ATOM   1614 C CA   . ILE B 1 44 ? 12.601  -6.976  -1.080  1.00 46.77  ? 44  ILE B CA   1 
ATOM   1615 C C    . ILE B 1 44 ? 11.419  -7.559  -0.349  1.00 46.82  ? 44  ILE B C    1 
ATOM   1616 O O    . ILE B 1 44 ? 11.441  -7.697  0.859   1.00 39.27  ? 44  ILE B O    1 
ATOM   1617 C CB   . ILE B 1 44 ? 12.389  -5.462  -1.299  1.00 38.30  ? 44  ILE B CB   1 
ATOM   1618 C CG1  . ILE B 1 44 ? 13.724  -4.770  -1.521  1.00 41.82  ? 44  ILE B CG1  1 
ATOM   1619 C CG2  . ILE B 1 44 ? 11.742  -4.807  -0.108  1.00 39.92  ? 44  ILE B CG2  1 
ATOM   1620 C CD1  . ILE B 1 44 ? 13.605  -3.371  -2.193  1.00 57.41  ? 44  ILE B CD1  1 
ATOM   1621 H H    . ILE B 1 44 ? 12.652  -7.227  -3.041  1.00 58.43  ? 44  ILE B H    1 
ATOM   1622 H HA   . ILE B 1 44 ? 13.387  -7.092  -0.525  1.00 56.13  ? 44  ILE B HA   1 
ATOM   1623 H HB   . ILE B 1 44 ? 11.828  -5.329  -2.079  1.00 45.96  ? 44  ILE B HB   1 
ATOM   1624 H HG12 . ILE B 1 44 ? 14.160  -4.650  -0.663  1.00 50.18  ? 44  ILE B HG12 1 
ATOM   1625 H HG13 . ILE B 1 44 ? 14.273  -5.327  -2.094  1.00 50.18  ? 44  ILE B HG13 1 
ATOM   1626 H HG21 . ILE B 1 44 ? 11.629  -3.861  -0.291  1.00 47.90  ? 44  ILE B HG21 1 
ATOM   1627 H HG22 . ILE B 1 44 ? 10.878  -5.219  0.048   1.00 47.90  ? 44  ILE B HG22 1 
ATOM   1628 H HG23 . ILE B 1 44 ? 12.313  -4.929  0.667   1.00 47.90  ? 44  ILE B HG23 1 
ATOM   1629 H HD11 . ILE B 1 44 ? 14.493  -2.996  -2.300  1.00 68.90  ? 44  ILE B HD11 1 
ATOM   1630 H HD12 . ILE B 1 44 ? 13.181  -3.472  -3.060  1.00 68.90  ? 44  ILE B HD12 1 
ATOM   1631 H HD13 . ILE B 1 44 ? 13.068  -2.794  -1.627  1.00 68.90  ? 44  ILE B HD13 1 
ATOM   1632 N N    . LEU B 1 45 ? 10.386  -7.912  -1.092  1.00 38.21  ? 45  LEU B N    1 
ATOM   1633 C CA   . LEU B 1 45 ? 9.176   -8.401  -0.458  1.00 37.68  ? 45  LEU B CA   1 
ATOM   1634 C C    . LEU B 1 45 ? 9.464   -9.793  0.064   1.00 38.18  ? 45  LEU B C    1 
ATOM   1635 O O    . LEU B 1 45 ? 8.928   -10.209 1.088   1.00 40.39  ? 45  LEU B O    1 
ATOM   1636 C CB   . LEU B 1 45 ? 7.986   -8.461  -1.437  1.00 39.23  ? 45  LEU B CB   1 
ATOM   1637 C CG   . LEU B 1 45 ? 6.750   -9.149  -0.868  1.00 40.13  ? 45  LEU B CG   1 
ATOM   1638 C CD1  . LEU B 1 45 ? 6.162   -8.334  0.269   1.00 40.18  ? 45  LEU B CD1  1 
ATOM   1639 C CD2  . LEU B 1 45 ? 5.712   -9.309  -1.970  1.00 44.86  ? 45  LEU B CD2  1 
ATOM   1640 H H    . LEU B 1 45 ? 10.357  -7.879  -1.950  1.00 45.85  ? 45  LEU B H    1 
ATOM   1641 H HA   . LEU B 1 45 ? 8.940   -7.829  0.289   1.00 45.21  ? 45  LEU B HA   1 
ATOM   1642 H HB2  . LEU B 1 45 ? 7.735   -7.555  -1.679  1.00 47.08  ? 45  LEU B HB2  1 
ATOM   1643 H HB3  . LEU B 1 45 ? 8.258   -8.949  -2.230  1.00 47.08  ? 45  LEU B HB3  1 
ATOM   1644 H HG   . LEU B 1 45 ? 6.988   -10.028 -0.532  1.00 48.15  ? 45  LEU B HG   1 
ATOM   1645 H HD11 . LEU B 1 45 ? 5.380   -8.791  0.614   1.00 48.21  ? 45  LEU B HD11 1 
ATOM   1646 H HD12 . LEU B 1 45 ? 6.828   -8.244  0.969   1.00 48.21  ? 45  LEU B HD12 1 
ATOM   1647 H HD13 . LEU B 1 45 ? 5.914   -7.458  -0.066  1.00 48.21  ? 45  LEU B HD13 1 
ATOM   1648 H HD21 . LEU B 1 45 ? 4.928   -9.747  -1.603  1.00 53.83  ? 45  LEU B HD21 1 
ATOM   1649 H HD22 . LEU B 1 45 ? 5.473   -8.431  -2.307  1.00 53.83  ? 45  LEU B HD22 1 
ATOM   1650 H HD23 . LEU B 1 45 ? 6.089   -9.847  -2.683  1.00 53.83  ? 45  LEU B HD23 1 
ATOM   1651 N N    . ALA B 1 46 ? 10.257  -10.534 -0.678  1.00 39.90  ? 46  ALA B N    1 
ATOM   1652 C CA   . ALA B 1 46 ? 10.667  -11.869 -0.200  1.00 47.81  ? 46  ALA B CA   1 
ATOM   1653 C C    . ALA B 1 46 ? 11.476  -11.830 1.126   1.00 40.72  ? 46  ALA B C    1 
ATOM   1654 O O    . ALA B 1 46 ? 11.299  -12.692 1.981   1.00 44.19  ? 46  ALA B O    1 
ATOM   1655 C CB   . ALA B 1 46 ? 11.468  -12.582 -1.267  1.00 49.76  ? 46  ALA B CB   1 
ATOM   1656 H H    . ALA B 1 46 ? 10.573  -10.311 -1.447  1.00 47.88  ? 46  ALA B H    1 
ATOM   1657 H HA   . ALA B 1 46 ? 9.868   -12.393 -0.036  1.00 57.37  ? 46  ALA B HA   1 
ATOM   1658 H HB1  . ALA B 1 46 ? 11.728  -13.455 -0.934  1.00 59.71  ? 46  ALA B HB1  1 
ATOM   1659 H HB2  . ALA B 1 46 ? 10.919  -12.679 -2.060  1.00 59.71  ? 46  ALA B HB2  1 
ATOM   1660 H HB3  . ALA B 1 46 ? 12.257  -12.057 -1.472  1.00 59.71  ? 46  ALA B HB3  1 
ATOM   1661 N N    . GLU B 1 47 ? 12.361  -10.842 1.274   1.00 41.47  ? 47  GLU B N    1 
ATOM   1662 C CA   . GLU B 1 47 ? 13.149  -10.633 2.468   1.00 46.01  ? 47  GLU B CA   1 
ATOM   1663 C C    . GLU B 1 47 ? 12.296  -10.181 3.631   1.00 50.70  ? 47  GLU B C    1 
ATOM   1664 O O    . GLU B 1 47 ? 12.559  -10.558 4.775   1.00 41.89  ? 47  GLU B O    1 
ATOM   1665 C CB   . GLU B 1 47 ? 14.235  -9.581  2.224   1.00 43.79  ? 47  GLU B CB   1 
ATOM   1666 C CG   . GLU B 1 47 ? 15.443  -10.013 1.482   1.00 50.38  ? 47  GLU B CG   1 
ATOM   1667 C CD   . GLU B 1 47 ? 16.125  -11.191 2.157   1.00 64.49  ? 47  GLU B CD   1 
ATOM   1668 O OE1  . GLU B 1 47 ? 16.577  -11.055 3.321   1.00 64.19  ? 47  GLU B OE1  1 
ATOM   1669 O OE2  . GLU B 1 47 ? 16.176  -12.261 1.517   1.00 68.43  ? 47  GLU B OE2  1 
ATOM   1670 H H    . GLU B 1 47 ? 12.523  -10.259 0.662   1.00 49.76  ? 47  GLU B H    1 
ATOM   1671 H HA   . GLU B 1 47 ? 13.582  -11.466 2.714   1.00 55.21  ? 47  GLU B HA   1 
ATOM   1672 H HB2  . GLU B 1 47 ? 13.839  -8.851  1.723   1.00 52.54  ? 47  GLU B HB2  1 
ATOM   1673 H HB3  . GLU B 1 47 ? 14.533  -9.251  3.086   1.00 52.54  ? 47  GLU B HB3  1 
ATOM   1674 H HG2  . GLU B 1 47 ? 15.188  -10.283 0.586   1.00 60.46  ? 47  GLU B HG2  1 
ATOM   1675 H HG3  . GLU B 1 47 ? 16.074  -9.278  1.444   1.00 60.46  ? 47  GLU B HG3  1 
ATOM   1676 N N    . ALA B 1 48 ? 11.317  -9.324  3.349   1.00 41.35  ? 48  ALA B N    1 
ATOM   1677 C CA   . ALA B 1 48 ? 10.406  -8.816  4.368   1.00 43.53  ? 48  ALA B CA   1 
ATOM   1678 C C    . ALA B 1 48 ? 9.514   -9.933  4.878   1.00 44.81  ? 48  ALA B C    1 
ATOM   1679 O O    . ALA B 1 48 ? 9.233   -10.016 6.070   1.00 39.53  ? 48  ALA B O    1 
ATOM   1680 C CB   . ALA B 1 48 ? 9.519   -7.635  3.815   1.00 39.38  ? 48  ALA B CB   1 
ATOM   1681 H H    . ALA B 1 48 ? 11.160  -9.017  2.562   1.00 49.62  ? 48  ALA B H    1 
ATOM   1682 H HA   . ALA B 1 48 ? 10.924  -8.479  5.116   1.00 52.23  ? 48  ALA B HA   1 
ATOM   1683 H HB1  . ALA B 1 48 ? 8.928   -7.326  4.522   1.00 47.25  ? 48  ALA B HB1  1 
ATOM   1684 H HB2  . ALA B 1 48 ? 10.098  -6.912  3.529   1.00 47.25  ? 48  ALA B HB2  1 
ATOM   1685 H HB3  . ALA B 1 48 ? 8.996   -7.957  3.065   1.00 47.25  ? 48  ALA B HB3  1 
ATOM   1686 N N    . LYS B 1 49 ? 9.009   -10.758 3.964   1.00 39.53  ? 49  LYS B N    1 
ATOM   1687 C CA   . LYS B 1 49 ? 8.176   -11.872 4.377   1.00 43.99  ? 49  LYS B CA   1 
ATOM   1688 C C    . LYS B 1 49 ? 9.003   -12.950 5.161   1.00 48.55  ? 49  LYS B C    1 
ATOM   1689 O O    . LYS B 1 49 ? 8.501   -13.590 6.094   1.00 45.41  ? 49  LYS B O    1 
ATOM   1690 C CB   . LYS B 1 49 ? 7.485   -12.484 3.161   1.00 53.91  ? 49  LYS B CB   1 
ATOM   1691 C CG   . LYS B 1 49 ? 6.522   -13.604 3.521   1.00 64.93  ? 49  LYS B CG   1 
ATOM   1692 C CD   . LYS B 1 49 ? 5.431   -13.801 2.476   1.00 85.34  ? 49  LYS B CD   1 
ATOM   1693 C CE   . LYS B 1 49 ? 4.287   -14.645 3.053   1.00 104.24 ? 49  LYS B CE   1 
ATOM   1694 N NZ   . LYS B 1 49 ? 3.194   -14.925 2.081   1.00 105.36 ? 49  LYS B NZ   1 
ATOM   1695 H H    . LYS B 1 49 ? 9.132   -10.692 3.116   1.00 47.43  ? 49  LYS B H    1 
ATOM   1696 H HA   . LYS B 1 49 ? 7.486   -11.541 4.973   1.00 52.79  ? 49  LYS B HA   1 
ATOM   1697 H HB2  . LYS B 1 49 ? 6.981   -11.791 2.705   1.00 64.69  ? 49  LYS B HB2  1 
ATOM   1698 H HB3  . LYS B 1 49 ? 8.158   -12.849 2.566   1.00 64.69  ? 49  LYS B HB3  1 
ATOM   1699 H HG2  . LYS B 1 49 ? 7.017   -14.434 3.599   1.00 77.91  ? 49  LYS B HG2  1 
ATOM   1700 H HG3  . LYS B 1 49 ? 6.094   -13.392 4.366   1.00 77.91  ? 49  LYS B HG3  1 
ATOM   1701 H HD2  . LYS B 1 49 ? 5.074   -12.938 2.213   1.00 102.41 ? 49  LYS B HD2  1 
ATOM   1702 H HD3  . LYS B 1 49 ? 5.798   -14.265 1.709   1.00 102.41 ? 49  LYS B HD3  1 
ATOM   1703 H HE2  . LYS B 1 49 ? 4.645   -15.496 3.349   1.00 125.08 ? 49  LYS B HE2  1 
ATOM   1704 H HE3  . LYS B 1 49 ? 3.899   -14.172 3.807   1.00 125.08 ? 49  LYS B HE3  1 
ATOM   1705 H HZ1  . LYS B 1 49 ? 2.561   -15.415 2.468   1.00 126.43 ? 49  LYS B HZ1  1 
ATOM   1706 H HZ2  . LYS B 1 49 ? 2.836   -14.160 1.798   1.00 126.43 ? 49  LYS B HZ2  1 
ATOM   1707 H HZ3  . LYS B 1 49 ? 3.517   -15.369 1.381   1.00 126.43 ? 49  LYS B HZ3  1 
ATOM   1708 N N    . LYS B 1 50 ? 10.257  -13.146 4.776   1.00 41.30  ? 50  LYS B N    1 
ATOM   1709 C CA   . LYS B 1 50 ? 11.177  -13.972 5.571   1.00 46.31  ? 50  LYS B CA   1 
ATOM   1710 C C    . LYS B 1 50 ? 11.240  -13.510 7.024   1.00 47.48  ? 50  LYS B C    1 
ATOM   1711 O O    . LYS B 1 50 ? 11.073  -14.309 7.950   1.00 47.33  ? 50  LYS B O    1 
ATOM   1712 C CB   . LYS B 1 50 ? 12.578  -13.937 4.981   1.00 54.24  ? 50  LYS B CB   1 
ATOM   1713 C CG   . LYS B 1 50 ? 12.940  -15.112 4.114   1.00 64.10  ? 50  LYS B CG   1 
ATOM   1714 C CD   . LYS B 1 50 ? 14.441  -15.322 4.091   1.00 59.09  ? 50  LYS B CD   1 
ATOM   1715 C CE   . LYS B 1 50 ? 15.193  -14.025 3.823   1.00 73.91  ? 50  LYS B CE   1 
ATOM   1716 N NZ   . LYS B 1 50 ? 16.675  -14.188 3.721   1.00 86.65  ? 50  LYS B NZ   1 
ATOM   1717 H H    . LYS B 1 50 ? 10.607  -12.814 4.063   1.00 49.56  ? 50  LYS B H    1 
ATOM   1718 H HA   . LYS B 1 50 ? 10.869  -14.892 5.559   1.00 55.58  ? 50  LYS B HA   1 
ATOM   1719 H HB2  . LYS B 1 50 ? 12.664  -13.137 4.439   1.00 65.09  ? 50  LYS B HB2  1 
ATOM   1720 H HB3  . LYS B 1 50 ? 13.217  -13.905 5.709   1.00 65.09  ? 50  LYS B HB3  1 
ATOM   1721 H HG2  . LYS B 1 50 ? 12.524  -15.914 4.467   1.00 76.92  ? 50  LYS B HG2  1 
ATOM   1722 H HG3  . LYS B 1 50 ? 12.640  -14.947 3.205   1.00 76.92  ? 50  LYS B HG3  1 
ATOM   1723 H HD2  . LYS B 1 50 ? 14.727  -15.665 4.952   1.00 70.91  ? 50  LYS B HD2  1 
ATOM   1724 H HD3  . LYS B 1 50 ? 14.664  -15.952 3.389   1.00 70.91  ? 50  LYS B HD3  1 
ATOM   1725 H HE2  . LYS B 1 50 ? 14.878  -13.650 2.985   1.00 88.69  ? 50  LYS B HE2  1 
ATOM   1726 H HE3  . LYS B 1 50 ? 15.013  -13.405 4.547   1.00 88.69  ? 50  LYS B HE3  1 
ATOM   1727 H HZ1  . LYS B 1 50 ? 17.058  -13.400 3.564   1.00 103.98 ? 50  LYS B HZ1  1 
ATOM   1728 H HZ2  . LYS B 1 50 ? 16.998  -14.519 4.481   1.00 103.98 ? 50  LYS B HZ2  1 
ATOM   1729 H HZ3  . LYS B 1 50 ? 16.875  -14.743 3.055   1.00 103.98 ? 50  LYS B HZ3  1 
ATOM   1730 N N    . LEU B 1 51 ? 11.493  -12.216 7.222   1.00 42.51  ? 51  LEU B N    1 
ATOM   1731 C CA   . LEU B 1 51 ? 11.703  -11.699 8.561   1.00 40.25  ? 51  LEU B CA   1 
ATOM   1732 C C    . LEU B 1 51 ? 10.397  -11.761 9.312   1.00 47.61  ? 51  LEU B C    1 
ATOM   1733 O O    . LEU B 1 51 ? 10.375  -12.147 10.473  1.00 42.96  ? 51  LEU B O    1 
ATOM   1734 C CB   . LEU B 1 51 ? 12.267  -10.267 8.529   1.00 42.45  ? 51  LEU B CB   1 
ATOM   1735 C CG   . LEU B 1 51 ? 12.404  -9.568  9.884   1.00 44.28  ? 51  LEU B CG   1 
ATOM   1736 C CD1  . LEU B 1 51 ? 13.305  -10.372 10.747  1.00 55.62  ? 51  LEU B CD1  1 
ATOM   1737 C CD2  . LEU B 1 51 ? 12.954  -8.177  9.724   1.00 43.45  ? 51  LEU B CD2  1 
ATOM   1738 H H    . LEU B 1 51 ? 11.549  -11.626 6.599   1.00 51.02  ? 51  LEU B H    1 
ATOM   1739 H HA   . LEU B 1 51 ? 12.343  -12.263 9.022   1.00 48.30  ? 51  LEU B HA   1 
ATOM   1740 H HB2  . LEU B 1 51 ? 13.150  -10.297 8.129   1.00 50.94  ? 51  LEU B HB2  1 
ATOM   1741 H HB3  . LEU B 1 51 ? 11.683  -9.722  7.980   1.00 50.94  ? 51  LEU B HB3  1 
ATOM   1742 H HG   . LEU B 1 51 ? 11.535  -9.511  10.312  1.00 53.14  ? 51  LEU B HG   1 
ATOM   1743 H HD11 . LEU B 1 51 ? 13.395  -9.932  11.607  1.00 66.75  ? 51  LEU B HD11 1 
ATOM   1744 H HD12 . LEU B 1 51 ? 12.923  -11.256 10.865  1.00 66.75  ? 51  LEU B HD12 1 
ATOM   1745 H HD13 . LEU B 1 51 ? 14.174  -10.440 10.318  1.00 66.75  ? 51  LEU B HD13 1 
ATOM   1746 H HD21 . LEU B 1 51 ? 13.026  -7.765  10.598  1.00 52.14  ? 51  LEU B HD21 1 
ATOM   1747 H HD22 . LEU B 1 51 ? 13.828  -8.230  9.308   1.00 52.14  ? 51  LEU B HD22 1 
ATOM   1748 H HD23 . LEU B 1 51 ? 12.351  -7.663  9.165   1.00 52.14  ? 51  LEU B HD23 1 
ATOM   1749 N N    . ASN B 1 52 ? 9.300   -11.418 8.646   1.00 43.70  ? 52  ASN B N    1 
ATOM   1750 C CA   . ASN B 1 52 ? 7.980   -11.481 9.259   1.00 45.02  ? 52  ASN B CA   1 
ATOM   1751 C C    . ASN B 1 52 ? 7.681   -12.879 9.798   1.00 40.60  ? 52  ASN B C    1 
ATOM   1752 O O    . ASN B 1 52 ? 7.105   -13.048 10.870  1.00 41.35  ? 52  ASN B O    1 
ATOM   1753 C CB   . ASN B 1 52 ? 6.911   -11.093 8.251   1.00 43.71  ? 52  ASN B CB   1 
ATOM   1754 C CG   . ASN B 1 52 ? 5.516   -11.195 8.824   1.00 42.07  ? 52  ASN B CG   1 
ATOM   1755 O OD1  . ASN B 1 52 ? 5.040   -10.276 9.508   1.00 46.22  ? 52  ASN B OD1  1 
ATOM   1756 N ND2  . ASN B 1 52 ? 4.860   -12.325 8.583   1.00 48.37  ? 52  ASN B ND2  1 
ATOM   1757 H H    . ASN B 1 52 ? 9.294   -11.143 7.830   1.00 52.44  ? 52  ASN B H    1 
ATOM   1758 H HA   . ASN B 1 52 ? 7.942   -10.855 9.999   1.00 54.02  ? 52  ASN B HA   1 
ATOM   1759 H HB2  . ASN B 1 52 ? 7.056   -10.175 7.972   1.00 52.45  ? 52  ASN B HB2  1 
ATOM   1760 H HB3  . ASN B 1 52 ? 6.966   -11.687 7.485   1.00 52.45  ? 52  ASN B HB3  1 
ATOM   1761 H HD21 . ASN B 1 52 ? 4.063   -12.432 8.887   1.00 58.05  ? 52  ASN B HD21 1 
ATOM   1762 H HD22 . ASN B 1 52 ? 5.234   -12.948 8.124   1.00 58.05  ? 52  ASN B HD22 1 
ATOM   1763 N N    . ASP B 1 53 ? 8.025   -13.874 9.004   1.00 38.71  ? 53  ASP B N    1 
ATOM   1764 C CA   . ASP B 1 53 ? 7.808   -15.268 9.419   1.00 45.55  ? 53  ASP B CA   1 
ATOM   1765 C C    . ASP B 1 53 ? 8.732   -15.663 10.551  1.00 43.72  ? 53  ASP B C    1 
ATOM   1766 O O    . ASP B 1 53 ? 8.301   -16.333 11.467  1.00 43.65  ? 53  ASP B O    1 
ATOM   1767 C CB   . ASP B 1 53 ? 7.989   -16.218 8.246   1.00 39.92  ? 53  ASP B CB   1 
ATOM   1768 C CG   . ASP B 1 53 ? 6.898   -15.991 7.139   1.00 58.45  ? 53  ASP B CG   1 
ATOM   1769 O OD1  . ASP B 1 53 ? 5.989   -15.134 7.338   1.00 54.20  ? 53  ASP B OD1  1 
ATOM   1770 O OD2  . ASP B 1 53 ? 6.943   -16.669 6.090   1.00 65.21  ? 53  ASP B OD2  1 
ATOM   1771 H H    . ASP B 1 53 ? 8.382   -13.784 8.227   1.00 46.45  ? 53  ASP B H    1 
ATOM   1772 H HA   . ASP B 1 53 ? 6.896   -15.361 9.737   1.00 54.66  ? 53  ASP B HA   1 
ATOM   1773 H HB2  . ASP B 1 53 ? 8.860   -16.070 7.848   1.00 47.91  ? 53  ASP B HB2  1 
ATOM   1774 H HB3  . ASP B 1 53 ? 7.914   -17.132 8.561   1.00 47.91  ? 53  ASP B HB3  1 
ATOM   1775 N N    . ALA B 1 54 ? 9.981   -15.216 10.498  1.00 45.73  ? 54  ALA B N    1 
ATOM   1776 C CA   . ALA B 1 54 ? 10.927  -15.477 11.584  1.00 45.67  ? 54  ALA B CA   1 
ATOM   1777 C C    . ALA B 1 54 ? 10.513  -14.788 12.877  1.00 50.99  ? 54  ALA B C    1 
ATOM   1778 O O    . ALA B 1 54 ? 10.828  -15.247 13.957  1.00 45.12  ? 54  ALA B O    1 
ATOM   1779 C CB   . ALA B 1 54 ? 12.302  -15.042 11.199  1.00 46.22  ? 54  ALA B CB   1 
ATOM   1780 H H    . ALA B 1 54 ? 10.308  -14.759 9.846   1.00 54.87  ? 54  ALA B H    1 
ATOM   1781 H HA   . ALA B 1 54 ? 10.954  -16.432 11.752  1.00 54.80  ? 54  ALA B HA   1 
ATOM   1782 H HB1  . ALA B 1 54 ? 12.908  -15.225 11.935  1.00 55.46  ? 54  ALA B HB1  1 
ATOM   1783 H HB2  . ALA B 1 54 ? 12.580  -15.534 10.411  1.00 55.46  ? 54  ALA B HB2  1 
ATOM   1784 H HB3  . ALA B 1 54 ? 12.290  -14.090 11.009  1.00 55.46  ? 54  ALA B HB3  1 
ATOM   1785 N N    . GLN B 1 55 ? 9.767   -13.708 12.777  1.00 43.74  ? 55  GLN B N    1 
ATOM   1786 C CA   . GLN B 1 55 ? 9.349   -12.972 13.957  1.00 44.96  ? 55  GLN B CA   1 
ATOM   1787 C C    . GLN B 1 55 ? 7.926   -13.328 14.355  1.00 48.90  ? 55  GLN B C    1 
ATOM   1788 O O    . GLN B 1 55 ? 7.318   -12.676 15.197  1.00 49.41  ? 55  GLN B O    1 
ATOM   1789 C CB   . GLN B 1 55 ? 9.494   -11.468 13.686  1.00 44.59  ? 55  GLN B CB   1 
ATOM   1790 C CG   . GLN B 1 55 ? 10.962  -11.119 13.434  1.00 48.37  ? 55  GLN B CG   1 
ATOM   1791 C CD   . GLN B 1 55 ? 11.251  -9.647  13.410  1.00 51.96  ? 55  GLN B CD   1 
ATOM   1792 O OE1  . GLN B 1 55 ? 12.252  -9.222  13.953  1.00 36.41  ? 55  GLN B OE1  1 
ATOM   1793 N NE2  . GLN B 1 55 ? 10.387  -8.851  12.768  1.00 43.76  ? 55  GLN B NE2  1 
ATOM   1794 H H    . GLN B 1 55 ? 9.486   -13.377 12.035  1.00 52.49  ? 55  GLN B H    1 
ATOM   1795 H HA   . GLN B 1 55 ? 9.934   -13.201 14.696  1.00 53.96  ? 55  GLN B HA   1 
ATOM   1796 H HB2  . GLN B 1 55 ? 8.980   -11.229 12.899  1.00 53.51  ? 55  GLN B HB2  1 
ATOM   1797 H HB3  . GLN B 1 55 ? 9.186   -10.969 14.459  1.00 53.51  ? 55  GLN B HB3  1 
ATOM   1798 H HG2  . GLN B 1 55 ? 11.500  -11.514 14.138  1.00 58.05  ? 55  GLN B HG2  1 
ATOM   1799 H HG3  . GLN B 1 55 ? 11.225  -11.485 12.576  1.00 58.05  ? 55  GLN B HG3  1 
ATOM   1800 H HE21 . GLN B 1 55 ? 9.694   -9.188  12.386  1.00 52.51  ? 55  GLN B HE21 1 
ATOM   1801 H HE22 . GLN B 1 55 ? 10.525  -8.003  12.736  1.00 52.51  ? 55  GLN B HE22 1 
ATOM   1802 N N    . ALA B 1 56 ? 7.382   -14.365 13.743  1.00 44.85  ? 56  ALA B N    1 
ATOM   1803 C CA   . ALA B 1 56 ? 6.028   -14.773 14.075  1.00 49.55  ? 56  ALA B CA   1 
ATOM   1804 C C    . ALA B 1 56 ? 6.013   -15.523 15.401  1.00 60.01  ? 56  ALA B C    1 
ATOM   1805 O O    . ALA B 1 56 ? 6.863   -16.381 15.632  1.00 62.92  ? 56  ALA B O    1 
ATOM   1806 C CB   . ALA B 1 56 ? 5.437   -15.650 12.971  1.00 47.82  ? 56  ALA B CB   1 
ATOM   1807 H H    . ALA B 1 56 ? 7.768   -14.844 13.141  1.00 53.82  ? 56  ALA B H    1 
ATOM   1808 H HA   . ALA B 1 56 ? 5.471   -13.984 14.167  1.00 59.46  ? 56  ALA B HA   1 
ATOM   1809 H HB1  . ALA B 1 56 ? 4.535   -15.905 13.220  1.00 57.38  ? 56  ALA B HB1  1 
ATOM   1810 H HB2  . ALA B 1 56 ? 5.422   -15.146 12.142  1.00 57.38  ? 56  ALA B HB2  1 
ATOM   1811 H HB3  . ALA B 1 56 ? 5.989   -16.440 12.867  1.00 57.38  ? 56  ALA B HB3  1 
ATOM   1812 N N    . PRO B 1 57 ? 5.043   -15.206 16.271  1.00 64.00  ? 57  PRO B N    1 
ATOM   1813 C CA   . PRO B 1 57 ? 4.856   -15.975 17.506  1.00 64.00  ? 57  PRO B CA   1 
ATOM   1814 C C    . PRO B 1 57 ? 4.077   -17.266 17.255  1.00 63.54  ? 57  PRO B C    1 
ATOM   1815 O O    . PRO B 1 57 ? 3.412   -17.759 18.166  1.00 76.35  ? 57  PRO B O    1 
ATOM   1816 C CB   . PRO B 1 57 ? 4.066   -15.015 18.392  1.00 68.45  ? 57  PRO B CB   1 
ATOM   1817 C CG   . PRO B 1 57 ? 3.248   -14.218 17.414  1.00 77.15  ? 57  PRO B CG   1 
ATOM   1818 C CD   . PRO B 1 57 ? 4.111   -14.063 16.188  1.00 65.94  ? 57  PRO B CD   1 
ATOM   1819 H HA   . PRO B 1 57 ? 5.710   -16.178 17.921  1.00 76.80  ? 57  PRO B HA   1 
ATOM   1820 H HB2  . PRO B 1 57 ? 3.496   -15.516 18.995  1.00 82.13  ? 57  PRO B HB2  1 
ATOM   1821 H HB3  . PRO B 1 57 ? 4.675   -14.442 18.883  1.00 82.13  ? 57  PRO B HB3  1 
ATOM   1822 H HG2  . PRO B 1 57 ? 2.436   -14.702 17.200  1.00 92.58  ? 57  PRO B HG2  1 
ATOM   1823 H HG3  . PRO B 1 57 ? 3.040   -13.351 17.796  1.00 92.58  ? 57  PRO B HG3  1 
ATOM   1824 H HD2  . PRO B 1 57 ? 3.571   -14.124 15.385  1.00 79.13  ? 57  PRO B HD2  1 
ATOM   1825 H HD3  . PRO B 1 57 ? 4.601   -13.226 16.224  1.00 79.13  ? 57  PRO B HD3  1 
HETATM 1826 O O    . HOH C 2 .  ? -2.269  2.285   -5.399  1.00 44.38  ? 101 HOH A O    1 
HETATM 1827 O O    . HOH C 2 .  ? -22.551 2.383   -5.202  1.00 49.14  ? 102 HOH A O    1 
HETATM 1828 O O    . HOH C 2 .  ? -2.832  8.539   6.373   1.00 63.34  ? 103 HOH A O    1 
HETATM 1829 O O    . HOH C 2 .  ? -6.618  2.815   7.061   1.00 51.58  ? 104 HOH A O    1 
HETATM 1830 O O    . HOH C 2 .  ? -10.268 1.163   -11.097 1.00 52.62  ? 105 HOH A O    1 
HETATM 1831 O O    . HOH C 2 .  ? -5.062  13.048  -13.757 1.00 58.43  ? 106 HOH A O    1 
HETATM 1832 O O    . HOH C 2 .  ? -15.583 -16.005 0.648   1.00 58.10  ? 107 HOH A O    1 
HETATM 1833 O O    . HOH C 2 .  ? -2.174  -3.155  -4.987  1.00 57.21  ? 108 HOH A O    1 
HETATM 1834 O O    . HOH C 2 .  ? -1.619  5.317   -6.817  1.00 48.03  ? 109 HOH A O    1 
HETATM 1835 O O    . HOH D 2 .  ? -1.705  -7.269  8.936   1.00 53.71  ? 101 HOH B O    1 
HETATM 1836 O O    . HOH D 2 .  ? 1.347   -9.005  3.615   1.00 47.27  ? 102 HOH B O    1 
HETATM 1837 O O    . HOH D 2 .  ? 8.403   -11.814 -3.714  1.00 54.44  ? 103 HOH B O    1 
HETATM 1838 O O    . HOH D 2 .  ? 8.674   -3.782  -9.701  1.00 46.54  ? 104 HOH B O    1 
HETATM 1839 O O    . HOH D 2 .  ? -1.999  -2.566  -8.067  1.00 53.51  ? 105 HOH B O    1 
HETATM 1840 O O    . HOH D 2 .  ? 15.311  -11.778 -1.564  1.00 57.03  ? 106 HOH B O    1 
HETATM 1841 O O    . HOH D 2 .  ? 2.684   -11.115 -3.368  1.00 50.30  ? 107 HOH B O    1 
HETATM 1842 O O    . HOH D 2 .  ? 11.477  -7.506  -8.951  1.00 53.13  ? 108 HOH B O    1 
HETATM 1843 O O    . HOH D 2 .  ? 9.621   -5.003  -11.014 1.00 62.59  ? 109 HOH B O    1 
HETATM 1844 O O    . HOH D 2 .  ? 8.770   -18.632 14.316  1.00 55.12  ? 110 HOH B O    1 
HETATM 1845 O O    . HOH D 2 .  ? -1.225  -4.995  -5.485  1.00 51.01  ? 111 HOH B O    1 
HETATM 1846 O O    . HOH D 2 .  ? 9.702   4.844   4.364   1.00 69.50  ? 112 HOH B O    1 
HETATM 1847 O O    . HOH D 2 .  ? 0.589   -10.347 5.462   1.00 55.05  ? 113 HOH B O    1 
# 
loop_
_pdbx_poly_seq_scheme.asym_id 
_pdbx_poly_seq_scheme.entity_id 
_pdbx_poly_seq_scheme.seq_id 
_pdbx_poly_seq_scheme.mon_id 
_pdbx_poly_seq_scheme.ndb_seq_num 
_pdbx_poly_seq_scheme.pdb_seq_num 
_pdbx_poly_seq_scheme.auth_seq_num 
_pdbx_poly_seq_scheme.pdb_mon_id 
_pdbx_poly_seq_scheme.auth_mon_id 
_pdbx_poly_seq_scheme.pdb_strand_id 
_pdbx_poly_seq_scheme.pdb_ins_code 
_pdbx_poly_seq_scheme.hetero 
A 1 1  ALA 1  1  ?  ?   ?   A . n 
A 1 2  ASP 2  2  ?  ?   ?   A . n 
A 1 3  ASN 3  3  3  ASN ASN A . n 
A 1 4  LYS 4  4  4  LYS LYS A . n 
A 1 5  PHE 5  5  5  PHE PHE A . n 
A 1 6  ASN 6  6  6  ASN ASN A . n 
A 1 7  LYS 7  7  7  LYS LYS A . n 
A 1 8  GLU 8  8  8  GLU GLU A . n 
A 1 9  TRP 9  9  9  TRP TRP A . n 
A 1 10 GLN 10 10 10 GLN GLN A . n 
A 1 11 ASN 11 11 11 ASN ASN A . n 
A 1 12 ALA 12 12 12 ALA ALA A . n 
A 1 13 PHE 13 13 13 PHE PHE A . n 
A 1 14 TYR 14 14 14 TYR TYR A . n 
A 1 15 GLU 15 15 15 GLU GLU A . n 
A 1 16 ILE 16 16 16 ILE ILE A . n 
A 1 17 LEU 17 17 17 LEU LEU A . n 
A 1 18 HIS 18 18 18 HIS HIS A . n 
A 1 19 LEU 19 19 19 LEU LEU A . n 
A 1 20 PRO 20 20 20 PRO PRO A . n 
A 1 21 ASN 21 21 21 ASN ASN A . n 
A 1 22 LEU 22 22 22 LEU LEU A . n 
A 1 23 THR 23 23 23 THR THR A . n 
A 1 24 GLU 24 24 24 GLU GLU A . n 
A 1 25 GLU 25 25 25 GLU GLU A . n 
A 1 26 GLN 26 26 26 GLN GLN A . n 
A 1 27 ARG 27 27 27 ARG ARG A . n 
A 1 28 ASN 28 28 28 ASN ASN A . n 
A 1 29 GLY 29 29 29 GLY GLY A . n 
A 1 30 PHE 30 30 30 PHE PHE A . n 
A 1 31 ILE 31 31 31 ILE ILE A . n 
A 1 32 GLN 32 32 32 GLN GLN A . n 
A 1 33 SER 33 33 33 SER SER A . n 
A 1 34 LEU 34 34 34 LEU LEU A . n 
A 1 35 LYS 35 35 35 LYS LYS A . n 
A 1 36 ASP 36 36 36 ASP ASP A . n 
A 1 37 ASP 37 37 37 ASP ASP A . n 
A 1 38 PRO 38 38 38 PRO PRO A . n 
A 1 39 SER 39 39 39 SER SER A . n 
A 1 40 VAL 40 40 40 VAL VAL A . n 
A 1 41 SER 41 41 41 SER SER A . n 
A 1 42 LYS 42 42 42 LYS LYS A . n 
A 1 43 GLU 43 43 43 GLU GLU A . n 
A 1 44 ILE 44 44 44 ILE ILE A . n 
A 1 45 LEU 45 45 45 LEU LEU A . n 
A 1 46 ALA 46 46 46 ALA ALA A . n 
A 1 47 GLU 47 47 47 GLU GLU A . n 
A 1 48 ALA 48 48 48 ALA ALA A . n 
A 1 49 LYS 49 49 49 LYS LYS A . n 
A 1 50 LYS 50 50 50 LYS LYS A . n 
A 1 51 LEU 51 51 51 LEU LEU A . n 
A 1 52 ASN 52 52 52 ASN ASN A . n 
A 1 53 ASP 53 53 53 ASP ASP A . n 
A 1 54 ALA 54 54 54 ALA ALA A . n 
A 1 55 GLN 55 55 55 GLN GLN A . n 
A 1 56 ALA 56 56 56 ALA ALA A . n 
A 1 57 PRO 57 57 57 PRO PRO A . n 
A 1 58 LYS 58 58 58 LYS LYS A . n 
B 1 1  ALA 1  1  ?  ?   ?   B . n 
B 1 2  ASP 2  2  ?  ?   ?   B . n 
B 1 3  ASN 3  3  3  ASN ASN B . n 
B 1 4  LYS 4  4  4  LYS LYS B . n 
B 1 5  PHE 5  5  5  PHE PHE B . n 
B 1 6  ASN 6  6  6  ASN ASN B . n 
B 1 7  LYS 7  7  7  LYS LYS B . n 
B 1 8  GLU 8  8  8  GLU GLU B . n 
B 1 9  TRP 9  9  9  TRP TRP B . n 
B 1 10 GLN 10 10 10 GLN GLN B . n 
B 1 11 ASN 11 11 11 ASN ASN B . n 
B 1 12 ALA 12 12 12 ALA ALA B . n 
B 1 13 PHE 13 13 13 PHE PHE B . n 
B 1 14 TYR 14 14 14 TYR TYR B . n 
B 1 15 GLU 15 15 15 GLU GLU B . n 
B 1 16 ILE 16 16 16 ILE ILE B . n 
B 1 17 LEU 17 17 17 LEU LEU B . n 
B 1 18 HIS 18 18 18 HIS HIS B . n 
B 1 19 LEU 19 19 19 LEU LEU B . n 
B 1 20 PRO 20 20 20 PRO PRO B . n 
B 1 21 ASN 21 21 21 ASN ASN B . n 
B 1 22 LEU 22 22 22 LEU LEU B . n 
B 1 23 THR 23 23 23 THR THR B . n 
B 1 24 GLU 24 24 24 GLU GLU B . n 
B 1 25 GLU 25 25 25 GLU GLU B . n 
B 1 26 GLN 26 26 26 GLN GLN B . n 
B 1 27 ARG 27 27 27 ARG ARG B . n 
B 1 28 ASN 28 28 28 ASN ASN B . n 
B 1 29 GLY 29 29 29 GLY GLY B . n 
B 1 30 PHE 30 30 30 PHE PHE B . n 
B 1 31 ILE 31 31 31 ILE ILE B . n 
B 1 32 GLN 32 32 32 GLN GLN B . n 
B 1 33 SER 33 33 33 SER SER B . n 
B 1 34 LEU 34 34 34 LEU LEU B . n 
B 1 35 LYS 35 35 35 LYS LYS B . n 
B 1 36 ASP 36 36 36 ASP ASP B . n 
B 1 37 ASP 37 37 37 ASP ASP B . n 
B 1 38 PRO 38 38 38 PRO PRO B . n 
B 1 39 SER 39 39 39 SER SER B . n 
B 1 40 VAL 40 40 40 VAL VAL B . n 
B 1 41 SER 41 41 41 SER SER B . n 
B 1 42 LYS 42 42 42 LYS LYS B . n 
B 1 43 GLU 43 43 43 GLU GLU B . n 
B 1 44 ILE 44 44 44 ILE ILE B . n 
B 1 45 LEU 45 45 45 LEU LEU B . n 
B 1 46 ALA 46 46 46 ALA ALA B . n 
B 1 47 GLU 47 47 47 GLU GLU B . n 
B 1 48 ALA 48 48 48 ALA ALA B . n 
B 1 49 LYS 49 49 49 LYS LYS B . n 
B 1 50 LYS 50 50 50 LYS LYS B . n 
B 1 51 LEU 51 51 51 LEU LEU B . n 
B 1 52 ASN 52 52 52 ASN ASN B . n 
B 1 53 ASP 53 53 53 ASP ASP B . n 
B 1 54 ALA 54 54 54 ALA ALA B . n 
B 1 55 GLN 55 55 55 GLN GLN B . n 
B 1 56 ALA 56 56 56 ALA ALA B . n 
B 1 57 PRO 57 57 57 PRO PRO B . n 
B 1 58 LYS 58 58 ?  ?   ?   B . n 
# 
loop_
_pdbx_nonpoly_scheme.asym_id 
_pdbx_nonpoly_scheme.entity_id 
_pdbx_nonpoly_scheme.mon_id 
_pdbx_nonpoly_scheme.ndb_seq_num 
_pdbx_nonpoly_scheme.pdb_seq_num 
_pdbx_nonpoly_scheme.auth_seq_num 
_pdbx_nonpoly_scheme.pdb_mon_id 
_pdbx_nonpoly_scheme.auth_mon_id 
_pdbx_nonpoly_scheme.pdb_strand_id 
_pdbx_nonpoly_scheme.pdb_ins_code 
C 2 HOH 1  101 8  HOH HOH A . 
C 2 HOH 2  102 58 HOH HOH A . 
C 2 HOH 3  103 34 HOH HOH A . 
C 2 HOH 4  104 19 HOH HOH A . 
C 2 HOH 5  105 1  HOH HOH A . 
C 2 HOH 6  106 79 HOH HOH A . 
C 2 HOH 7  107 62 HOH HOH A . 
C 2 HOH 8  108 57 HOH HOH A . 
C 2 HOH 9  109 5  HOH HOH A . 
D 2 HOH 1  101 14 HOH HOH B . 
D 2 HOH 2  102 11 HOH HOH B . 
D 2 HOH 3  103 41 HOH HOH B . 
D 2 HOH 4  104 3  HOH HOH B . 
D 2 HOH 5  105 48 HOH HOH B . 
D 2 HOH 6  106 6  HOH HOH B . 
D 2 HOH 7  107 31 HOH HOH B . 
D 2 HOH 8  108 81 HOH HOH B . 
D 2 HOH 9  109 18 HOH HOH B . 
D 2 HOH 10 110 43 HOH HOH B . 
D 2 HOH 11 111 76 HOH HOH B . 
D 2 HOH 12 112 20 HOH HOH B . 
D 2 HOH 13 113 42 HOH HOH B . 
# 
loop_
_pdbx_struct_assembly.id 
_pdbx_struct_assembly.details 
_pdbx_struct_assembly.method_details 
_pdbx_struct_assembly.oligomeric_details 
_pdbx_struct_assembly.oligomeric_count 
1 author_defined_assembly ? monomeric 1 
2 author_defined_assembly ? monomeric 1 
# 
loop_
_pdbx_struct_assembly_gen.assembly_id 
_pdbx_struct_assembly_gen.oper_expression 
_pdbx_struct_assembly_gen.asym_id_list 
1 1 A,C 
2 1 B,D 
# 
_pdbx_struct_oper_list.id                   1 
_pdbx_struct_oper_list.type                 'identity operation' 
_pdbx_struct_oper_list.name                 1_555 
_pdbx_struct_oper_list.symmetry_operation   x,y,z 
_pdbx_struct_oper_list.matrix[1][1]         1.0000000000 
_pdbx_struct_oper_list.matrix[1][2]         0.0000000000 
_pdbx_struct_oper_list.matrix[1][3]         0.0000000000 
_pdbx_struct_oper_list.vector[1]            0.0000000000 
_pdbx_struct_oper_list.matrix[2][1]         0.0000000000 
_pdbx_struct_oper_list.matrix[2][2]         1.0000000000 
_pdbx_struct_oper_list.matrix[2][3]         0.0000000000 
_pdbx_struct_oper_list.vector[2]            0.0000000000 
_pdbx_struct_oper_list.matrix[3][1]         0.0000000000 
_pdbx_struct_oper_list.matrix[3][2]         0.0000000000 
_pdbx_struct_oper_list.matrix[3][3]         1.0000000000 
_pdbx_struct_oper_list.vector[3]            0.0000000000 
# 
loop_
_pdbx_audit_revision_history.ordinal 
_pdbx_audit_revision_history.data_content_type 
_pdbx_audit_revision_history.major_revision 
_pdbx_audit_revision_history.minor_revision 
_pdbx_audit_revision_history.revision_date 
1 'Structure model' 1 0 2015-07-15 
2 'Structure model' 1 1 2015-07-29 
3 'Structure model' 1 2 2023-09-27 
# 
_pdbx_audit_revision_details.ordinal             1 
_pdbx_audit_revision_details.revision_ordinal    1 
_pdbx_audit_revision_details.data_content_type   'Structure model' 
_pdbx_audit_revision_details.provider            repository 
_pdbx_audit_revision_details.type                'Initial release' 
_pdbx_audit_revision_details.description         ? 
_pdbx_audit_revision_details.details             ? 
# 
loop_
_pdbx_audit_revision_group.ordinal 
_pdbx_audit_revision_group.revision_ordinal 
_pdbx_audit_revision_group.data_content_type 
_pdbx_audit_revision_group.group 
1 2 'Structure model' 'Database references'    
2 3 'Structure model' 'Data collection'        
3 3 'Structure model' 'Database references'    
4 3 'Structure model' 'Derived calculations'   
5 3 'Structure model' 'Refinement description' 
6 3 'Structure model' 'Source and taxonomy'    
# 
loop_
_pdbx_audit_revision_category.ordinal 
_pdbx_audit_revision_category.revision_ordinal 
_pdbx_audit_revision_category.data_content_type 
_pdbx_audit_revision_category.category 
1 3 'Structure model' chem_comp_atom                
2 3 'Structure model' chem_comp_bond                
3 3 'Structure model' citation                      
4 3 'Structure model' database_2                    
5 3 'Structure model' entity_src_gen                
6 3 'Structure model' pdbx_initial_refinement_model 
7 3 'Structure model' pdbx_struct_oper_list         
# 
loop_
_pdbx_audit_revision_item.ordinal 
_pdbx_audit_revision_item.revision_ordinal 
_pdbx_audit_revision_item.data_content_type 
_pdbx_audit_revision_item.item 
1 3 'Structure model' '_citation.journal_id_CSD'                  
2 3 'Structure model' '_database_2.pdbx_DOI'                      
3 3 'Structure model' '_database_2.pdbx_database_accession'       
4 3 'Structure model' '_entity_src_gen.pdbx_alt_source_flag'      
5 3 'Structure model' '_pdbx_struct_oper_list.symmetry_operation' 
# 
loop_
_software.citation_id 
_software.classification 
_software.compiler_name 
_software.compiler_version 
_software.contact_author 
_software.contact_author_email 
_software.date 
_software.description 
_software.dependencies 
_software.hardware 
_software.language 
_software.location 
_software.mods 
_software.name 
_software.os 
_software.os_version 
_software.type 
_software.version 
_software.pdbx_ordinal 
? refinement       ? ? ? ? ? ? ? ? ? ? ? PHENIX   ? ? ? dev_1664 1 
? 'data reduction' ? ? ? ? ? ? ? ? ? ? ? HKL-2000 ? ? ? .        2 
? 'data scaling'   ? ? ? ? ? ? ? ? ? ? ? HKL-2000 ? ? ? .        3 
? phasing          ? ? ? ? ? ? ? ? ? ? ? PHASER   ? ? ? .        4 
# 
loop_
_pdbx_validate_close_contact.id 
_pdbx_validate_close_contact.PDB_model_num 
_pdbx_validate_close_contact.auth_atom_id_1 
_pdbx_validate_close_contact.auth_asym_id_1 
_pdbx_validate_close_contact.auth_comp_id_1 
_pdbx_validate_close_contact.auth_seq_id_1 
_pdbx_validate_close_contact.PDB_ins_code_1 
_pdbx_validate_close_contact.label_alt_id_1 
_pdbx_validate_close_contact.auth_atom_id_2 
_pdbx_validate_close_contact.auth_asym_id_2 
_pdbx_validate_close_contact.auth_comp_id_2 
_pdbx_validate_close_contact.auth_seq_id_2 
_pdbx_validate_close_contact.PDB_ins_code_2 
_pdbx_validate_close_contact.label_alt_id_2 
_pdbx_validate_close_contact.dist 
1 1 O B HOH 104 ? ? O B HOH 109 ? ? 2.03 
2 1 O A HOH 108 ? ? O B HOH 111 ? ? 2.13 
# 
_pdbx_validate_symm_contact.id                1 
_pdbx_validate_symm_contact.PDB_model_num     1 
_pdbx_validate_symm_contact.auth_atom_id_1    O 
_pdbx_validate_symm_contact.auth_asym_id_1    A 
_pdbx_validate_symm_contact.auth_comp_id_1    HOH 
_pdbx_validate_symm_contact.auth_seq_id_1     105 
_pdbx_validate_symm_contact.PDB_ins_code_1    ? 
_pdbx_validate_symm_contact.label_alt_id_1    ? 
_pdbx_validate_symm_contact.site_symmetry_1   1_555 
_pdbx_validate_symm_contact.auth_atom_id_2    O 
_pdbx_validate_symm_contact.auth_asym_id_2    B 
_pdbx_validate_symm_contact.auth_comp_id_2    HOH 
_pdbx_validate_symm_contact.auth_seq_id_2     110 
_pdbx_validate_symm_contact.PDB_ins_code_2    ? 
_pdbx_validate_symm_contact.label_alt_id_2    ? 
_pdbx_validate_symm_contact.site_symmetry_2   3_455 
_pdbx_validate_symm_contact.dist              1.97 
# 
loop_
_pdbx_validate_torsion.id 
_pdbx_validate_torsion.PDB_model_num 
_pdbx_validate_torsion.auth_comp_id 
_pdbx_validate_torsion.auth_asym_id 
_pdbx_validate_torsion.auth_seq_id 
_pdbx_validate_torsion.PDB_ins_code 
_pdbx_validate_torsion.label_alt_id 
_pdbx_validate_torsion.phi 
_pdbx_validate_torsion.psi 
1 1 PHE A 5  ? ? -105.69 61.32 
2 1 ASP A 37 ? ? -160.32 78.19 
3 1 ASN B 21 ? ? -117.04 50.69 
4 1 ASP B 37 ? ? -148.03 54.38 
# 
loop_
_pdbx_unobs_or_zero_occ_residues.id 
_pdbx_unobs_or_zero_occ_residues.PDB_model_num 
_pdbx_unobs_or_zero_occ_residues.polymer_flag 
_pdbx_unobs_or_zero_occ_residues.occupancy_flag 
_pdbx_unobs_or_zero_occ_residues.auth_asym_id 
_pdbx_unobs_or_zero_occ_residues.auth_comp_id 
_pdbx_unobs_or_zero_occ_residues.auth_seq_id 
_pdbx_unobs_or_zero_occ_residues.PDB_ins_code 
_pdbx_unobs_or_zero_occ_residues.label_asym_id 
_pdbx_unobs_or_zero_occ_residues.label_comp_id 
_pdbx_unobs_or_zero_occ_residues.label_seq_id 
1 1 Y 1 A ALA 1  ? A ALA 1  
2 1 Y 1 A ASP 2  ? A ASP 2  
3 1 Y 1 B ALA 1  ? B ALA 1  
4 1 Y 1 B ASP 2  ? B ASP 2  
5 1 Y 1 B LYS 58 ? B LYS 58 
# 
loop_
_chem_comp_atom.comp_id 
_chem_comp_atom.atom_id 
_chem_comp_atom.type_symbol 
_chem_comp_atom.pdbx_aromatic_flag 
_chem_comp_atom.pdbx_stereo_config 
_chem_comp_atom.pdbx_ordinal 
ALA N    N N N 1   
ALA CA   C N S 2   
ALA C    C N N 3   
ALA O    O N N 4   
ALA CB   C N N 5   
ALA OXT  O N N 6   
ALA H    H N N 7   
ALA H2   H N N 8   
ALA HA   H N N 9   
ALA HB1  H N N 10  
ALA HB2  H N N 11  
ALA HB3  H N N 12  
ALA HXT  H N N 13  
ARG N    N N N 14  
ARG CA   C N S 15  
ARG C    C N N 16  
ARG O    O N N 17  
ARG CB   C N N 18  
ARG CG   C N N 19  
ARG CD   C N N 20  
ARG NE   N N N 21  
ARG CZ   C N N 22  
ARG NH1  N N N 23  
ARG NH2  N N N 24  
ARG OXT  O N N 25  
ARG H    H N N 26  
ARG H2   H N N 27  
ARG HA   H N N 28  
ARG HB2  H N N 29  
ARG HB3  H N N 30  
ARG HG2  H N N 31  
ARG HG3  H N N 32  
ARG HD2  H N N 33  
ARG HD3  H N N 34  
ARG HE   H N N 35  
ARG HH11 H N N 36  
ARG HH12 H N N 37  
ARG HH21 H N N 38  
ARG HH22 H N N 39  
ARG HXT  H N N 40  
ASN N    N N N 41  
ASN CA   C N S 42  
ASN C    C N N 43  
ASN O    O N N 44  
ASN CB   C N N 45  
ASN CG   C N N 46  
ASN OD1  O N N 47  
ASN ND2  N N N 48  
ASN OXT  O N N 49  
ASN H    H N N 50  
ASN H2   H N N 51  
ASN HA   H N N 52  
ASN HB2  H N N 53  
ASN HB3  H N N 54  
ASN HD21 H N N 55  
ASN HD22 H N N 56  
ASN HXT  H N N 57  
ASP N    N N N 58  
ASP CA   C N S 59  
ASP C    C N N 60  
ASP O    O N N 61  
ASP CB   C N N 62  
ASP CG   C N N 63  
ASP OD1  O N N 64  
ASP OD2  O N N 65  
ASP OXT  O N N 66  
ASP H    H N N 67  
ASP H2   H N N 68  
ASP HA   H N N 69  
ASP HB2  H N N 70  
ASP HB3  H N N 71  
ASP HD2  H N N 72  
ASP HXT  H N N 73  
GLN N    N N N 74  
GLN CA   C N S 75  
GLN C    C N N 76  
GLN O    O N N 77  
GLN CB   C N N 78  
GLN CG   C N N 79  
GLN CD   C N N 80  
GLN OE1  O N N 81  
GLN NE2  N N N 82  
GLN OXT  O N N 83  
GLN H    H N N 84  
GLN H2   H N N 85  
GLN HA   H N N 86  
GLN HB2  H N N 87  
GLN HB3  H N N 88  
GLN HG2  H N N 89  
GLN HG3  H N N 90  
GLN HE21 H N N 91  
GLN HE22 H N N 92  
GLN HXT  H N N 93  
GLU N    N N N 94  
GLU CA   C N S 95  
GLU C    C N N 96  
GLU O    O N N 97  
GLU CB   C N N 98  
GLU CG   C N N 99  
GLU CD   C N N 100 
GLU OE1  O N N 101 
GLU OE2  O N N 102 
GLU OXT  O N N 103 
GLU H    H N N 104 
GLU H2   H N N 105 
GLU HA   H N N 106 
GLU HB2  H N N 107 
GLU HB3  H N N 108 
GLU HG2  H N N 109 
GLU HG3  H N N 110 
GLU HE2  H N N 111 
GLU HXT  H N N 112 
GLY N    N N N 113 
GLY CA   C N N 114 
GLY C    C N N 115 
GLY O    O N N 116 
GLY OXT  O N N 117 
GLY H    H N N 118 
GLY H2   H N N 119 
GLY HA2  H N N 120 
GLY HA3  H N N 121 
GLY HXT  H N N 122 
HIS N    N N N 123 
HIS CA   C N S 124 
HIS C    C N N 125 
HIS O    O N N 126 
HIS CB   C N N 127 
HIS CG   C Y N 128 
HIS ND1  N Y N 129 
HIS CD2  C Y N 130 
HIS CE1  C Y N 131 
HIS NE2  N Y N 132 
HIS OXT  O N N 133 
HIS H    H N N 134 
HIS H2   H N N 135 
HIS HA   H N N 136 
HIS HB2  H N N 137 
HIS HB3  H N N 138 
HIS HD1  H N N 139 
HIS HD2  H N N 140 
HIS HE1  H N N 141 
HIS HE2  H N N 142 
HIS HXT  H N N 143 
HOH O    O N N 144 
HOH H1   H N N 145 
HOH H2   H N N 146 
ILE N    N N N 147 
ILE CA   C N S 148 
ILE C    C N N 149 
ILE O    O N N 150 
ILE CB   C N S 151 
ILE CG1  C N N 152 
ILE CG2  C N N 153 
ILE CD1  C N N 154 
ILE OXT  O N N 155 
ILE H    H N N 156 
ILE H2   H N N 157 
ILE HA   H N N 158 
ILE HB   H N N 159 
ILE HG12 H N N 160 
ILE HG13 H N N 161 
ILE HG21 H N N 162 
ILE HG22 H N N 163 
ILE HG23 H N N 164 
ILE HD11 H N N 165 
ILE HD12 H N N 166 
ILE HD13 H N N 167 
ILE HXT  H N N 168 
LEU N    N N N 169 
LEU CA   C N S 170 
LEU C    C N N 171 
LEU O    O N N 172 
LEU CB   C N N 173 
LEU CG   C N N 174 
LEU CD1  C N N 175 
LEU CD2  C N N 176 
LEU OXT  O N N 177 
LEU H    H N N 178 
LEU H2   H N N 179 
LEU HA   H N N 180 
LEU HB2  H N N 181 
LEU HB3  H N N 182 
LEU HG   H N N 183 
LEU HD11 H N N 184 
LEU HD12 H N N 185 
LEU HD13 H N N 186 
LEU HD21 H N N 187 
LEU HD22 H N N 188 
LEU HD23 H N N 189 
LEU HXT  H N N 190 
LYS N    N N N 191 
LYS CA   C N S 192 
LYS C    C N N 193 
LYS O    O N N 194 
LYS CB   C N N 195 
LYS CG   C N N 196 
LYS CD   C N N 197 
LYS CE   C N N 198 
LYS NZ   N N N 199 
LYS OXT  O N N 200 
LYS H    H N N 201 
LYS H2   H N N 202 
LYS HA   H N N 203 
LYS HB2  H N N 204 
LYS HB3  H N N 205 
LYS HG2  H N N 206 
LYS HG3  H N N 207 
LYS HD2  H N N 208 
LYS HD3  H N N 209 
LYS HE2  H N N 210 
LYS HE3  H N N 211 
LYS HZ1  H N N 212 
LYS HZ2  H N N 213 
LYS HZ3  H N N 214 
LYS HXT  H N N 215 
PHE N    N N N 216 
PHE CA   C N S 217 
PHE C    C N N 218 
PHE O    O N N 219 
PHE CB   C N N 220 
PHE CG   C Y N 221 
PHE CD1  C Y N 222 
PHE CD2  C Y N 223 
PHE CE1  C Y N 224 
PHE CE2  C Y N 225 
PHE CZ   C Y N 226 
PHE OXT  O N N 227 
PHE H    H N N 228 
PHE H2   H N N 229 
PHE HA   H N N 230 
PHE HB2  H N N 231 
PHE HB3  H N N 232 
PHE HD1  H N N 233 
PHE HD2  H N N 234 
PHE HE1  H N N 235 
PHE HE2  H N N 236 
PHE HZ   H N N 237 
PHE HXT  H N N 238 
PRO N    N N N 239 
PRO CA   C N S 240 
PRO C    C N N 241 
PRO O    O N N 242 
PRO CB   C N N 243 
PRO CG   C N N 244 
PRO CD   C N N 245 
PRO OXT  O N N 246 
PRO H    H N N 247 
PRO HA   H N N 248 
PRO HB2  H N N 249 
PRO HB3  H N N 250 
PRO HG2  H N N 251 
PRO HG3  H N N 252 
PRO HD2  H N N 253 
PRO HD3  H N N 254 
PRO HXT  H N N 255 
SER N    N N N 256 
SER CA   C N S 257 
SER C    C N N 258 
SER O    O N N 259 
SER CB   C N N 260 
SER OG   O N N 261 
SER OXT  O N N 262 
SER H    H N N 263 
SER H2   H N N 264 
SER HA   H N N 265 
SER HB2  H N N 266 
SER HB3  H N N 267 
SER HG   H N N 268 
SER HXT  H N N 269 
THR N    N N N 270 
THR CA   C N S 271 
THR C    C N N 272 
THR O    O N N 273 
THR CB   C N R 274 
THR OG1  O N N 275 
THR CG2  C N N 276 
THR OXT  O N N 277 
THR H    H N N 278 
THR H2   H N N 279 
THR HA   H N N 280 
THR HB   H N N 281 
THR HG1  H N N 282 
THR HG21 H N N 283 
THR HG22 H N N 284 
THR HG23 H N N 285 
THR HXT  H N N 286 
TRP N    N N N 287 
TRP CA   C N S 288 
TRP C    C N N 289 
TRP O    O N N 290 
TRP CB   C N N 291 
TRP CG   C Y N 292 
TRP CD1  C Y N 293 
TRP CD2  C Y N 294 
TRP NE1  N Y N 295 
TRP CE2  C Y N 296 
TRP CE3  C Y N 297 
TRP CZ2  C Y N 298 
TRP CZ3  C Y N 299 
TRP CH2  C Y N 300 
TRP OXT  O N N 301 
TRP H    H N N 302 
TRP H2   H N N 303 
TRP HA   H N N 304 
TRP HB2  H N N 305 
TRP HB3  H N N 306 
TRP HD1  H N N 307 
TRP HE1  H N N 308 
TRP HE3  H N N 309 
TRP HZ2  H N N 310 
TRP HZ3  H N N 311 
TRP HH2  H N N 312 
TRP HXT  H N N 313 
TYR N    N N N 314 
TYR CA   C N S 315 
TYR C    C N N 316 
TYR O    O N N 317 
TYR CB   C N N 318 
TYR CG   C Y N 319 
TYR CD1  C Y N 320 
TYR CD2  C Y N 321 
TYR CE1  C Y N 322 
TYR CE2  C Y N 323 
TYR CZ   C Y N 324 
TYR OH   O N N 325 
TYR OXT  O N N 326 
TYR H    H N N 327 
TYR H2   H N N 328 
TYR HA   H N N 329 
TYR HB2  H N N 330 
TYR HB3  H N N 331 
TYR HD1  H N N 332 
TYR HD2  H N N 333 
TYR HE1  H N N 334 
TYR HE2  H N N 335 
TYR HH   H N N 336 
TYR HXT  H N N 337 
VAL N    N N N 338 
VAL CA   C N S 339 
VAL C    C N N 340 
VAL O    O N N 341 
VAL CB   C N N 342 
VAL CG1  C N N 343 
VAL CG2  C N N 344 
VAL OXT  O N N 345 
VAL H    H N N 346 
VAL H2   H N N 347 
VAL HA   H N N 348 
VAL HB   H N N 349 
VAL HG11 H N N 350 
VAL HG12 H N N 351 
VAL HG13 H N N 352 
VAL HG21 H N N 353 
VAL HG22 H N N 354 
VAL HG23 H N N 355 
VAL HXT  H N N 356 
# 
loop_
_chem_comp_bond.comp_id 
_chem_comp_bond.atom_id_1 
_chem_comp_bond.atom_id_2 
_chem_comp_bond.value_order 
_chem_comp_bond.pdbx_aromatic_flag 
_chem_comp_bond.pdbx_stereo_config 
_chem_comp_bond.pdbx_ordinal 
ALA N   CA   sing N N 1   
ALA N   H    sing N N 2   
ALA N   H2   sing N N 3   
ALA CA  C    sing N N 4   
ALA CA  CB   sing N N 5   
ALA CA  HA   sing N N 6   
ALA C   O    doub N N 7   
ALA C   OXT  sing N N 8   
ALA CB  HB1  sing N N 9   
ALA CB  HB2  sing N N 10  
ALA CB  HB3  sing N N 11  
ALA OXT HXT  sing N N 12  
ARG N   CA   sing N N 13  
ARG N   H    sing N N 14  
ARG N   H2   sing N N 15  
ARG CA  C    sing N N 16  
ARG CA  CB   sing N N 17  
ARG CA  HA   sing N N 18  
ARG C   O    doub N N 19  
ARG C   OXT  sing N N 20  
ARG CB  CG   sing N N 21  
ARG CB  HB2  sing N N 22  
ARG CB  HB3  sing N N 23  
ARG CG  CD   sing N N 24  
ARG CG  HG2  sing N N 25  
ARG CG  HG3  sing N N 26  
ARG CD  NE   sing N N 27  
ARG CD  HD2  sing N N 28  
ARG CD  HD3  sing N N 29  
ARG NE  CZ   sing N N 30  
ARG NE  HE   sing N N 31  
ARG CZ  NH1  sing N N 32  
ARG CZ  NH2  doub N N 33  
ARG NH1 HH11 sing N N 34  
ARG NH1 HH12 sing N N 35  
ARG NH2 HH21 sing N N 36  
ARG NH2 HH22 sing N N 37  
ARG OXT HXT  sing N N 38  
ASN N   CA   sing N N 39  
ASN N   H    sing N N 40  
ASN N   H2   sing N N 41  
ASN CA  C    sing N N 42  
ASN CA  CB   sing N N 43  
ASN CA  HA   sing N N 44  
ASN C   O    doub N N 45  
ASN C   OXT  sing N N 46  
ASN CB  CG   sing N N 47  
ASN CB  HB2  sing N N 48  
ASN CB  HB3  sing N N 49  
ASN CG  OD1  doub N N 50  
ASN CG  ND2  sing N N 51  
ASN ND2 HD21 sing N N 52  
ASN ND2 HD22 sing N N 53  
ASN OXT HXT  sing N N 54  
ASP N   CA   sing N N 55  
ASP N   H    sing N N 56  
ASP N   H2   sing N N 57  
ASP CA  C    sing N N 58  
ASP CA  CB   sing N N 59  
ASP CA  HA   sing N N 60  
ASP C   O    doub N N 61  
ASP C   OXT  sing N N 62  
ASP CB  CG   sing N N 63  
ASP CB  HB2  sing N N 64  
ASP CB  HB3  sing N N 65  
ASP CG  OD1  doub N N 66  
ASP CG  OD2  sing N N 67  
ASP OD2 HD2  sing N N 68  
ASP OXT HXT  sing N N 69  
GLN N   CA   sing N N 70  
GLN N   H    sing N N 71  
GLN N   H2   sing N N 72  
GLN CA  C    sing N N 73  
GLN CA  CB   sing N N 74  
GLN CA  HA   sing N N 75  
GLN C   O    doub N N 76  
GLN C   OXT  sing N N 77  
GLN CB  CG   sing N N 78  
GLN CB  HB2  sing N N 79  
GLN CB  HB3  sing N N 80  
GLN CG  CD   sing N N 81  
GLN CG  HG2  sing N N 82  
GLN CG  HG3  sing N N 83  
GLN CD  OE1  doub N N 84  
GLN CD  NE2  sing N N 85  
GLN NE2 HE21 sing N N 86  
GLN NE2 HE22 sing N N 87  
GLN OXT HXT  sing N N 88  
GLU N   CA   sing N N 89  
GLU N   H    sing N N 90  
GLU N   H2   sing N N 91  
GLU CA  C    sing N N 92  
GLU CA  CB   sing N N 93  
GLU CA  HA   sing N N 94  
GLU C   O    doub N N 95  
GLU C   OXT  sing N N 96  
GLU CB  CG   sing N N 97  
GLU CB  HB2  sing N N 98  
GLU CB  HB3  sing N N 99  
GLU CG  CD   sing N N 100 
GLU CG  HG2  sing N N 101 
GLU CG  HG3  sing N N 102 
GLU CD  OE1  doub N N 103 
GLU CD  OE2  sing N N 104 
GLU OE2 HE2  sing N N 105 
GLU OXT HXT  sing N N 106 
GLY N   CA   sing N N 107 
GLY N   H    sing N N 108 
GLY N   H2   sing N N 109 
GLY CA  C    sing N N 110 
GLY CA  HA2  sing N N 111 
GLY CA  HA3  sing N N 112 
GLY C   O    doub N N 113 
GLY C   OXT  sing N N 114 
GLY OXT HXT  sing N N 115 
HIS N   CA   sing N N 116 
HIS N   H    sing N N 117 
HIS N   H2   sing N N 118 
HIS CA  C    sing N N 119 
HIS CA  CB   sing N N 120 
HIS CA  HA   sing N N 121 
HIS C   O    doub N N 122 
HIS C   OXT  sing N N 123 
HIS CB  CG   sing N N 124 
HIS CB  HB2  sing N N 125 
HIS CB  HB3  sing N N 126 
HIS CG  ND1  sing Y N 127 
HIS CG  CD2  doub Y N 128 
HIS ND1 CE1  doub Y N 129 
HIS ND1 HD1  sing N N 130 
HIS CD2 NE2  sing Y N 131 
HIS CD2 HD2  sing N N 132 
HIS CE1 NE2  sing Y N 133 
HIS CE1 HE1  sing N N 134 
HIS NE2 HE2  sing N N 135 
HIS OXT HXT  sing N N 136 
HOH O   H1   sing N N 137 
HOH O   H2   sing N N 138 
ILE N   CA   sing N N 139 
ILE N   H    sing N N 140 
ILE N   H2   sing N N 141 
ILE CA  C    sing N N 142 
ILE CA  CB   sing N N 143 
ILE CA  HA   sing N N 144 
ILE C   O    doub N N 145 
ILE C   OXT  sing N N 146 
ILE CB  CG1  sing N N 147 
ILE CB  CG2  sing N N 148 
ILE CB  HB   sing N N 149 
ILE CG1 CD1  sing N N 150 
ILE CG1 HG12 sing N N 151 
ILE CG1 HG13 sing N N 152 
ILE CG2 HG21 sing N N 153 
ILE CG2 HG22 sing N N 154 
ILE CG2 HG23 sing N N 155 
ILE CD1 HD11 sing N N 156 
ILE CD1 HD12 sing N N 157 
ILE CD1 HD13 sing N N 158 
ILE OXT HXT  sing N N 159 
LEU N   CA   sing N N 160 
LEU N   H    sing N N 161 
LEU N   H2   sing N N 162 
LEU CA  C    sing N N 163 
LEU CA  CB   sing N N 164 
LEU CA  HA   sing N N 165 
LEU C   O    doub N N 166 
LEU C   OXT  sing N N 167 
LEU CB  CG   sing N N 168 
LEU CB  HB2  sing N N 169 
LEU CB  HB3  sing N N 170 
LEU CG  CD1  sing N N 171 
LEU CG  CD2  sing N N 172 
LEU CG  HG   sing N N 173 
LEU CD1 HD11 sing N N 174 
LEU CD1 HD12 sing N N 175 
LEU CD1 HD13 sing N N 176 
LEU CD2 HD21 sing N N 177 
LEU CD2 HD22 sing N N 178 
LEU CD2 HD23 sing N N 179 
LEU OXT HXT  sing N N 180 
LYS N   CA   sing N N 181 
LYS N   H    sing N N 182 
LYS N   H2   sing N N 183 
LYS CA  C    sing N N 184 
LYS CA  CB   sing N N 185 
LYS CA  HA   sing N N 186 
LYS C   O    doub N N 187 
LYS C   OXT  sing N N 188 
LYS CB  CG   sing N N 189 
LYS CB  HB2  sing N N 190 
LYS CB  HB3  sing N N 191 
LYS CG  CD   sing N N 192 
LYS CG  HG2  sing N N 193 
LYS CG  HG3  sing N N 194 
LYS CD  CE   sing N N 195 
LYS CD  HD2  sing N N 196 
LYS CD  HD3  sing N N 197 
LYS CE  NZ   sing N N 198 
LYS CE  HE2  sing N N 199 
LYS CE  HE3  sing N N 200 
LYS NZ  HZ1  sing N N 201 
LYS NZ  HZ2  sing N N 202 
LYS NZ  HZ3  sing N N 203 
LYS OXT HXT  sing N N 204 
PHE N   CA   sing N N 205 
PHE N   H    sing N N 206 
PHE N   H2   sing N N 207 
PHE CA  C    sing N N 208 
PHE CA  CB   sing N N 209 
PHE CA  HA   sing N N 210 
PHE C   O    doub N N 211 
PHE C   OXT  sing N N 212 
PHE CB  CG   sing N N 213 
PHE CB  HB2  sing N N 214 
PHE CB  HB3  sing N N 215 
PHE CG  CD1  doub Y N 216 
PHE CG  CD2  sing Y N 217 
PHE CD1 CE1  sing Y N 218 
PHE CD1 HD1  sing N N 219 
PHE CD2 CE2  doub Y N 220 
PHE CD2 HD2  sing N N 221 
PHE CE1 CZ   doub Y N 222 
PHE CE1 HE1  sing N N 223 
PHE CE2 CZ   sing Y N 224 
PHE CE2 HE2  sing N N 225 
PHE CZ  HZ   sing N N 226 
PHE OXT HXT  sing N N 227 
PRO N   CA   sing N N 228 
PRO N   CD   sing N N 229 
PRO N   H    sing N N 230 
PRO CA  C    sing N N 231 
PRO CA  CB   sing N N 232 
PRO CA  HA   sing N N 233 
PRO C   O    doub N N 234 
PRO C   OXT  sing N N 235 
PRO CB  CG   sing N N 236 
PRO CB  HB2  sing N N 237 
PRO CB  HB3  sing N N 238 
PRO CG  CD   sing N N 239 
PRO CG  HG2  sing N N 240 
PRO CG  HG3  sing N N 241 
PRO CD  HD2  sing N N 242 
PRO CD  HD3  sing N N 243 
PRO OXT HXT  sing N N 244 
SER N   CA   sing N N 245 
SER N   H    sing N N 246 
SER N   H2   sing N N 247 
SER CA  C    sing N N 248 
SER CA  CB   sing N N 249 
SER CA  HA   sing N N 250 
SER C   O    doub N N 251 
SER C   OXT  sing N N 252 
SER CB  OG   sing N N 253 
SER CB  HB2  sing N N 254 
SER CB  HB3  sing N N 255 
SER OG  HG   sing N N 256 
SER OXT HXT  sing N N 257 
THR N   CA   sing N N 258 
THR N   H    sing N N 259 
THR N   H2   sing N N 260 
THR CA  C    sing N N 261 
THR CA  CB   sing N N 262 
THR CA  HA   sing N N 263 
THR C   O    doub N N 264 
THR C   OXT  sing N N 265 
THR CB  OG1  sing N N 266 
THR CB  CG2  sing N N 267 
THR CB  HB   sing N N 268 
THR OG1 HG1  sing N N 269 
THR CG2 HG21 sing N N 270 
THR CG2 HG22 sing N N 271 
THR CG2 HG23 sing N N 272 
THR OXT HXT  sing N N 273 
TRP N   CA   sing N N 274 
TRP N   H    sing N N 275 
TRP N   H2   sing N N 276 
TRP CA  C    sing N N 277 
TRP CA  CB   sing N N 278 
TRP CA  HA   sing N N 279 
TRP C   O    doub N N 280 
TRP C   OXT  sing N N 281 
TRP CB  CG   sing N N 282 
TRP CB  HB2  sing N N 283 
TRP CB  HB3  sing N N 284 
TRP CG  CD1  doub Y N 285 
TRP CG  CD2  sing Y N 286 
TRP CD1 NE1  sing Y N 287 
TRP CD1 HD1  sing N N 288 
TRP CD2 CE2  doub Y N 289 
TRP CD2 CE3  sing Y N 290 
TRP NE1 CE2  sing Y N 291 
TRP NE1 HE1  sing N N 292 
TRP CE2 CZ2  sing Y N 293 
TRP CE3 CZ3  doub Y N 294 
TRP CE3 HE3  sing N N 295 
TRP CZ2 CH2  doub Y N 296 
TRP CZ2 HZ2  sing N N 297 
TRP CZ3 CH2  sing Y N 298 
TRP CZ3 HZ3  sing N N 299 
TRP CH2 HH2  sing N N 300 
TRP OXT HXT  sing N N 301 
TYR N   CA   sing N N 302 
TYR N   H    sing N N 303 
TYR N   H2   sing N N 304 
TYR CA  C    sing N N 305 
TYR CA  CB   sing N N 306 
TYR CA  HA   sing N N 307 
TYR C   O    doub N N 308 
TYR C   OXT  sing N N 309 
TYR CB  CG   sing N N 310 
TYR CB  HB2  sing N N 311 
TYR CB  HB3  sing N N 312 
TYR CG  CD1  doub Y N 313 
TYR CG  CD2  sing Y N 314 
TYR CD1 CE1  sing Y N 315 
TYR CD1 HD1  sing N N 316 
TYR CD2 CE2  doub Y N 317 
TYR CD2 HD2  sing N N 318 
TYR CE1 CZ   doub Y N 319 
TYR CE1 HE1  sing N N 320 
TYR CE2 CZ   sing Y N 321 
TYR CE2 HE2  sing N N 322 
TYR CZ  OH   sing N N 323 
TYR OH  HH   sing N N 324 
TYR OXT HXT  sing N N 325 
VAL N   CA   sing N N 326 
VAL N   H    sing N N 327 
VAL N   H2   sing N N 328 
VAL CA  C    sing N N 329 
VAL CA  CB   sing N N 330 
VAL CA  HA   sing N N 331 
VAL C   O    doub N N 332 
VAL C   OXT  sing N N 333 
VAL CB  CG1  sing N N 334 
VAL CB  CG2  sing N N 335 
VAL CB  HB   sing N N 336 
VAL CG1 HG11 sing N N 337 
VAL CG1 HG12 sing N N 338 
VAL CG1 HG13 sing N N 339 
VAL CG2 HG21 sing N N 340 
VAL CG2 HG22 sing N N 341 
VAL CG2 HG23 sing N N 342 
VAL OXT HXT  sing N N 343 
# 
_pdbx_entity_nonpoly.entity_id   2 
_pdbx_entity_nonpoly.name        water 
_pdbx_entity_nonpoly.comp_id     HOH 
# 
_pdbx_initial_refinement_model.id               1 
_pdbx_initial_refinement_model.entity_id_list   ? 
_pdbx_initial_refinement_model.type             'experimental model' 
_pdbx_initial_refinement_model.source_name      PDB 
_pdbx_initial_refinement_model.accession_code   4NPD 
_pdbx_initial_refinement_model.details          ? 
# 
